data_2K06
#
_entry.id   2K06
#
_entity_poly.entity_id   1
_entity_poly.type   'polypeptide(L)'
_entity_poly.pdbx_seq_one_letter_code
;MSEAPKKRWYVVQAFSGFEGRVATSLREHIKLHNMEDLFGEVMVPTEEVVEIRGGQRRKSERKFFPGYVLVQMVMNDASW
HLVRSVPRVMGFIGGTSDRPAPISDKEVDAIMNRLQQVGDKPR
;
_entity_poly.pdbx_strand_id   A
#
# COMPACT_ATOMS: atom_id res chain seq x y z
N MET A 1 8.94 -3.15 25.04
CA MET A 1 10.34 -3.24 24.54
C MET A 1 11.23 -2.26 25.31
N SER A 2 12.45 -2.62 25.57
CA SER A 2 13.36 -1.72 26.32
C SER A 2 13.46 -0.38 25.57
N GLU A 3 13.45 -0.41 24.27
CA GLU A 3 13.54 0.85 23.49
C GLU A 3 12.20 1.13 22.82
N ALA A 4 11.78 2.37 22.78
CA ALA A 4 10.48 2.70 22.12
C ALA A 4 10.50 2.22 20.68
N PRO A 5 9.45 1.50 20.26
CA PRO A 5 9.32 0.97 18.90
C PRO A 5 9.08 2.07 17.88
N LYS A 6 9.63 1.94 16.70
CA LYS A 6 9.43 2.99 15.66
C LYS A 6 8.66 2.39 14.48
N LYS A 7 7.62 3.04 14.05
CA LYS A 7 6.83 2.51 12.90
C LYS A 7 7.31 3.17 11.61
N ARG A 8 7.49 2.40 10.57
CA ARG A 8 7.96 2.99 9.28
C ARG A 8 6.94 2.67 8.18
N TRP A 9 6.86 3.49 7.17
CA TRP A 9 5.89 3.21 6.07
C TRP A 9 6.62 2.48 4.93
N TYR A 10 6.01 1.44 4.42
CA TYR A 10 6.65 0.68 3.31
C TYR A 10 5.72 0.66 2.09
N VAL A 11 6.26 0.61 0.92
CA VAL A 11 5.38 0.59 -0.30
C VAL A 11 5.23 -0.86 -0.78
N VAL A 12 4.06 -1.20 -1.25
CA VAL A 12 3.85 -2.59 -1.74
C VAL A 12 3.48 -2.58 -3.22
N GLN A 13 4.13 -3.38 -4.02
CA GLN A 13 3.83 -3.39 -5.48
C GLN A 13 2.86 -4.54 -5.78
N ALA A 14 1.78 -4.25 -6.45
CA ALA A 14 0.80 -5.32 -6.78
C ALA A 14 0.23 -5.08 -8.17
N PHE A 15 -0.39 -6.07 -8.75
CA PHE A 15 -0.97 -5.91 -10.12
C PHE A 15 -2.16 -4.95 -10.05
N SER A 16 -2.34 -4.16 -11.08
CA SER A 16 -3.48 -3.20 -11.08
C SER A 16 -4.80 -3.97 -11.12
N GLY A 17 -5.84 -3.42 -10.54
CA GLY A 17 -7.15 -4.13 -10.54
C GLY A 17 -7.25 -5.02 -9.29
N PHE A 18 -6.16 -5.56 -8.85
CA PHE A 18 -6.19 -6.43 -7.65
C PHE A 18 -5.52 -5.72 -6.47
N GLU A 19 -5.07 -4.51 -6.67
CA GLU A 19 -4.40 -3.77 -5.57
C GLU A 19 -5.32 -3.75 -4.34
N GLY A 20 -6.60 -3.57 -4.55
CA GLY A 20 -7.54 -3.55 -3.40
C GLY A 20 -7.57 -4.92 -2.73
N ARG A 21 -7.71 -5.97 -3.51
CA ARG A 21 -7.74 -7.34 -2.93
C ARG A 21 -6.41 -7.64 -2.25
N VAL A 22 -5.32 -7.22 -2.85
CA VAL A 22 -3.99 -7.48 -2.24
C VAL A 22 -3.99 -7.01 -0.79
N ALA A 23 -4.51 -5.84 -0.54
CA ALA A 23 -4.54 -5.31 0.86
C ALA A 23 -5.35 -6.26 1.74
N THR A 24 -6.47 -6.73 1.25
CA THR A 24 -7.30 -7.66 2.06
C THR A 24 -6.50 -8.92 2.39
N SER A 25 -5.73 -9.40 1.43
CA SER A 25 -4.93 -10.62 1.69
C SER A 25 -3.99 -10.39 2.87
N LEU A 26 -3.43 -9.22 2.97
CA LEU A 26 -2.50 -8.94 4.10
C LEU A 26 -3.23 -9.19 5.43
N ARG A 27 -4.43 -8.70 5.56
CA ARG A 27 -5.18 -8.91 6.83
C ARG A 27 -5.28 -10.42 7.11
N GLU A 28 -5.54 -11.21 6.10
CA GLU A 28 -5.65 -12.68 6.32
C GLU A 28 -4.28 -13.24 6.72
N HIS A 29 -3.29 -13.06 5.89
CA HIS A 29 -1.94 -13.59 6.22
C HIS A 29 -1.47 -13.00 7.55
N ILE A 30 -1.58 -11.71 7.71
CA ILE A 30 -1.14 -11.08 8.98
C ILE A 30 -1.98 -11.63 10.14
N LYS A 31 -3.28 -11.64 9.99
CA LYS A 31 -4.15 -12.16 11.08
C LYS A 31 -3.77 -13.61 11.38
N LEU A 32 -3.59 -14.41 10.37
CA LEU A 32 -3.21 -15.84 10.61
C LEU A 32 -1.84 -15.89 11.30
N HIS A 33 -0.88 -15.18 10.79
CA HIS A 33 0.47 -15.19 11.41
C HIS A 33 0.52 -14.19 12.57
N ASN A 34 -0.61 -13.61 12.90
CA ASN A 34 -0.63 -12.64 14.03
C ASN A 34 0.42 -11.55 13.78
N MET A 35 0.47 -11.02 12.58
CA MET A 35 1.47 -9.96 12.28
C MET A 35 0.81 -8.58 12.43
N GLU A 36 -0.43 -8.54 12.84
CA GLU A 36 -1.10 -7.23 13.00
C GLU A 36 -0.26 -6.31 13.89
N ASP A 37 0.41 -6.86 14.86
CA ASP A 37 1.26 -6.02 15.76
C ASP A 37 2.25 -5.22 14.90
N LEU A 38 2.80 -5.81 13.89
CA LEU A 38 3.77 -5.09 13.02
C LEU A 38 3.00 -4.09 12.14
N PHE A 39 1.97 -4.55 11.49
CA PHE A 39 1.18 -3.64 10.62
C PHE A 39 0.42 -2.63 11.47
N GLY A 40 0.51 -1.37 11.16
CA GLY A 40 -0.21 -0.34 11.97
C GLY A 40 -1.39 0.19 11.15
N GLU A 41 -1.12 0.82 10.04
CA GLU A 41 -2.24 1.37 9.21
C GLU A 41 -1.92 1.18 7.73
N VAL A 42 -2.70 0.38 7.05
CA VAL A 42 -2.44 0.15 5.59
C VAL A 42 -3.20 1.20 4.77
N MET A 43 -2.66 1.60 3.66
CA MET A 43 -3.33 2.62 2.82
C MET A 43 -3.78 1.98 1.50
N VAL A 44 -4.86 2.45 0.95
CA VAL A 44 -5.35 1.88 -0.34
C VAL A 44 -5.74 3.02 -1.29
N PRO A 45 -4.82 3.41 -2.18
CA PRO A 45 -5.06 4.49 -3.14
C PRO A 45 -6.04 4.08 -4.24
N THR A 46 -6.49 2.85 -4.22
CA THR A 46 -7.44 2.39 -5.26
C THR A 46 -8.71 1.86 -4.59
N GLU A 47 -9.82 1.90 -5.27
CA GLU A 47 -11.09 1.39 -4.67
C GLU A 47 -11.43 0.03 -5.26
N GLU A 48 -12.07 -0.82 -4.50
CA GLU A 48 -12.42 -2.17 -5.03
C GLU A 48 -13.33 -2.02 -6.25
N VAL A 49 -14.08 -0.95 -6.32
CA VAL A 49 -14.98 -0.76 -7.50
C VAL A 49 -14.60 0.54 -8.22
N VAL A 50 -15.19 0.80 -9.35
CA VAL A 50 -14.86 2.04 -10.10
C VAL A 50 -16.11 2.92 -10.19
N GLU A 51 -15.93 4.20 -10.35
CA GLU A 51 -17.10 5.12 -10.44
C GLU A 51 -17.49 5.30 -11.90
N ILE A 52 -18.76 5.41 -12.19
CA ILE A 52 -19.20 5.60 -13.60
C ILE A 52 -18.56 6.86 -14.16
N ARG A 53 -18.46 7.90 -13.38
CA ARG A 53 -17.83 9.16 -13.89
C ARG A 53 -16.41 8.87 -14.37
N GLY A 54 -15.96 9.56 -15.38
CA GLY A 54 -14.58 9.33 -15.89
C GLY A 54 -14.00 10.64 -16.40
N GLY A 55 -12.81 10.59 -16.95
CA GLY A 55 -12.19 11.85 -17.47
C GLY A 55 -13.15 12.53 -18.44
N GLN A 56 -13.21 13.83 -18.42
CA GLN A 56 -14.13 14.56 -19.34
C GLN A 56 -13.72 14.27 -20.79
N ARG A 57 -12.44 14.17 -21.04
CA ARG A 57 -11.98 13.90 -22.43
C ARG A 57 -11.04 12.70 -22.43
N ARG A 58 -11.07 11.90 -23.46
CA ARG A 58 -10.17 10.71 -23.51
C ARG A 58 -8.71 11.17 -23.49
N LYS A 59 -8.43 12.28 -24.10
CA LYS A 59 -7.02 12.79 -24.11
C LYS A 59 -6.56 13.06 -22.68
N SER A 60 -7.47 13.46 -21.83
CA SER A 60 -7.08 13.75 -20.42
C SER A 60 -6.42 12.51 -19.81
N GLU A 61 -5.62 12.69 -18.80
CA GLU A 61 -4.94 11.53 -18.16
C GLU A 61 -5.39 11.40 -16.70
N ARG A 62 -5.01 10.35 -16.05
CA ARG A 62 -5.42 10.17 -14.62
C ARG A 62 -4.19 10.31 -13.71
N LYS A 63 -4.31 11.02 -12.64
CA LYS A 63 -3.15 11.19 -11.72
C LYS A 63 -3.13 10.05 -10.69
N PHE A 64 -4.02 9.10 -10.84
CA PHE A 64 -4.05 7.96 -9.88
C PHE A 64 -2.84 7.05 -10.12
N PHE A 65 -2.31 6.47 -9.08
CA PHE A 65 -1.13 5.58 -9.26
C PHE A 65 -1.47 4.18 -8.76
N PRO A 66 -2.17 3.38 -9.58
CA PRO A 66 -2.58 2.01 -9.22
C PRO A 66 -1.38 1.07 -9.19
N GLY A 67 -1.44 0.04 -8.39
CA GLY A 67 -0.30 -0.92 -8.32
C GLY A 67 0.63 -0.52 -7.17
N TYR A 68 0.41 0.62 -6.58
CA TYR A 68 1.28 1.06 -5.46
C TYR A 68 0.45 1.19 -4.18
N VAL A 69 0.88 0.58 -3.11
CA VAL A 69 0.11 0.67 -1.84
C VAL A 69 1.06 1.06 -0.69
N LEU A 70 0.58 1.85 0.22
CA LEU A 70 1.45 2.26 1.37
C LEU A 70 0.99 1.54 2.64
N VAL A 71 1.90 0.98 3.38
CA VAL A 71 1.51 0.26 4.63
C VAL A 71 2.52 0.56 5.74
N GLN A 72 2.04 0.93 6.90
CA GLN A 72 2.97 1.24 8.02
C GLN A 72 3.27 -0.06 8.79
N MET A 73 4.52 -0.35 9.00
CA MET A 73 4.88 -1.60 9.73
C MET A 73 6.38 -1.65 9.98
N VAL A 74 6.82 -2.49 10.87
CA VAL A 74 8.29 -2.58 11.15
C VAL A 74 8.93 -3.58 10.19
N MET A 75 10.09 -3.27 9.67
CA MET A 75 10.75 -4.20 8.73
C MET A 75 11.38 -5.35 9.50
N ASN A 76 10.93 -6.55 9.27
CA ASN A 76 11.50 -7.73 9.99
C ASN A 76 11.52 -8.94 9.07
N ASP A 77 12.16 -10.00 9.48
CA ASP A 77 12.22 -11.22 8.61
C ASP A 77 10.84 -11.85 8.50
N ALA A 78 10.05 -11.76 9.54
CA ALA A 78 8.68 -12.36 9.49
C ALA A 78 7.81 -11.59 8.49
N SER A 79 7.47 -10.37 8.81
CA SER A 79 6.62 -9.56 7.90
C SER A 79 7.17 -9.67 6.46
N TRP A 80 8.39 -9.27 6.26
CA TRP A 80 8.99 -9.35 4.89
C TRP A 80 8.61 -10.69 4.24
N HIS A 81 8.96 -11.78 4.86
CA HIS A 81 8.63 -13.11 4.28
C HIS A 81 7.11 -13.22 4.10
N LEU A 82 6.36 -12.69 5.02
CA LEU A 82 4.87 -12.77 4.92
C LEU A 82 4.41 -11.99 3.68
N VAL A 83 5.02 -10.87 3.41
CA VAL A 83 4.62 -10.07 2.22
C VAL A 83 4.82 -10.91 0.95
N ARG A 84 5.95 -11.53 0.82
CA ARG A 84 6.20 -12.36 -0.40
C ARG A 84 5.14 -13.44 -0.51
N SER A 85 4.72 -14.01 0.59
CA SER A 85 3.68 -15.07 0.55
C SER A 85 2.36 -14.47 0.02
N VAL A 86 2.17 -13.20 0.21
CA VAL A 86 0.91 -12.56 -0.27
C VAL A 86 0.81 -12.71 -1.80
N PRO A 87 -0.29 -13.31 -2.28
CA PRO A 87 -0.52 -13.52 -3.71
C PRO A 87 -0.79 -12.20 -4.45
N ARG A 88 -0.53 -12.17 -5.73
CA ARG A 88 -0.76 -10.92 -6.51
C ARG A 88 0.13 -9.80 -5.95
N VAL A 89 1.38 -10.09 -5.72
CA VAL A 89 2.30 -9.05 -5.18
C VAL A 89 3.60 -9.04 -5.98
N MET A 90 3.91 -7.95 -6.62
CA MET A 90 5.16 -7.87 -7.42
C MET A 90 6.37 -7.90 -6.48
N GLY A 91 6.30 -7.16 -5.40
CA GLY A 91 7.44 -7.15 -4.45
C GLY A 91 7.40 -5.86 -3.62
N PHE A 92 8.53 -5.41 -3.16
CA PHE A 92 8.55 -4.15 -2.34
C PHE A 92 9.22 -3.03 -3.15
N ILE A 93 8.99 -1.81 -2.76
CA ILE A 93 9.61 -0.67 -3.50
C ILE A 93 10.59 0.06 -2.59
N GLY A 94 11.86 0.06 -2.92
CA GLY A 94 12.86 0.76 -2.07
C GLY A 94 14.22 0.75 -2.76
N GLY A 95 15.28 0.71 -2.00
CA GLY A 95 16.64 0.70 -2.62
C GLY A 95 16.88 -0.64 -3.32
N THR A 96 16.38 -1.70 -2.76
CA THR A 96 16.59 -3.04 -3.39
C THR A 96 15.30 -3.85 -3.32
N SER A 97 15.28 -5.02 -3.91
CA SER A 97 14.05 -5.86 -3.88
C SER A 97 14.13 -6.82 -2.69
N ASP A 98 14.97 -6.52 -1.74
CA ASP A 98 15.10 -7.41 -0.56
C ASP A 98 15.03 -6.56 0.72
N ARG A 99 14.88 -5.28 0.59
CA ARG A 99 14.80 -4.40 1.79
C ARG A 99 14.35 -3.01 1.35
N PRO A 100 13.04 -2.73 1.46
CA PRO A 100 12.46 -1.44 1.08
C PRO A 100 12.92 -0.30 1.99
N ALA A 101 13.63 0.66 1.46
CA ALA A 101 14.10 1.80 2.29
C ALA A 101 12.89 2.52 2.89
N PRO A 102 12.97 2.85 4.18
CA PRO A 102 11.88 3.56 4.88
C PRO A 102 11.74 5.01 4.41
N ILE A 103 10.56 5.56 4.52
CA ILE A 103 10.36 6.97 4.08
C ILE A 103 9.73 7.77 5.21
N SER A 104 9.89 9.07 5.19
CA SER A 104 9.31 9.91 6.28
C SER A 104 7.79 9.78 6.27
N ASP A 105 7.16 9.86 7.41
CA ASP A 105 5.68 9.75 7.45
C ASP A 105 5.06 10.85 6.59
N LYS A 106 5.61 12.03 6.63
CA LYS A 106 5.05 13.15 5.82
C LYS A 106 5.08 12.76 4.34
N GLU A 107 6.13 12.11 3.90
CA GLU A 107 6.22 11.71 2.47
C GLU A 107 5.05 10.79 2.12
N VAL A 108 4.72 9.88 2.99
CA VAL A 108 3.58 8.96 2.72
C VAL A 108 2.29 9.76 2.56
N ASP A 109 2.14 10.82 3.32
CA ASP A 109 0.90 11.64 3.22
C ASP A 109 0.87 12.34 1.85
N ALA A 110 2.01 12.70 1.34
CA ALA A 110 2.04 13.39 0.02
C ALA A 110 1.54 12.43 -1.06
N ILE A 111 1.96 11.19 -1.01
CA ILE A 111 1.50 10.20 -2.04
C ILE A 111 -0.03 10.14 -2.04
N MET A 112 -0.62 9.94 -0.89
CA MET A 112 -2.11 9.87 -0.82
C MET A 112 -2.70 11.23 -1.21
N ASN A 113 -2.03 12.30 -0.87
CA ASN A 113 -2.57 13.65 -1.22
C ASN A 113 -2.75 13.74 -2.73
N ARG A 114 -1.85 13.17 -3.49
CA ARG A 114 -1.99 13.24 -4.98
C ARG A 114 -3.28 12.55 -5.41
N LEU A 115 -3.62 11.45 -4.79
CA LEU A 115 -4.86 10.73 -5.16
C LEU A 115 -6.07 11.65 -4.93
N GLN A 116 -6.05 12.40 -3.86
CA GLN A 116 -7.19 13.32 -3.58
C GLN A 116 -7.23 14.44 -4.63
N GLN A 117 -6.08 14.83 -5.12
CA GLN A 117 -6.05 15.92 -6.14
C GLN A 117 -6.92 15.53 -7.33
N VAL A 118 -7.67 16.45 -7.86
CA VAL A 118 -8.54 16.13 -9.02
C VAL A 118 -8.37 17.20 -10.11
N GLY A 119 -8.74 16.90 -11.31
CA GLY A 119 -8.59 17.90 -12.42
C GLY A 119 -9.87 18.74 -12.51
N ASP A 120 -10.23 19.41 -11.45
CA ASP A 120 -11.46 20.25 -11.48
C ASP A 120 -11.37 21.25 -12.64
N LYS A 121 -10.19 21.74 -12.93
CA LYS A 121 -10.04 22.70 -14.05
C LYS A 121 -9.06 22.15 -15.07
N PRO A 122 -9.55 21.27 -15.97
CA PRO A 122 -8.72 20.65 -17.00
C PRO A 122 -8.31 21.67 -18.08
N ARG A 123 -7.12 21.53 -18.62
CA ARG A 123 -6.67 22.49 -19.66
C ARG A 123 -6.06 21.70 -20.84
N MET A 1 9.06 16.01 18.64
CA MET A 1 10.11 16.67 17.81
C MET A 1 10.89 15.60 17.02
N SER A 2 10.67 14.35 17.31
CA SER A 2 11.39 13.28 16.58
C SER A 2 10.38 12.26 16.03
N GLU A 3 10.74 11.56 14.99
CA GLU A 3 9.80 10.56 14.41
C GLU A 3 10.19 9.16 14.90
N ALA A 4 9.24 8.37 15.28
CA ALA A 4 9.56 6.99 15.76
C ALA A 4 9.94 6.11 14.57
N PRO A 5 11.09 5.43 14.66
CA PRO A 5 11.57 4.54 13.59
C PRO A 5 10.72 3.28 13.46
N LYS A 6 9.85 3.04 14.41
CA LYS A 6 8.99 1.82 14.34
C LYS A 6 7.68 2.17 13.62
N LYS A 7 7.02 1.18 13.07
CA LYS A 7 5.74 1.45 12.36
C LYS A 7 6.02 2.38 11.18
N ARG A 8 7.03 2.11 10.40
CA ARG A 8 7.34 2.97 9.23
C ARG A 8 6.42 2.61 8.07
N TRP A 9 6.08 3.56 7.24
CA TRP A 9 5.19 3.26 6.09
C TRP A 9 5.99 2.59 4.97
N TYR A 10 5.46 1.56 4.37
CA TYR A 10 6.20 0.87 3.29
C TYR A 10 5.26 0.65 2.10
N VAL A 11 5.74 0.84 0.90
CA VAL A 11 4.87 0.65 -0.29
C VAL A 11 4.85 -0.83 -0.67
N VAL A 12 3.75 -1.29 -1.21
CA VAL A 12 3.66 -2.72 -1.60
C VAL A 12 3.20 -2.82 -3.06
N GLN A 13 3.96 -3.47 -3.90
CA GLN A 13 3.55 -3.61 -5.33
C GLN A 13 2.50 -4.70 -5.46
N ALA A 14 1.57 -4.54 -6.36
CA ALA A 14 0.51 -5.57 -6.54
C ALA A 14 -0.08 -5.45 -7.94
N PHE A 15 -0.67 -6.51 -8.44
CA PHE A 15 -1.26 -6.44 -9.81
C PHE A 15 -2.42 -5.44 -9.83
N SER A 16 -2.58 -4.71 -10.89
CA SER A 16 -3.68 -3.71 -10.96
C SER A 16 -5.02 -4.45 -11.01
N GLY A 17 -6.07 -3.84 -10.51
CA GLY A 17 -7.39 -4.51 -10.53
C GLY A 17 -7.57 -5.31 -9.24
N PHE A 18 -6.52 -5.87 -8.73
CA PHE A 18 -6.63 -6.68 -7.47
C PHE A 18 -5.90 -5.95 -6.34
N GLU A 19 -5.48 -4.74 -6.57
CA GLU A 19 -4.76 -3.98 -5.50
C GLU A 19 -5.61 -3.97 -4.23
N GLY A 20 -6.90 -3.77 -4.37
CA GLY A 20 -7.78 -3.75 -3.17
C GLY A 20 -7.81 -5.14 -2.53
N ARG A 21 -7.96 -6.16 -3.33
CA ARG A 21 -8.00 -7.55 -2.76
C ARG A 21 -6.68 -7.85 -2.07
N VAL A 22 -5.59 -7.36 -2.60
CA VAL A 22 -4.26 -7.63 -1.96
C VAL A 22 -4.30 -7.16 -0.51
N ALA A 23 -4.94 -6.06 -0.24
CA ALA A 23 -5.00 -5.56 1.16
C ALA A 23 -5.80 -6.54 2.02
N THR A 24 -6.83 -7.12 1.47
CA THR A 24 -7.65 -8.09 2.25
C THR A 24 -6.88 -9.40 2.42
N SER A 25 -6.21 -9.84 1.38
CA SER A 25 -5.44 -11.11 1.47
C SER A 25 -4.31 -10.94 2.49
N LEU A 26 -3.75 -9.76 2.59
CA LEU A 26 -2.64 -9.55 3.56
C LEU A 26 -3.16 -9.76 4.98
N ARG A 27 -4.26 -9.14 5.32
CA ARG A 27 -4.82 -9.31 6.70
C ARG A 27 -4.75 -10.77 7.11
N GLU A 28 -5.25 -11.66 6.28
CA GLU A 28 -5.22 -13.10 6.62
C GLU A 28 -3.79 -13.50 7.01
N HIS A 29 -2.83 -13.14 6.20
CA HIS A 29 -1.42 -13.51 6.51
C HIS A 29 -1.04 -12.95 7.88
N ILE A 30 -1.68 -11.88 8.30
CA ILE A 30 -1.36 -11.29 9.62
C ILE A 30 -1.89 -12.20 10.73
N LYS A 31 -3.13 -12.57 10.67
CA LYS A 31 -3.70 -13.46 11.73
C LYS A 31 -3.05 -14.83 11.64
N LEU A 32 -2.82 -15.32 10.44
CA LEU A 32 -2.19 -16.66 10.30
C LEU A 32 -0.84 -16.66 11.00
N HIS A 33 0.05 -15.78 10.64
CA HIS A 33 1.39 -15.73 11.29
C HIS A 33 1.33 -14.81 12.51
N ASN A 34 0.17 -14.31 12.84
CA ASN A 34 0.06 -13.40 14.02
C ASN A 34 1.03 -12.22 13.85
N MET A 35 1.03 -11.60 12.71
CA MET A 35 1.96 -10.46 12.49
C MET A 35 1.20 -9.14 12.70
N GLU A 36 0.05 -9.21 13.31
CA GLU A 36 -0.73 -7.97 13.55
C GLU A 36 0.12 -6.95 14.31
N ASP A 37 1.04 -7.43 15.10
CA ASP A 37 1.92 -6.49 15.86
C ASP A 37 2.83 -5.72 14.90
N LEU A 38 3.31 -6.40 13.88
CA LEU A 38 4.21 -5.70 12.90
C LEU A 38 3.37 -4.75 12.04
N PHE A 39 2.32 -5.25 11.44
CA PHE A 39 1.47 -4.36 10.59
C PHE A 39 0.72 -3.37 11.47
N GLY A 40 0.71 -2.12 11.11
CA GLY A 40 0.00 -1.10 11.92
C GLY A 40 -1.30 -0.68 11.22
N GLU A 41 -1.19 -0.08 10.07
CA GLU A 41 -2.40 0.36 9.34
C GLU A 41 -2.16 0.25 7.83
N VAL A 42 -3.19 0.06 7.06
CA VAL A 42 -3.02 -0.05 5.59
C VAL A 42 -3.71 1.14 4.90
N MET A 43 -3.19 1.56 3.77
CA MET A 43 -3.82 2.71 3.06
C MET A 43 -4.00 2.37 1.59
N VAL A 44 -5.10 2.76 1.01
CA VAL A 44 -5.34 2.44 -0.43
C VAL A 44 -5.78 3.72 -1.15
N PRO A 45 -4.82 4.62 -1.45
CA PRO A 45 -5.08 5.88 -2.14
C PRO A 45 -5.45 5.65 -3.61
N THR A 46 -6.48 4.89 -3.87
CA THR A 46 -6.88 4.64 -5.28
C THR A 46 -8.38 4.91 -5.44
N GLU A 47 -8.81 5.26 -6.63
CA GLU A 47 -10.26 5.53 -6.84
C GLU A 47 -11.07 4.27 -6.56
N GLU A 48 -10.43 3.14 -6.58
CA GLU A 48 -11.17 1.86 -6.31
C GLU A 48 -12.02 2.03 -5.04
N VAL A 49 -11.53 2.78 -4.08
CA VAL A 49 -12.32 2.97 -2.84
C VAL A 49 -12.45 4.47 -2.55
N VAL A 50 -13.62 4.91 -2.17
CA VAL A 50 -13.82 6.35 -1.89
C VAL A 50 -14.67 6.52 -0.62
N GLU A 51 -14.65 7.67 -0.02
CA GLU A 51 -15.46 7.89 1.21
C GLU A 51 -16.87 7.35 0.99
N ILE A 52 -17.54 7.84 -0.03
CA ILE A 52 -18.93 7.36 -0.30
C ILE A 52 -19.02 6.88 -1.75
N ARG A 53 -18.98 5.60 -1.97
CA ARG A 53 -19.06 5.07 -3.36
C ARG A 53 -20.38 5.52 -4.00
N GLY A 54 -20.36 5.78 -5.28
CA GLY A 54 -21.62 6.23 -5.95
C GLY A 54 -22.64 5.10 -5.94
N GLY A 55 -22.18 3.87 -5.96
CA GLY A 55 -23.13 2.72 -5.95
C GLY A 55 -22.98 1.93 -7.25
N GLN A 56 -23.83 2.18 -8.20
CA GLN A 56 -23.74 1.44 -9.49
C GLN A 56 -22.36 1.65 -10.11
N ARG A 57 -21.77 2.80 -9.89
CA ARG A 57 -20.43 3.08 -10.47
C ARG A 57 -20.49 2.99 -11.99
N ARG A 58 -21.55 3.49 -12.58
CA ARG A 58 -21.67 3.44 -14.06
C ARG A 58 -20.49 4.16 -14.70
N LYS A 59 -19.99 5.19 -14.06
CA LYS A 59 -18.84 5.94 -14.62
C LYS A 59 -17.55 5.13 -14.42
N SER A 60 -16.75 5.00 -15.44
CA SER A 60 -15.49 4.22 -15.31
C SER A 60 -14.63 4.83 -14.20
N GLU A 61 -13.79 4.05 -13.58
CA GLU A 61 -12.92 4.59 -12.50
C GLU A 61 -11.45 4.35 -12.85
N ARG A 62 -10.57 5.21 -12.40
CA ARG A 62 -9.13 5.02 -12.71
C ARG A 62 -8.32 5.06 -11.41
N LYS A 63 -7.26 4.30 -11.33
CA LYS A 63 -6.44 4.31 -10.08
C LYS A 63 -5.18 5.14 -10.30
N PHE A 64 -5.02 6.19 -9.56
CA PHE A 64 -3.80 7.04 -9.72
C PHE A 64 -2.55 6.19 -9.47
N PHE A 65 -2.56 5.40 -8.43
CA PHE A 65 -1.37 4.55 -8.13
C PHE A 65 -1.76 3.07 -8.28
N PRO A 66 -1.73 2.56 -9.51
CA PRO A 66 -2.07 1.16 -9.80
C PRO A 66 -1.03 0.19 -9.23
N GLY A 67 -1.41 -0.63 -8.29
CA GLY A 67 -0.44 -1.59 -7.71
C GLY A 67 0.43 -0.87 -6.68
N TYR A 68 -0.01 0.25 -6.20
CA TYR A 68 0.80 1.00 -5.19
C TYR A 68 0.01 1.11 -3.89
N VAL A 69 0.42 0.41 -2.87
CA VAL A 69 -0.32 0.47 -1.57
C VAL A 69 0.69 0.56 -0.41
N LEU A 70 0.47 1.44 0.52
CA LEU A 70 1.40 1.57 1.66
C LEU A 70 0.80 0.87 2.89
N VAL A 71 1.63 0.30 3.72
CA VAL A 71 1.09 -0.40 4.92
C VAL A 71 2.08 -0.22 6.09
N GLN A 72 1.66 0.47 7.12
CA GLN A 72 2.57 0.68 8.28
C GLN A 72 3.06 -0.68 8.79
N MET A 73 4.34 -0.86 8.87
CA MET A 73 4.87 -2.18 9.35
C MET A 73 6.40 -2.12 9.41
N VAL A 74 6.99 -2.93 10.24
CA VAL A 74 8.48 -2.93 10.34
C VAL A 74 9.06 -3.96 9.37
N MET A 75 10.15 -3.64 8.73
CA MET A 75 10.75 -4.59 7.76
C MET A 75 11.65 -5.58 8.52
N ASN A 76 11.24 -6.82 8.61
CA ASN A 76 12.06 -7.82 9.33
C ASN A 76 12.06 -9.14 8.55
N ASP A 77 12.83 -10.10 8.98
CA ASP A 77 12.88 -11.40 8.25
C ASP A 77 11.51 -12.08 8.35
N ALA A 78 10.75 -11.78 9.36
CA ALA A 78 9.41 -12.42 9.50
C ALA A 78 8.41 -11.72 8.56
N SER A 79 8.06 -10.51 8.86
CA SER A 79 7.09 -9.77 7.99
C SER A 79 7.60 -9.78 6.54
N TRP A 80 8.86 -9.48 6.34
CA TRP A 80 9.41 -9.46 4.96
C TRP A 80 9.06 -10.77 4.25
N HIS A 81 9.41 -11.88 4.84
CA HIS A 81 9.10 -13.20 4.20
C HIS A 81 7.58 -13.34 4.05
N LEU A 82 6.82 -12.90 5.02
CA LEU A 82 5.35 -13.03 4.93
C LEU A 82 4.83 -12.19 3.76
N VAL A 83 5.36 -11.01 3.59
CA VAL A 83 4.92 -10.14 2.46
C VAL A 83 5.08 -10.89 1.14
N ARG A 84 6.18 -11.56 0.95
CA ARG A 84 6.40 -12.30 -0.32
C ARG A 84 5.32 -13.39 -0.46
N SER A 85 4.92 -14.00 0.63
CA SER A 85 3.89 -15.05 0.56
C SER A 85 2.56 -14.44 0.14
N VAL A 86 2.34 -13.18 0.44
CA VAL A 86 1.07 -12.53 0.05
C VAL A 86 0.86 -12.67 -1.46
N PRO A 87 -0.29 -13.23 -1.86
CA PRO A 87 -0.62 -13.44 -3.28
C PRO A 87 -0.89 -12.11 -4.00
N ARG A 88 -0.72 -12.07 -5.28
CA ARG A 88 -0.96 -10.81 -6.04
C ARG A 88 0.00 -9.72 -5.55
N VAL A 89 1.25 -10.06 -5.38
CA VAL A 89 2.24 -9.05 -4.91
C VAL A 89 3.46 -9.06 -5.84
N MET A 90 3.69 -7.99 -6.53
CA MET A 90 4.86 -7.93 -7.46
C MET A 90 6.16 -7.93 -6.64
N GLY A 91 6.18 -7.22 -5.54
CA GLY A 91 7.41 -7.18 -4.71
C GLY A 91 7.33 -6.00 -3.75
N PHE A 92 8.46 -5.55 -3.26
CA PHE A 92 8.45 -4.39 -2.31
C PHE A 92 9.12 -3.18 -2.97
N ILE A 93 8.97 -2.02 -2.39
CA ILE A 93 9.60 -0.81 -2.99
C ILE A 93 10.61 -0.23 -2.00
N GLY A 94 11.76 0.18 -2.46
CA GLY A 94 12.77 0.77 -1.53
C GLY A 94 14.15 0.73 -2.19
N GLY A 95 15.18 0.55 -1.41
CA GLY A 95 16.54 0.51 -1.99
C GLY A 95 16.79 -0.86 -2.63
N THR A 96 16.41 -1.92 -1.95
CA THR A 96 16.63 -3.27 -2.51
C THR A 96 15.32 -4.05 -2.49
N SER A 97 15.30 -5.22 -3.08
CA SER A 97 14.05 -6.03 -3.09
C SER A 97 14.01 -6.92 -1.85
N ASP A 98 14.80 -6.59 -0.87
CA ASP A 98 14.82 -7.41 0.38
C ASP A 98 14.68 -6.48 1.59
N ARG A 99 15.22 -5.28 1.49
CA ARG A 99 15.12 -4.33 2.62
C ARG A 99 14.68 -2.97 2.07
N PRO A 100 13.36 -2.75 2.00
CA PRO A 100 12.78 -1.50 1.48
C PRO A 100 13.07 -0.32 2.40
N ALA A 101 13.59 0.75 1.87
CA ALA A 101 13.89 1.95 2.70
C ALA A 101 12.59 2.62 3.11
N PRO A 102 12.49 3.03 4.39
CA PRO A 102 11.28 3.69 4.91
C PRO A 102 11.11 5.10 4.34
N ILE A 103 9.90 5.58 4.27
CA ILE A 103 9.67 6.95 3.71
C ILE A 103 9.18 7.87 4.83
N SER A 104 9.41 9.15 4.69
CA SER A 104 8.96 10.11 5.75
C SER A 104 7.43 10.10 5.82
N ASP A 105 6.89 10.28 7.00
CA ASP A 105 5.41 10.29 7.14
C ASP A 105 4.82 11.38 6.24
N LYS A 106 5.44 12.53 6.20
CA LYS A 106 4.92 13.63 5.34
C LYS A 106 4.82 13.16 3.89
N GLU A 107 5.83 12.47 3.42
CA GLU A 107 5.80 11.98 2.01
C GLU A 107 4.49 11.21 1.77
N VAL A 108 4.09 10.38 2.70
CA VAL A 108 2.83 9.61 2.51
C VAL A 108 1.67 10.59 2.31
N ASP A 109 1.67 11.69 3.00
CA ASP A 109 0.57 12.68 2.83
C ASP A 109 0.66 13.31 1.45
N ALA A 110 1.85 13.46 0.93
CA ALA A 110 2.01 14.06 -0.42
C ALA A 110 1.32 13.19 -1.46
N ILE A 111 1.47 11.89 -1.35
CA ILE A 111 0.82 10.98 -2.34
C ILE A 111 -0.67 11.31 -2.43
N MET A 112 -1.35 11.32 -1.32
CA MET A 112 -2.81 11.63 -1.34
C MET A 112 -3.01 13.05 -1.85
N ASN A 113 -2.14 13.95 -1.51
CA ASN A 113 -2.29 15.36 -1.98
C ASN A 113 -2.23 15.39 -3.50
N ARG A 114 -1.41 14.57 -4.10
CA ARG A 114 -1.31 14.54 -5.59
C ARG A 114 -2.71 14.31 -6.18
N LEU A 115 -3.48 13.43 -5.59
CA LEU A 115 -4.84 13.15 -6.12
C LEU A 115 -5.61 14.46 -6.23
N GLN A 116 -5.48 15.33 -5.25
CA GLN A 116 -6.22 16.62 -5.30
C GLN A 116 -5.69 17.45 -6.47
N GLN A 117 -4.44 17.31 -6.81
CA GLN A 117 -3.89 18.10 -7.95
C GLN A 117 -4.56 17.67 -9.25
N VAL A 118 -4.91 18.60 -10.08
CA VAL A 118 -5.57 18.24 -11.37
C VAL A 118 -4.72 18.73 -12.54
N GLY A 119 -4.61 17.95 -13.58
CA GLY A 119 -3.79 18.37 -14.75
C GLY A 119 -4.28 19.75 -15.23
N ASP A 120 -5.56 20.00 -15.16
CA ASP A 120 -6.08 21.31 -15.61
C ASP A 120 -7.24 21.75 -14.71
N LYS A 121 -6.94 22.44 -13.64
CA LYS A 121 -8.02 22.88 -12.72
C LYS A 121 -7.56 24.12 -11.94
N PRO A 122 -8.10 25.29 -12.31
CA PRO A 122 -7.76 26.56 -11.66
C PRO A 122 -8.30 26.64 -10.23
N ARG A 123 -9.25 25.81 -9.91
CA ARG A 123 -9.83 25.82 -8.53
C ARG A 123 -9.81 24.41 -7.95
N MET A 1 16.06 1.98 22.66
CA MET A 1 15.36 1.29 21.55
C MET A 1 14.31 0.34 22.12
N SER A 2 14.68 -0.45 23.09
CA SER A 2 13.69 -1.40 23.69
C SER A 2 12.61 -0.61 24.43
N GLU A 3 12.84 0.65 24.68
CA GLU A 3 11.81 1.46 25.39
C GLU A 3 10.46 1.32 24.70
N ALA A 4 10.46 1.24 23.40
CA ALA A 4 9.17 1.09 22.67
C ALA A 4 9.45 0.76 21.20
N PRO A 5 8.54 -0.01 20.57
CA PRO A 5 8.68 -0.40 19.17
C PRO A 5 8.50 0.78 18.21
N LYS A 6 9.17 0.77 17.10
CA LYS A 6 9.04 1.90 16.13
C LYS A 6 8.21 1.44 14.93
N LYS A 7 7.35 2.27 14.44
CA LYS A 7 6.52 1.88 13.26
C LYS A 7 6.90 2.74 12.05
N ARG A 8 7.00 2.14 10.91
CA ARG A 8 7.37 2.93 9.69
C ARG A 8 6.36 2.65 8.57
N TRP A 9 6.23 3.55 7.64
CA TRP A 9 5.26 3.33 6.53
C TRP A 9 5.96 2.65 5.36
N TYR A 10 5.40 1.57 4.87
CA TYR A 10 6.03 0.85 3.74
C TYR A 10 5.06 0.80 2.56
N VAL A 11 5.55 0.78 1.35
CA VAL A 11 4.65 0.73 0.17
C VAL A 11 4.62 -0.71 -0.38
N VAL A 12 3.46 -1.20 -0.72
CA VAL A 12 3.35 -2.58 -1.25
C VAL A 12 2.92 -2.53 -2.72
N GLN A 13 3.66 -3.16 -3.59
CA GLN A 13 3.28 -3.14 -5.03
C GLN A 13 2.38 -4.34 -5.33
N ALA A 14 1.27 -4.11 -5.99
CA ALA A 14 0.35 -5.22 -6.31
C ALA A 14 -0.26 -5.01 -7.70
N PHE A 15 -0.66 -6.06 -8.36
CA PHE A 15 -1.26 -5.91 -9.71
C PHE A 15 -2.44 -4.93 -9.64
N SER A 16 -2.70 -4.22 -10.71
CA SER A 16 -3.82 -3.25 -10.70
C SER A 16 -5.14 -4.01 -10.63
N GLY A 17 -6.14 -3.44 -9.99
CA GLY A 17 -7.46 -4.13 -9.89
C GLY A 17 -7.47 -4.99 -8.62
N PHE A 18 -6.35 -5.55 -8.25
CA PHE A 18 -6.31 -6.40 -7.04
C PHE A 18 -5.53 -5.68 -5.93
N GLU A 19 -5.17 -4.45 -6.16
CA GLU A 19 -4.40 -3.69 -5.13
C GLU A 19 -5.18 -3.69 -3.81
N GLY A 20 -6.48 -3.55 -3.88
CA GLY A 20 -7.31 -3.54 -2.64
C GLY A 20 -7.42 -4.97 -2.10
N ARG A 21 -7.88 -5.89 -2.91
CA ARG A 21 -8.02 -7.29 -2.45
C ARG A 21 -6.66 -7.81 -1.96
N VAL A 22 -5.61 -7.46 -2.65
CA VAL A 22 -4.25 -7.93 -2.23
C VAL A 22 -4.03 -7.58 -0.76
N ALA A 23 -4.45 -6.42 -0.34
CA ALA A 23 -4.26 -6.03 1.09
C ALA A 23 -5.06 -6.96 1.98
N THR A 24 -6.26 -7.31 1.58
CA THR A 24 -7.08 -8.22 2.41
C THR A 24 -6.40 -9.59 2.51
N SER A 25 -5.89 -10.08 1.41
CA SER A 25 -5.22 -11.41 1.43
C SER A 25 -4.05 -11.37 2.43
N LEU A 26 -3.31 -10.30 2.45
CA LEU A 26 -2.17 -10.21 3.40
C LEU A 26 -2.69 -10.33 4.83
N ARG A 27 -3.81 -9.75 5.11
CA ARG A 27 -4.38 -9.83 6.49
C ARG A 27 -4.59 -11.31 6.85
N GLU A 28 -4.78 -12.14 5.87
CA GLU A 28 -5.00 -13.59 6.17
C GLU A 28 -3.70 -14.19 6.71
N HIS A 29 -2.60 -13.93 6.05
CA HIS A 29 -1.31 -14.49 6.53
C HIS A 29 -0.93 -13.83 7.86
N ILE A 30 -1.09 -12.54 7.96
CA ILE A 30 -0.74 -11.84 9.23
C ILE A 30 -1.54 -12.44 10.37
N LYS A 31 -2.83 -12.56 10.22
CA LYS A 31 -3.67 -13.13 11.31
C LYS A 31 -3.22 -14.57 11.60
N LEU A 32 -2.93 -15.33 10.58
CA LEU A 32 -2.49 -16.73 10.80
C LEU A 32 -1.10 -16.73 11.45
N HIS A 33 -0.16 -16.01 10.87
CA HIS A 33 1.20 -15.97 11.44
C HIS A 33 1.22 -15.04 12.66
N ASN A 34 0.14 -14.36 12.92
CA ASN A 34 0.10 -13.45 14.10
C ASN A 34 1.08 -12.29 13.88
N MET A 35 1.12 -11.75 12.69
CA MET A 35 2.06 -10.62 12.42
C MET A 35 1.34 -9.28 12.69
N GLU A 36 0.14 -9.33 13.18
CA GLU A 36 -0.60 -8.07 13.46
C GLU A 36 0.31 -7.11 14.24
N ASP A 37 1.10 -7.64 15.15
CA ASP A 37 2.00 -6.76 15.94
C ASP A 37 2.84 -5.90 14.99
N LEU A 38 3.36 -6.49 13.95
CA LEU A 38 4.17 -5.70 12.99
C LEU A 38 3.27 -4.79 12.17
N PHE A 39 2.25 -5.33 11.57
CA PHE A 39 1.32 -4.49 10.77
C PHE A 39 0.49 -3.60 11.69
N GLY A 40 0.45 -2.32 11.43
CA GLY A 40 -0.34 -1.42 12.31
C GLY A 40 -1.58 -0.94 11.56
N GLU A 41 -1.42 -0.14 10.55
CA GLU A 41 -2.60 0.36 9.79
C GLU A 41 -2.28 0.37 8.29
N VAL A 42 -3.25 0.12 7.46
CA VAL A 42 -3.00 0.13 6.00
C VAL A 42 -3.76 1.29 5.35
N MET A 43 -3.30 1.78 4.24
CA MET A 43 -4.00 2.91 3.57
C MET A 43 -4.05 2.66 2.06
N VAL A 44 -5.11 3.05 1.42
CA VAL A 44 -5.22 2.84 -0.05
C VAL A 44 -5.64 4.15 -0.73
N PRO A 45 -4.65 4.86 -1.31
CA PRO A 45 -4.91 6.13 -2.00
C PRO A 45 -5.68 5.94 -3.30
N THR A 46 -5.71 4.73 -3.81
CA THR A 46 -6.45 4.49 -5.08
C THR A 46 -7.95 4.74 -4.87
N GLU A 47 -8.37 4.85 -3.64
CA GLU A 47 -9.82 5.09 -3.36
C GLU A 47 -10.03 6.57 -3.04
N GLU A 48 -10.98 7.19 -3.67
CA GLU A 48 -11.25 8.64 -3.40
C GLU A 48 -11.73 8.81 -1.96
N VAL A 49 -12.70 8.02 -1.56
CA VAL A 49 -13.22 8.14 -0.17
C VAL A 49 -13.25 6.75 0.48
N VAL A 50 -13.25 6.69 1.78
CA VAL A 50 -13.28 5.38 2.47
C VAL A 50 -14.35 4.49 1.82
N GLU A 51 -15.45 5.06 1.43
CA GLU A 51 -16.53 4.25 0.80
C GLU A 51 -16.61 4.58 -0.71
N ILE A 52 -17.02 3.63 -1.50
CA ILE A 52 -17.12 3.89 -2.97
C ILE A 52 -18.57 3.66 -3.42
N ARG A 53 -19.35 4.71 -3.52
CA ARG A 53 -20.76 4.54 -3.96
C ARG A 53 -20.79 3.92 -5.35
N GLY A 54 -21.79 3.12 -5.63
CA GLY A 54 -21.87 2.48 -6.98
C GLY A 54 -21.87 3.56 -8.06
N GLY A 55 -22.57 4.64 -7.83
CA GLY A 55 -22.60 5.73 -8.84
C GLY A 55 -22.86 5.13 -10.23
N GLN A 56 -21.87 5.17 -11.08
CA GLN A 56 -22.07 4.60 -12.45
C GLN A 56 -21.24 3.32 -12.59
N ARG A 57 -21.64 2.44 -13.46
CA ARG A 57 -20.88 1.17 -13.64
C ARG A 57 -19.39 1.49 -13.84
N ARG A 58 -19.11 2.57 -14.52
CA ARG A 58 -17.67 2.95 -14.74
C ARG A 58 -17.45 4.40 -14.32
N LYS A 59 -16.42 4.65 -13.56
CA LYS A 59 -16.14 6.05 -13.12
C LYS A 59 -15.04 6.65 -13.99
N SER A 60 -15.22 7.86 -14.44
CA SER A 60 -14.18 8.50 -15.29
C SER A 60 -12.89 8.66 -14.50
N GLU A 61 -12.98 8.69 -13.20
CA GLU A 61 -11.76 8.83 -12.37
C GLU A 61 -10.73 7.77 -12.77
N ARG A 62 -9.47 8.09 -12.67
CA ARG A 62 -8.42 7.11 -13.05
C ARG A 62 -7.39 7.00 -11.93
N LYS A 63 -6.77 5.86 -11.78
CA LYS A 63 -5.75 5.71 -10.71
C LYS A 63 -4.37 6.12 -11.23
N PHE A 64 -3.82 7.18 -10.71
CA PHE A 64 -2.49 7.64 -11.18
C PHE A 64 -1.43 6.57 -10.87
N PHE A 65 -1.52 5.96 -9.72
CA PHE A 65 -0.53 4.91 -9.35
C PHE A 65 -1.26 3.65 -8.87
N PRO A 66 -1.84 2.90 -9.82
CA PRO A 66 -2.57 1.67 -9.50
C PRO A 66 -1.65 0.55 -9.02
N GLY A 67 -2.10 -0.26 -8.10
CA GLY A 67 -1.24 -1.35 -7.59
C GLY A 67 -0.31 -0.82 -6.50
N TYR A 68 -0.65 0.30 -5.92
CA TYR A 68 0.21 0.88 -4.85
C TYR A 68 -0.58 0.96 -3.55
N VAL A 69 -0.08 0.37 -2.49
CA VAL A 69 -0.80 0.42 -1.20
C VAL A 69 0.17 0.81 -0.08
N LEU A 70 -0.30 1.52 0.91
CA LEU A 70 0.59 1.93 2.03
C LEU A 70 0.25 1.12 3.27
N VAL A 71 1.23 0.53 3.90
CA VAL A 71 0.96 -0.27 5.12
C VAL A 71 2.01 0.04 6.19
N GLN A 72 1.58 0.43 7.36
CA GLN A 72 2.55 0.75 8.44
C GLN A 72 3.01 -0.55 9.11
N MET A 73 4.29 -0.77 9.22
CA MET A 73 4.79 -2.01 9.85
C MET A 73 6.31 -1.94 10.00
N VAL A 74 6.88 -2.81 10.80
CA VAL A 74 8.35 -2.80 10.98
C VAL A 74 9.00 -3.69 9.91
N MET A 75 10.14 -3.30 9.42
CA MET A 75 10.82 -4.12 8.37
C MET A 75 11.61 -5.25 9.05
N ASN A 76 11.21 -6.47 8.83
CA ASN A 76 11.93 -7.61 9.46
C ASN A 76 11.98 -8.78 8.46
N ASP A 77 12.77 -9.78 8.75
CA ASP A 77 12.85 -10.95 7.82
C ASP A 77 11.54 -11.72 7.85
N ALA A 78 10.84 -11.70 8.95
CA ALA A 78 9.55 -12.43 9.04
C ALA A 78 8.50 -11.73 8.17
N SER A 79 8.04 -10.58 8.59
CA SER A 79 7.02 -9.85 7.79
C SER A 79 7.47 -9.77 6.33
N TRP A 80 8.68 -9.37 6.10
CA TRP A 80 9.17 -9.27 4.69
C TRP A 80 8.88 -10.58 3.95
N HIS A 81 9.27 -11.69 4.50
CA HIS A 81 9.01 -12.99 3.83
C HIS A 81 7.50 -13.26 3.79
N LEU A 82 6.77 -12.67 4.69
CA LEU A 82 5.29 -12.90 4.71
C LEU A 82 4.66 -12.24 3.49
N VAL A 83 5.04 -11.03 3.18
CA VAL A 83 4.46 -10.33 2.00
C VAL A 83 4.56 -11.24 0.78
N ARG A 84 5.68 -11.87 0.58
CA ARG A 84 5.82 -12.77 -0.61
C ARG A 84 4.82 -13.91 -0.50
N SER A 85 4.38 -14.22 0.69
CA SER A 85 3.39 -15.33 0.87
C SER A 85 2.11 -15.00 0.09
N VAL A 86 1.42 -13.95 0.49
CA VAL A 86 0.17 -13.58 -0.22
C VAL A 86 0.48 -13.30 -1.69
N PRO A 87 -0.23 -13.97 -2.60
CA PRO A 87 -0.03 -13.80 -4.05
C PRO A 87 -0.53 -12.43 -4.53
N ARG A 88 -0.45 -12.18 -5.81
CA ARG A 88 -0.90 -10.87 -6.35
C ARG A 88 -0.04 -9.74 -5.76
N VAL A 89 1.15 -10.06 -5.32
CA VAL A 89 2.02 -9.01 -4.73
C VAL A 89 3.28 -8.86 -5.59
N MET A 90 3.47 -7.72 -6.20
CA MET A 90 4.69 -7.52 -7.05
C MET A 90 5.94 -7.56 -6.16
N GLY A 91 5.89 -6.92 -5.03
CA GLY A 91 7.08 -6.92 -4.13
C GLY A 91 7.03 -5.69 -3.22
N PHE A 92 8.17 -5.20 -2.81
CA PHE A 92 8.19 -4.00 -1.92
C PHE A 92 8.78 -2.81 -2.69
N ILE A 93 8.54 -1.62 -2.22
CA ILE A 93 9.09 -0.42 -2.93
C ILE A 93 10.10 0.29 -2.02
N GLY A 94 11.31 0.45 -2.49
CA GLY A 94 12.34 1.13 -1.65
C GLY A 94 13.66 1.17 -2.41
N GLY A 95 14.77 1.21 -1.71
CA GLY A 95 16.09 1.26 -2.39
C GLY A 95 16.31 -0.04 -3.17
N THR A 96 16.02 -1.16 -2.56
CA THR A 96 16.22 -2.46 -3.26
C THR A 96 14.94 -3.30 -3.17
N SER A 97 14.89 -4.41 -3.85
CA SER A 97 13.68 -5.27 -3.79
C SER A 97 13.82 -6.27 -2.65
N ASP A 98 14.68 -5.99 -1.71
CA ASP A 98 14.87 -6.92 -0.56
C ASP A 98 14.62 -6.16 0.75
N ARG A 99 14.75 -4.86 0.72
CA ARG A 99 14.52 -4.06 1.96
C ARG A 99 13.99 -2.69 1.56
N PRO A 100 12.68 -2.47 1.73
CA PRO A 100 12.03 -1.19 1.38
C PRO A 100 12.46 -0.06 2.32
N ALA A 101 13.20 0.89 1.82
CA ALA A 101 13.64 2.02 2.68
C ALA A 101 12.42 2.73 3.26
N PRO A 102 12.51 3.13 4.54
CA PRO A 102 11.41 3.82 5.23
C PRO A 102 11.20 5.24 4.69
N ILE A 103 9.99 5.75 4.79
CA ILE A 103 9.72 7.12 4.29
C ILE A 103 9.11 7.96 5.41
N SER A 104 9.26 9.26 5.33
CA SER A 104 8.69 10.13 6.39
C SER A 104 7.16 10.16 6.26
N ASP A 105 6.47 10.36 7.35
CA ASP A 105 4.98 10.40 7.30
C ASP A 105 4.54 11.39 6.22
N LYS A 106 5.18 12.52 6.13
CA LYS A 106 4.80 13.53 5.12
C LYS A 106 4.86 12.88 3.72
N GLU A 107 5.87 12.10 3.47
CA GLU A 107 5.97 11.44 2.13
C GLU A 107 4.66 10.71 1.82
N VAL A 108 4.13 9.99 2.77
CA VAL A 108 2.85 9.26 2.52
C VAL A 108 1.78 10.24 2.08
N ASP A 109 1.76 11.42 2.65
CA ASP A 109 0.74 12.42 2.25
C ASP A 109 1.00 12.87 0.82
N ALA A 110 2.25 12.94 0.42
CA ALA A 110 2.57 13.38 -0.96
C ALA A 110 1.85 12.46 -1.97
N ILE A 111 1.90 11.18 -1.76
CA ILE A 111 1.22 10.24 -2.70
C ILE A 111 -0.22 10.71 -2.92
N MET A 112 -0.97 10.85 -1.86
CA MET A 112 -2.38 11.30 -2.00
C MET A 112 -2.40 12.68 -2.65
N ASN A 113 -1.44 13.51 -2.34
CA ASN A 113 -1.40 14.86 -2.94
C ASN A 113 -1.28 14.75 -4.45
N ARG A 114 -0.58 13.76 -4.94
CA ARG A 114 -0.44 13.59 -6.40
C ARG A 114 -1.81 13.51 -7.05
N LEU A 115 -2.75 12.88 -6.40
CA LEU A 115 -4.13 12.76 -6.97
C LEU A 115 -4.66 14.16 -7.28
N GLN A 116 -4.47 15.09 -6.39
CA GLN A 116 -4.97 16.47 -6.63
C GLN A 116 -4.23 17.08 -7.83
N GLN A 117 -3.00 16.71 -8.02
CA GLN A 117 -2.22 17.26 -9.17
C GLN A 117 -2.78 16.70 -10.49
N VAL A 118 -2.93 17.52 -11.49
CA VAL A 118 -3.46 17.03 -12.78
C VAL A 118 -2.54 15.95 -13.35
N GLY A 119 -1.26 16.12 -13.21
CA GLY A 119 -0.31 15.10 -13.73
C GLY A 119 0.19 15.53 -15.11
N ASP A 120 -0.09 16.74 -15.51
CA ASP A 120 0.37 17.22 -16.84
C ASP A 120 1.90 17.12 -16.93
N LYS A 121 2.58 17.33 -15.84
CA LYS A 121 4.06 17.25 -15.85
C LYS A 121 4.53 16.25 -14.79
N PRO A 122 4.47 14.95 -15.12
CA PRO A 122 4.89 13.88 -14.20
C PRO A 122 6.40 13.86 -13.99
N ARG A 123 7.13 14.47 -14.88
CA ARG A 123 8.62 14.50 -14.72
C ARG A 123 9.14 15.92 -14.99
N MET A 1 16.81 -3.14 20.56
CA MET A 1 16.25 -3.28 19.19
C MET A 1 14.89 -3.98 19.27
N SER A 2 14.87 -5.28 19.31
CA SER A 2 13.56 -6.01 19.39
C SER A 2 12.79 -5.53 20.62
N GLU A 3 13.48 -5.26 21.69
CA GLU A 3 12.78 -4.79 22.93
C GLU A 3 12.03 -3.49 22.63
N ALA A 4 12.58 -2.65 21.79
CA ALA A 4 11.90 -1.37 21.47
C ALA A 4 11.71 -1.26 19.95
N PRO A 5 10.67 -1.94 19.43
CA PRO A 5 10.36 -1.93 17.98
C PRO A 5 9.84 -0.56 17.53
N LYS A 6 10.23 -0.13 16.36
CA LYS A 6 9.76 1.19 15.86
C LYS A 6 8.79 0.97 14.68
N LYS A 7 7.86 1.85 14.50
CA LYS A 7 6.90 1.69 13.38
C LYS A 7 7.33 2.57 12.20
N ARG A 8 7.33 2.03 11.02
CA ARG A 8 7.75 2.83 9.83
C ARG A 8 6.73 2.63 8.70
N TRP A 9 6.69 3.53 7.76
CA TRP A 9 5.73 3.40 6.63
C TRP A 9 6.44 2.83 5.42
N TYR A 10 5.86 1.83 4.79
CA TYR A 10 6.52 1.24 3.59
C TYR A 10 5.49 1.13 2.46
N VAL A 11 5.95 1.11 1.24
CA VAL A 11 5.00 1.02 0.09
C VAL A 11 4.87 -0.45 -0.35
N VAL A 12 3.71 -0.84 -0.79
CA VAL A 12 3.52 -2.25 -1.24
C VAL A 12 3.13 -2.27 -2.72
N GLN A 13 3.87 -2.95 -3.53
CA GLN A 13 3.54 -3.01 -4.99
C GLN A 13 2.66 -4.23 -5.27
N ALA A 14 1.58 -4.04 -5.98
CA ALA A 14 0.69 -5.19 -6.28
C ALA A 14 0.21 -5.10 -7.73
N PHE A 15 -0.94 -5.65 -8.04
CA PHE A 15 -1.44 -5.58 -9.44
C PHE A 15 -2.46 -4.44 -9.55
N SER A 16 -2.34 -3.63 -10.58
CA SER A 16 -3.29 -2.50 -10.74
C SER A 16 -4.73 -3.04 -10.74
N GLY A 17 -5.57 -2.51 -9.89
CA GLY A 17 -6.97 -2.99 -9.83
C GLY A 17 -7.12 -4.02 -8.71
N PHE A 18 -6.06 -4.70 -8.38
CA PHE A 18 -6.15 -5.71 -7.29
C PHE A 18 -5.47 -5.17 -6.03
N GLU A 19 -5.10 -3.92 -6.04
CA GLU A 19 -4.44 -3.33 -4.84
C GLU A 19 -5.36 -3.49 -3.63
N GLY A 20 -6.64 -3.40 -3.84
CA GLY A 20 -7.59 -3.55 -2.69
C GLY A 20 -7.61 -5.01 -2.23
N ARG A 21 -7.53 -5.94 -3.15
CA ARG A 21 -7.55 -7.38 -2.76
C ARG A 21 -6.31 -7.69 -1.92
N VAL A 22 -5.15 -7.31 -2.38
CA VAL A 22 -3.91 -7.59 -1.60
C VAL A 22 -4.11 -7.12 -0.16
N ALA A 23 -4.76 -6.00 0.03
CA ALA A 23 -4.99 -5.48 1.41
C ALA A 23 -5.91 -6.45 2.16
N THR A 24 -6.91 -6.97 1.49
CA THR A 24 -7.84 -7.93 2.16
C THR A 24 -7.10 -9.23 2.46
N SER A 25 -6.37 -9.75 1.50
CA SER A 25 -5.62 -11.02 1.74
C SER A 25 -4.54 -10.79 2.78
N LEU A 26 -3.88 -9.66 2.73
CA LEU A 26 -2.81 -9.37 3.72
C LEU A 26 -3.37 -9.52 5.14
N ARG A 27 -4.55 -9.02 5.38
CA ARG A 27 -5.15 -9.13 6.74
C ARG A 27 -5.26 -10.62 7.13
N GLU A 28 -5.55 -11.46 6.18
CA GLU A 28 -5.67 -12.92 6.50
C GLU A 28 -4.29 -13.47 6.86
N HIS A 29 -3.32 -13.26 6.01
CA HIS A 29 -1.95 -13.78 6.31
C HIS A 29 -1.46 -13.20 7.64
N ILE A 30 -1.58 -11.92 7.81
CA ILE A 30 -1.13 -11.29 9.09
C ILE A 30 -1.84 -11.95 10.26
N LYS A 31 -3.15 -12.00 10.23
CA LYS A 31 -3.90 -12.62 11.35
C LYS A 31 -3.45 -14.07 11.53
N LEU A 32 -3.28 -14.79 10.45
CA LEU A 32 -2.83 -16.21 10.56
C LEU A 32 -1.39 -16.25 11.07
N HIS A 33 -0.51 -15.48 10.47
CA HIS A 33 0.90 -15.48 10.91
C HIS A 33 1.06 -14.59 12.14
N ASN A 34 -0.03 -14.06 12.65
CA ASN A 34 0.05 -13.19 13.84
C ASN A 34 1.08 -12.07 13.60
N MET A 35 0.96 -11.39 12.49
CA MET A 35 1.93 -10.29 12.19
C MET A 35 1.27 -8.94 12.47
N GLU A 36 0.07 -8.95 12.98
CA GLU A 36 -0.62 -7.66 13.28
C GLU A 36 0.31 -6.74 14.06
N ASP A 37 1.13 -7.30 14.92
CA ASP A 37 2.06 -6.46 15.71
C ASP A 37 2.95 -5.65 14.77
N LEU A 38 3.44 -6.28 13.73
CA LEU A 38 4.31 -5.54 12.76
C LEU A 38 3.45 -4.59 11.93
N PHE A 39 2.38 -5.07 11.37
CA PHE A 39 1.50 -4.19 10.55
C PHE A 39 0.76 -3.22 11.47
N GLY A 40 0.78 -1.95 11.16
CA GLY A 40 0.07 -0.96 12.02
C GLY A 40 -1.17 -0.43 11.29
N GLU A 41 -0.97 0.27 10.21
CA GLU A 41 -2.15 0.81 9.46
C GLU A 41 -1.93 0.62 7.95
N VAL A 42 -2.85 -0.06 7.31
CA VAL A 42 -2.70 -0.27 5.84
C VAL A 42 -3.43 0.85 5.09
N MET A 43 -2.83 1.38 4.08
CA MET A 43 -3.49 2.48 3.32
C MET A 43 -3.56 2.11 1.83
N VAL A 44 -4.75 1.98 1.30
CA VAL A 44 -4.89 1.63 -0.14
C VAL A 44 -5.95 2.53 -0.78
N PRO A 45 -5.57 3.75 -1.14
CA PRO A 45 -6.48 4.73 -1.75
C PRO A 45 -6.90 4.31 -3.17
N THR A 46 -8.18 4.33 -3.44
CA THR A 46 -8.65 3.94 -4.80
C THR A 46 -9.50 5.06 -5.40
N GLU A 47 -9.68 6.13 -4.66
CA GLU A 47 -10.49 7.26 -5.19
C GLU A 47 -11.83 6.75 -5.70
N GLU A 48 -12.80 6.61 -4.83
CA GLU A 48 -14.13 6.11 -5.27
C GLU A 48 -14.69 7.04 -6.35
N VAL A 49 -15.26 6.49 -7.38
CA VAL A 49 -15.82 7.33 -8.47
C VAL A 49 -17.24 6.88 -8.81
N VAL A 50 -18.14 7.82 -9.01
CA VAL A 50 -19.54 7.44 -9.35
C VAL A 50 -19.98 8.20 -10.60
N GLU A 51 -20.92 7.66 -11.33
CA GLU A 51 -21.39 8.37 -12.57
C GLU A 51 -22.88 8.68 -12.43
N ILE A 52 -23.35 9.66 -13.16
CA ILE A 52 -24.80 10.02 -13.09
C ILE A 52 -25.29 10.41 -14.49
N ARG A 53 -26.11 9.60 -15.08
CA ARG A 53 -26.62 9.92 -16.45
C ARG A 53 -25.46 9.95 -17.44
N GLY A 54 -25.63 9.37 -18.59
CA GLY A 54 -24.53 9.37 -19.60
C GLY A 54 -23.70 8.09 -19.45
N GLY A 55 -22.64 7.97 -20.20
CA GLY A 55 -21.79 6.74 -20.10
C GLY A 55 -20.82 6.70 -21.28
N GLN A 56 -19.99 5.70 -21.34
CA GLN A 56 -19.02 5.60 -22.46
C GLN A 56 -19.15 4.24 -23.13
N ARG A 57 -18.89 4.16 -24.41
CA ARG A 57 -19.00 2.86 -25.12
C ARG A 57 -18.09 1.82 -24.45
N ARG A 58 -16.95 2.26 -23.96
CA ARG A 58 -16.02 1.30 -23.31
C ARG A 58 -15.65 1.83 -21.92
N LYS A 59 -15.50 0.96 -20.96
CA LYS A 59 -15.14 1.42 -19.59
C LYS A 59 -13.62 1.62 -19.51
N SER A 60 -13.19 2.74 -18.98
CA SER A 60 -11.73 3.00 -18.86
C SER A 60 -11.39 3.39 -17.43
N GLU A 61 -10.29 2.89 -16.92
CA GLU A 61 -9.90 3.22 -15.52
C GLU A 61 -8.58 3.98 -15.53
N ARG A 62 -8.48 5.03 -14.75
CA ARG A 62 -7.21 5.81 -14.72
C ARG A 62 -6.13 5.00 -13.99
N LYS A 63 -6.47 4.41 -12.88
CA LYS A 63 -5.46 3.61 -12.13
C LYS A 63 -4.16 4.41 -12.01
N PHE A 64 -4.19 5.53 -11.35
CA PHE A 64 -2.96 6.35 -11.20
C PHE A 64 -1.89 5.53 -10.47
N PHE A 65 -2.29 4.72 -9.53
CA PHE A 65 -1.29 3.90 -8.78
C PHE A 65 -1.39 2.45 -9.24
N PRO A 66 -0.39 1.99 -10.02
CA PRO A 66 -0.36 0.61 -10.53
C PRO A 66 -0.08 -0.40 -9.42
N GLY A 67 -1.03 -0.62 -8.54
CA GLY A 67 -0.83 -1.59 -7.44
C GLY A 67 0.11 -0.99 -6.39
N TYR A 68 -0.13 0.24 -6.02
CA TYR A 68 0.74 0.88 -4.99
C TYR A 68 -0.06 1.12 -3.71
N VAL A 69 0.37 0.55 -2.62
CA VAL A 69 -0.36 0.72 -1.34
C VAL A 69 0.62 1.08 -0.22
N LEU A 70 0.20 1.87 0.73
CA LEU A 70 1.12 2.25 1.84
C LEU A 70 0.72 1.49 3.10
N VAL A 71 1.66 0.87 3.77
CA VAL A 71 1.32 0.10 5.00
C VAL A 71 2.39 0.35 6.07
N GLN A 72 2.00 0.78 7.23
CA GLN A 72 2.99 1.05 8.31
C GLN A 72 3.39 -0.29 8.95
N MET A 73 4.66 -0.63 8.89
CA MET A 73 5.10 -1.92 9.49
C MET A 73 6.63 -1.93 9.61
N VAL A 74 7.17 -2.81 10.41
CA VAL A 74 8.65 -2.87 10.55
C VAL A 74 9.22 -3.86 9.52
N MET A 75 10.42 -3.60 9.05
CA MET A 75 11.02 -4.52 8.06
C MET A 75 11.76 -5.66 8.78
N ASN A 76 11.29 -6.86 8.64
CA ASN A 76 11.96 -8.01 9.31
C ASN A 76 11.90 -9.24 8.40
N ASP A 77 12.65 -10.26 8.72
CA ASP A 77 12.64 -11.48 7.87
C ASP A 77 11.27 -12.16 7.93
N ALA A 78 10.53 -11.93 8.99
CA ALA A 78 9.19 -12.56 9.11
C ALA A 78 8.20 -11.82 8.19
N SER A 79 7.85 -10.61 8.53
CA SER A 79 6.89 -9.85 7.68
C SER A 79 7.42 -9.77 6.25
N TRP A 80 8.65 -9.38 6.08
CA TRP A 80 9.22 -9.28 4.71
C TRP A 80 8.81 -10.52 3.89
N HIS A 81 8.92 -11.68 4.48
CA HIS A 81 8.55 -12.92 3.73
C HIS A 81 7.02 -13.01 3.62
N LEU A 82 6.32 -12.50 4.60
CA LEU A 82 4.83 -12.55 4.56
C LEU A 82 4.32 -11.74 3.37
N VAL A 83 4.85 -10.56 3.18
CA VAL A 83 4.40 -9.71 2.04
C VAL A 83 4.57 -10.49 0.73
N ARG A 84 5.69 -11.13 0.54
CA ARG A 84 5.91 -11.90 -0.71
C ARG A 84 4.88 -13.04 -0.80
N SER A 85 4.54 -13.63 0.31
CA SER A 85 3.55 -14.74 0.29
C SER A 85 2.21 -14.22 -0.25
N VAL A 86 1.84 -13.03 0.13
CA VAL A 86 0.55 -12.46 -0.35
C VAL A 86 0.48 -12.57 -1.88
N PRO A 87 -0.59 -13.19 -2.39
CA PRO A 87 -0.79 -13.36 -3.84
C PRO A 87 -1.12 -12.03 -4.53
N ARG A 88 -0.86 -11.94 -5.81
CA ARG A 88 -1.15 -10.68 -6.54
C ARG A 88 -0.32 -9.53 -5.95
N VAL A 89 0.88 -9.81 -5.54
CA VAL A 89 1.74 -8.73 -4.95
C VAL A 89 3.09 -8.72 -5.64
N MET A 90 3.52 -7.59 -6.12
CA MET A 90 4.85 -7.52 -6.81
C MET A 90 5.96 -7.66 -5.76
N GLY A 91 5.95 -6.83 -4.76
CA GLY A 91 7.01 -6.91 -3.71
C GLY A 91 7.04 -5.60 -2.91
N PHE A 92 8.19 -5.21 -2.45
CA PHE A 92 8.29 -3.94 -1.67
C PHE A 92 8.92 -2.85 -2.54
N ILE A 93 8.73 -1.61 -2.17
CA ILE A 93 9.31 -0.50 -2.98
C ILE A 93 10.30 0.29 -2.13
N GLY A 94 11.55 0.33 -2.51
CA GLY A 94 12.54 1.09 -1.71
C GLY A 94 13.87 1.16 -2.48
N GLY A 95 14.97 1.09 -1.78
CA GLY A 95 16.30 1.16 -2.47
C GLY A 95 16.55 -0.14 -3.23
N THR A 96 16.11 -1.25 -2.70
CA THR A 96 16.34 -2.54 -3.41
C THR A 96 15.09 -3.42 -3.26
N SER A 97 15.09 -4.58 -3.89
CA SER A 97 13.90 -5.47 -3.79
C SER A 97 14.12 -6.47 -2.64
N ASP A 98 14.97 -6.13 -1.72
CA ASP A 98 15.23 -7.04 -0.57
C ASP A 98 15.30 -6.22 0.72
N ARG A 99 14.95 -4.96 0.63
CA ARG A 99 15.00 -4.10 1.85
C ARG A 99 14.47 -2.71 1.48
N PRO A 100 13.17 -2.48 1.66
CA PRO A 100 12.52 -1.20 1.34
C PRO A 100 12.98 -0.08 2.29
N ALA A 101 13.55 0.96 1.75
CA ALA A 101 14.02 2.08 2.62
C ALA A 101 12.81 2.74 3.28
N PRO A 102 12.99 3.26 4.50
CA PRO A 102 11.93 3.92 5.25
C PRO A 102 11.52 5.26 4.63
N ILE A 103 10.30 5.67 4.83
CA ILE A 103 9.84 6.96 4.25
C ILE A 103 9.29 7.86 5.37
N SER A 104 9.25 9.14 5.15
CA SER A 104 8.74 10.06 6.20
C SER A 104 7.21 9.97 6.24
N ASP A 105 6.63 10.17 7.39
CA ASP A 105 5.14 10.10 7.50
C ASP A 105 4.51 11.09 6.52
N LYS A 106 5.08 12.26 6.41
CA LYS A 106 4.51 13.28 5.48
C LYS A 106 4.49 12.70 4.06
N GLU A 107 5.51 12.00 3.68
CA GLU A 107 5.54 11.41 2.31
C GLU A 107 4.30 10.54 2.10
N VAL A 108 3.96 9.74 3.07
CA VAL A 108 2.76 8.87 2.94
C VAL A 108 1.52 9.74 2.63
N ASP A 109 1.45 10.88 3.25
CA ASP A 109 0.28 11.78 3.01
C ASP A 109 0.41 12.42 1.62
N ALA A 110 1.61 12.70 1.19
CA ALA A 110 1.80 13.33 -0.14
C ALA A 110 1.41 12.32 -1.22
N ILE A 111 1.82 11.09 -1.08
CA ILE A 111 1.46 10.07 -2.10
C ILE A 111 -0.04 10.12 -2.38
N MET A 112 -0.85 10.10 -1.36
CA MET A 112 -2.33 10.16 -1.56
C MET A 112 -2.69 11.45 -2.29
N ASN A 113 -2.05 12.54 -1.94
CA ASN A 113 -2.36 13.83 -2.61
C ASN A 113 -2.07 13.70 -4.11
N ARG A 114 -1.00 13.05 -4.47
CA ARG A 114 -0.67 12.90 -5.91
C ARG A 114 -1.85 12.24 -6.63
N LEU A 115 -2.39 11.19 -6.07
CA LEU A 115 -3.54 10.51 -6.73
C LEU A 115 -4.54 11.56 -7.23
N GLN A 116 -4.89 12.50 -6.40
CA GLN A 116 -5.86 13.55 -6.83
C GLN A 116 -5.22 14.41 -7.92
N GLN A 117 -3.92 14.49 -7.94
CA GLN A 117 -3.23 15.31 -8.97
C GLN A 117 -3.04 14.47 -10.24
N VAL A 118 -3.21 15.07 -11.39
CA VAL A 118 -3.03 14.31 -12.66
C VAL A 118 -2.02 15.03 -13.55
N GLY A 119 -1.32 14.30 -14.38
CA GLY A 119 -0.32 14.94 -15.28
C GLY A 119 -0.99 16.07 -16.06
N ASP A 120 -2.23 15.87 -16.46
CA ASP A 120 -2.93 16.93 -17.23
C ASP A 120 -4.44 16.82 -16.99
N LYS A 121 -4.95 17.56 -16.04
CA LYS A 121 -6.41 17.50 -15.76
C LYS A 121 -7.19 17.56 -17.07
N PRO A 122 -7.00 18.65 -17.84
CA PRO A 122 -7.68 18.86 -19.12
C PRO A 122 -7.16 17.89 -20.19
N ARG A 123 -8.03 17.46 -21.07
CA ARG A 123 -7.60 16.51 -22.15
C ARG A 123 -7.07 15.22 -21.51
N MET A 1 13.71 4.33 23.26
CA MET A 1 12.48 4.05 24.07
C MET A 1 11.57 5.28 24.04
N SER A 2 11.61 6.05 22.98
CA SER A 2 10.75 7.26 22.90
C SER A 2 9.27 6.83 22.89
N GLU A 3 8.41 7.67 23.36
CA GLU A 3 6.96 7.32 23.38
C GLU A 3 6.47 7.08 21.95
N ALA A 4 7.02 7.78 21.00
CA ALA A 4 6.60 7.60 19.58
C ALA A 4 6.78 6.13 19.19
N PRO A 5 5.87 5.60 18.34
CA PRO A 5 5.92 4.21 17.89
C PRO A 5 7.10 3.97 16.94
N LYS A 6 7.66 2.80 16.96
CA LYS A 6 8.82 2.49 16.07
C LYS A 6 8.30 1.92 14.75
N LYS A 7 7.10 2.27 14.36
CA LYS A 7 6.54 1.74 13.09
C LYS A 7 6.85 2.71 11.95
N ARG A 8 7.29 2.21 10.82
CA ARG A 8 7.60 3.10 9.67
C ARG A 8 6.68 2.77 8.50
N TRP A 9 6.47 3.70 7.61
CA TRP A 9 5.58 3.45 6.44
C TRP A 9 6.40 2.85 5.31
N TYR A 10 5.97 1.74 4.77
CA TYR A 10 6.73 1.11 3.65
C TYR A 10 5.83 0.99 2.42
N VAL A 11 6.40 0.83 1.26
CA VAL A 11 5.57 0.73 0.02
C VAL A 11 5.34 -0.75 -0.30
N VAL A 12 4.28 -1.05 -1.00
CA VAL A 12 4.00 -2.46 -1.36
C VAL A 12 3.48 -2.53 -2.80
N GLN A 13 4.20 -3.17 -3.67
CA GLN A 13 3.76 -3.25 -5.09
C GLN A 13 2.72 -4.37 -5.23
N ALA A 14 1.81 -4.24 -6.16
CA ALA A 14 0.78 -5.30 -6.35
C ALA A 14 0.23 -5.22 -7.78
N PHE A 15 -0.35 -6.29 -8.26
CA PHE A 15 -0.91 -6.27 -9.64
C PHE A 15 -2.03 -5.23 -9.72
N SER A 16 -2.15 -4.56 -10.84
CA SER A 16 -3.23 -3.54 -10.98
C SER A 16 -4.59 -4.24 -10.99
N GLY A 17 -5.59 -3.60 -10.48
CA GLY A 17 -6.95 -4.22 -10.46
C GLY A 17 -7.11 -5.05 -9.18
N PHE A 18 -6.06 -5.63 -8.71
CA PHE A 18 -6.16 -6.45 -7.46
C PHE A 18 -5.48 -5.71 -6.31
N GLU A 19 -5.14 -4.47 -6.52
CA GLU A 19 -4.47 -3.69 -5.43
C GLU A 19 -5.41 -3.60 -4.22
N GLY A 20 -6.68 -3.47 -4.46
CA GLY A 20 -7.64 -3.38 -3.32
C GLY A 20 -7.71 -4.72 -2.60
N ARG A 21 -7.90 -5.79 -3.33
CA ARG A 21 -7.98 -7.13 -2.68
C ARG A 21 -6.63 -7.45 -2.03
N VAL A 22 -5.55 -7.08 -2.65
CA VAL A 22 -4.22 -7.36 -2.05
C VAL A 22 -4.19 -6.85 -0.61
N ALA A 23 -4.74 -5.70 -0.37
CA ALA A 23 -4.74 -5.15 1.02
C ALA A 23 -5.47 -6.12 1.95
N THR A 24 -6.63 -6.57 1.56
CA THR A 24 -7.39 -7.53 2.41
C THR A 24 -6.55 -8.79 2.62
N SER A 25 -5.98 -9.32 1.58
CA SER A 25 -5.16 -10.55 1.72
C SER A 25 -4.13 -10.34 2.83
N LEU A 26 -3.48 -9.20 2.85
CA LEU A 26 -2.47 -8.94 3.91
C LEU A 26 -3.08 -9.21 5.28
N ARG A 27 -4.00 -8.39 5.71
CA ARG A 27 -4.65 -8.62 7.04
C ARG A 27 -4.95 -10.10 7.22
N GLU A 28 -5.46 -10.74 6.21
CA GLU A 28 -5.78 -12.19 6.33
C GLU A 28 -4.52 -12.95 6.77
N HIS A 29 -3.38 -12.58 6.27
CA HIS A 29 -2.13 -13.27 6.67
C HIS A 29 -1.67 -12.77 8.03
N ILE A 30 -2.01 -11.56 8.37
CA ILE A 30 -1.61 -11.00 9.69
C ILE A 30 -2.26 -11.82 10.81
N LYS A 31 -3.52 -12.13 10.66
CA LYS A 31 -4.22 -12.92 11.71
C LYS A 31 -3.69 -14.35 11.70
N LEU A 32 -3.39 -14.88 10.55
CA LEU A 32 -2.87 -16.28 10.48
C LEU A 32 -1.45 -16.32 11.04
N HIS A 33 -0.56 -15.52 10.52
CA HIS A 33 0.83 -15.52 11.04
C HIS A 33 0.92 -14.67 12.31
N ASN A 34 -0.20 -14.18 12.77
CA ASN A 34 -0.19 -13.34 14.00
C ASN A 34 0.87 -12.24 13.87
N MET A 35 0.89 -11.58 12.75
CA MET A 35 1.90 -10.49 12.55
C MET A 35 1.24 -9.13 12.79
N GLU A 36 0.08 -9.12 13.40
CA GLU A 36 -0.61 -7.84 13.67
C GLU A 36 0.34 -6.88 14.39
N ASP A 37 1.24 -7.41 15.18
CA ASP A 37 2.19 -6.53 15.92
C ASP A 37 3.03 -5.74 14.90
N LEU A 38 3.47 -6.37 13.85
CA LEU A 38 4.28 -5.64 12.84
C LEU A 38 3.37 -4.73 12.02
N PHE A 39 2.33 -5.27 11.45
CA PHE A 39 1.40 -4.44 10.63
C PHE A 39 0.62 -3.49 11.56
N GLY A 40 0.60 -2.23 11.25
CA GLY A 40 -0.14 -1.27 12.11
C GLY A 40 -1.36 -0.73 11.36
N GLU A 41 -1.14 -0.02 10.28
CA GLU A 41 -2.29 0.53 9.51
C GLU A 41 -2.02 0.39 8.01
N VAL A 42 -3.04 0.17 7.23
CA VAL A 42 -2.83 0.01 5.76
C VAL A 42 -3.45 1.22 5.04
N MET A 43 -2.94 1.54 3.88
CA MET A 43 -3.50 2.70 3.13
C MET A 43 -3.95 2.24 1.74
N VAL A 44 -5.02 2.80 1.25
CA VAL A 44 -5.52 2.40 -0.10
C VAL A 44 -5.99 3.64 -0.85
N PRO A 45 -5.11 4.23 -1.68
CA PRO A 45 -5.43 5.43 -2.46
C PRO A 45 -6.41 5.12 -3.59
N THR A 46 -6.46 3.89 -4.02
CA THR A 46 -7.40 3.52 -5.12
C THR A 46 -8.83 3.53 -4.59
N GLU A 47 -9.31 4.67 -4.19
CA GLU A 47 -10.71 4.75 -3.66
C GLU A 47 -11.69 4.34 -4.77
N GLU A 48 -11.42 4.72 -5.98
CA GLU A 48 -12.33 4.35 -7.09
C GLU A 48 -11.66 3.29 -7.98
N VAL A 49 -12.44 2.46 -8.62
CA VAL A 49 -11.84 1.41 -9.49
C VAL A 49 -12.29 1.62 -10.94
N VAL A 50 -11.40 1.50 -11.87
CA VAL A 50 -11.77 1.69 -13.30
C VAL A 50 -12.83 0.65 -13.69
N GLU A 51 -13.80 1.04 -14.46
CA GLU A 51 -14.85 0.07 -14.87
C GLU A 51 -14.50 -0.51 -16.24
N ILE A 52 -14.82 -1.76 -16.47
CA ILE A 52 -14.51 -2.38 -17.78
C ILE A 52 -15.34 -1.71 -18.88
N ARG A 53 -16.38 -1.01 -18.51
CA ARG A 53 -17.23 -0.33 -19.52
C ARG A 53 -17.88 0.91 -18.90
N GLY A 54 -18.49 1.73 -19.71
CA GLY A 54 -19.15 2.95 -19.16
C GLY A 54 -18.20 4.14 -19.30
N GLY A 55 -18.65 5.31 -18.94
CA GLY A 55 -17.78 6.51 -19.05
C GLY A 55 -17.88 7.10 -20.45
N GLN A 56 -17.77 8.39 -20.58
CA GLN A 56 -17.85 9.01 -21.93
C GLN A 56 -16.58 9.83 -22.19
N ARG A 57 -16.16 9.89 -23.43
CA ARG A 57 -14.93 10.67 -23.76
C ARG A 57 -15.09 12.11 -23.28
N ARG A 58 -16.27 12.66 -23.41
CA ARG A 58 -16.50 14.06 -22.97
C ARG A 58 -16.16 14.18 -21.49
N LYS A 59 -16.40 13.15 -20.72
CA LYS A 59 -16.10 13.21 -19.27
C LYS A 59 -14.59 13.33 -19.06
N SER A 60 -14.17 14.26 -18.24
CA SER A 60 -12.71 14.43 -18.01
C SER A 60 -12.16 13.19 -17.30
N GLU A 61 -10.90 12.93 -17.47
CA GLU A 61 -10.29 11.73 -16.81
C GLU A 61 -9.17 12.17 -15.87
N ARG A 62 -8.87 11.38 -14.87
CA ARG A 62 -7.78 11.76 -13.93
C ARG A 62 -6.68 10.72 -13.97
N LYS A 63 -5.45 11.12 -13.78
CA LYS A 63 -4.33 10.14 -13.81
C LYS A 63 -4.24 9.41 -12.47
N PHE A 64 -4.21 8.11 -12.49
CA PHE A 64 -4.14 7.35 -11.22
C PHE A 64 -2.92 6.41 -11.25
N PHE A 65 -2.40 6.06 -10.11
CA PHE A 65 -1.22 5.15 -10.08
C PHE A 65 -1.58 3.85 -9.37
N PRO A 66 -2.24 2.93 -10.08
CA PRO A 66 -2.65 1.63 -9.52
C PRO A 66 -1.45 0.72 -9.27
N GLY A 67 -1.54 -0.15 -8.30
CA GLY A 67 -0.41 -1.07 -8.02
C GLY A 67 0.47 -0.47 -6.90
N TYR A 68 0.06 0.64 -6.35
CA TYR A 68 0.87 1.28 -5.26
C TYR A 68 0.07 1.25 -3.95
N VAL A 69 0.59 0.59 -2.95
CA VAL A 69 -0.14 0.54 -1.65
C VAL A 69 0.83 0.84 -0.50
N LEU A 70 0.39 1.62 0.46
CA LEU A 70 1.29 1.95 1.60
C LEU A 70 0.81 1.21 2.85
N VAL A 71 1.70 0.55 3.54
CA VAL A 71 1.28 -0.19 4.77
C VAL A 71 2.32 0.01 5.87
N GLN A 72 1.92 0.56 6.99
CA GLN A 72 2.88 0.78 8.10
C GLN A 72 3.29 -0.58 8.69
N MET A 73 4.55 -0.77 8.95
CA MET A 73 5.00 -2.08 9.51
C MET A 73 6.53 -2.12 9.55
N VAL A 74 7.09 -2.94 10.40
CA VAL A 74 8.58 -3.03 10.49
C VAL A 74 9.07 -4.09 9.51
N MET A 75 10.11 -3.79 8.76
CA MET A 75 10.64 -4.79 7.80
C MET A 75 11.49 -5.82 8.53
N ASN A 76 11.09 -7.06 8.51
CA ASN A 76 11.88 -8.11 9.21
C ASN A 76 11.83 -9.40 8.41
N ASP A 77 12.61 -10.38 8.78
CA ASP A 77 12.61 -11.67 8.02
C ASP A 77 11.21 -12.28 8.06
N ALA A 78 10.49 -12.08 9.14
CA ALA A 78 9.13 -12.66 9.23
C ALA A 78 8.18 -11.89 8.30
N SER A 79 7.87 -10.67 8.64
CA SER A 79 6.95 -9.87 7.79
C SER A 79 7.48 -9.87 6.35
N TRP A 80 8.73 -9.52 6.17
CA TRP A 80 9.30 -9.50 4.79
C TRP A 80 8.88 -10.77 4.03
N HIS A 81 8.99 -11.91 4.66
CA HIS A 81 8.59 -13.17 3.96
C HIS A 81 7.07 -13.21 3.83
N LEU A 82 6.36 -12.71 4.80
CA LEU A 82 4.87 -12.72 4.71
C LEU A 82 4.43 -12.07 3.40
N VAL A 83 5.01 -10.95 3.06
CA VAL A 83 4.63 -10.27 1.79
C VAL A 83 4.93 -11.18 0.60
N ARG A 84 5.95 -11.98 0.70
CA ARG A 84 6.30 -12.90 -0.42
C ARG A 84 5.24 -14.00 -0.53
N SER A 85 4.68 -14.41 0.58
CA SER A 85 3.64 -15.48 0.54
C SER A 85 2.30 -14.86 0.13
N VAL A 86 2.16 -13.57 0.29
CA VAL A 86 0.88 -12.91 -0.09
C VAL A 86 0.71 -12.98 -1.61
N PRO A 87 -0.45 -13.49 -2.06
CA PRO A 87 -0.75 -13.61 -3.50
C PRO A 87 -0.97 -12.25 -4.16
N ARG A 88 -0.71 -12.15 -5.43
CA ARG A 88 -0.91 -10.86 -6.13
C ARG A 88 0.04 -9.81 -5.55
N VAL A 89 1.29 -10.14 -5.38
CA VAL A 89 2.26 -9.16 -4.82
C VAL A 89 3.47 -9.04 -5.75
N MET A 90 3.77 -7.85 -6.20
CA MET A 90 4.94 -7.68 -7.11
C MET A 90 6.22 -7.68 -6.29
N GLY A 91 6.28 -6.89 -5.25
CA GLY A 91 7.51 -6.86 -4.40
C GLY A 91 7.49 -5.60 -3.53
N PHE A 92 8.62 -5.20 -3.02
CA PHE A 92 8.66 -3.99 -2.15
C PHE A 92 9.36 -2.86 -2.90
N ILE A 93 9.16 -1.64 -2.46
CA ILE A 93 9.83 -0.48 -3.14
C ILE A 93 10.75 0.21 -2.14
N GLY A 94 11.95 0.53 -2.54
CA GLY A 94 12.89 1.21 -1.61
C GLY A 94 14.30 1.20 -2.21
N GLY A 95 15.30 1.03 -1.39
CA GLY A 95 16.70 1.03 -1.89
C GLY A 95 16.92 -0.21 -2.78
N THR A 96 16.58 -1.37 -2.29
CA THR A 96 16.78 -2.61 -3.10
C THR A 96 15.46 -3.38 -3.19
N SER A 97 15.45 -4.49 -3.88
CA SER A 97 14.20 -5.29 -4.00
C SER A 97 14.19 -6.37 -2.93
N ASP A 98 14.93 -6.17 -1.88
CA ASP A 98 14.97 -7.18 -0.79
C ASP A 98 14.91 -6.47 0.57
N ARG A 99 14.71 -5.18 0.57
CA ARG A 99 14.63 -4.42 1.84
C ARG A 99 14.16 -3.00 1.56
N PRO A 100 12.86 -2.76 1.70
CA PRO A 100 12.26 -1.43 1.44
C PRO A 100 12.71 -0.40 2.49
N ALA A 101 13.41 0.62 2.06
CA ALA A 101 13.86 1.66 3.02
C ALA A 101 12.64 2.41 3.58
N PRO A 102 12.74 2.87 4.84
CA PRO A 102 11.65 3.60 5.49
C PRO A 102 11.44 4.99 4.88
N ILE A 103 10.24 5.51 4.96
CA ILE A 103 9.98 6.85 4.38
C ILE A 103 9.35 7.75 5.44
N SER A 104 9.42 9.04 5.25
CA SER A 104 8.82 9.97 6.26
C SER A 104 7.30 9.95 6.12
N ASP A 105 6.60 10.24 7.19
CA ASP A 105 5.11 10.23 7.13
C ASP A 105 4.64 11.31 6.14
N LYS A 106 5.35 12.39 6.03
CA LYS A 106 4.95 13.46 5.08
C LYS A 106 4.97 12.91 3.66
N GLU A 107 5.91 12.05 3.36
CA GLU A 107 5.97 11.47 1.99
C GLU A 107 4.70 10.67 1.70
N VAL A 108 4.23 9.93 2.67
CA VAL A 108 2.99 9.13 2.46
C VAL A 108 1.80 10.07 2.25
N ASP A 109 1.78 11.17 2.94
CA ASP A 109 0.66 12.13 2.78
C ASP A 109 0.71 12.76 1.39
N ALA A 110 1.90 12.92 0.86
CA ALA A 110 2.02 13.53 -0.49
C ALA A 110 1.43 12.58 -1.54
N ILE A 111 1.66 11.30 -1.39
CA ILE A 111 1.11 10.33 -2.38
C ILE A 111 -0.41 10.51 -2.48
N MET A 112 -1.08 10.50 -1.36
CA MET A 112 -2.56 10.67 -1.39
C MET A 112 -2.91 12.02 -2.01
N ASN A 113 -2.11 13.02 -1.76
CA ASN A 113 -2.39 14.36 -2.33
C ASN A 113 -2.43 14.27 -3.86
N ARG A 114 -1.65 13.39 -4.42
CA ARG A 114 -1.64 13.25 -5.91
C ARG A 114 -3.06 12.92 -6.41
N LEU A 115 -3.74 12.03 -5.73
CA LEU A 115 -5.12 11.66 -6.16
C LEU A 115 -5.98 12.92 -6.23
N GLN A 116 -5.87 13.79 -5.27
CA GLN A 116 -6.69 15.04 -5.28
C GLN A 116 -6.26 15.91 -6.46
N GLN A 117 -5.02 15.82 -6.86
CA GLN A 117 -4.55 16.66 -8.00
C GLN A 117 -5.18 16.15 -9.30
N VAL A 118 -5.65 17.04 -10.13
CA VAL A 118 -6.28 16.62 -11.41
C VAL A 118 -5.67 17.42 -12.57
N GLY A 119 -5.63 16.84 -13.75
CA GLY A 119 -5.06 17.57 -14.90
C GLY A 119 -5.78 18.91 -15.09
N ASP A 120 -6.99 18.99 -14.63
CA ASP A 120 -7.76 20.27 -14.78
C ASP A 120 -8.13 20.81 -13.40
N LYS A 121 -8.28 22.10 -13.28
CA LYS A 121 -8.63 22.68 -11.95
C LYS A 121 -9.93 23.49 -12.08
N PRO A 122 -11.07 22.79 -12.21
CA PRO A 122 -12.38 23.44 -12.33
C PRO A 122 -12.81 24.13 -11.04
N ARG A 123 -12.21 23.79 -9.94
CA ARG A 123 -12.59 24.42 -8.65
C ARG A 123 -11.36 25.14 -8.06
N MET A 1 14.27 0.13 27.96
CA MET A 1 15.21 -0.10 26.82
C MET A 1 14.41 -0.30 25.53
N SER A 2 13.34 -1.05 25.59
CA SER A 2 12.52 -1.28 24.37
C SER A 2 12.03 0.06 23.83
N GLU A 3 11.77 1.00 24.69
CA GLU A 3 11.28 2.33 24.23
C GLU A 3 10.18 2.14 23.19
N ALA A 4 9.49 1.04 23.25
CA ALA A 4 8.39 0.79 22.27
C ALA A 4 8.97 0.74 20.87
N PRO A 5 8.47 -0.18 20.03
CA PRO A 5 8.94 -0.34 18.65
C PRO A 5 8.50 0.83 17.76
N LYS A 6 9.36 1.27 16.88
CA LYS A 6 8.98 2.41 15.99
C LYS A 6 8.35 1.87 14.71
N LYS A 7 7.23 2.40 14.31
CA LYS A 7 6.57 1.91 13.07
C LYS A 7 7.02 2.76 11.88
N ARG A 8 7.25 2.14 10.75
CA ARG A 8 7.69 2.91 9.56
C ARG A 8 6.76 2.62 8.39
N TRP A 9 6.64 3.54 7.46
CA TRP A 9 5.75 3.30 6.29
C TRP A 9 6.55 2.65 5.15
N TYR A 10 6.03 1.57 4.61
CA TYR A 10 6.76 0.89 3.50
C TYR A 10 5.85 0.81 2.27
N VAL A 11 6.42 0.73 1.10
CA VAL A 11 5.58 0.65 -0.13
C VAL A 11 5.32 -0.82 -0.47
N VAL A 12 4.19 -1.10 -1.05
CA VAL A 12 3.87 -2.51 -1.41
C VAL A 12 3.50 -2.60 -2.89
N GLN A 13 4.20 -3.39 -3.65
CA GLN A 13 3.89 -3.50 -5.10
C GLN A 13 2.79 -4.54 -5.30
N ALA A 14 1.80 -4.22 -6.08
CA ALA A 14 0.70 -5.19 -6.32
C ALA A 14 0.26 -5.14 -7.79
N PHE A 15 -0.43 -6.14 -8.26
CA PHE A 15 -0.87 -6.14 -9.68
C PHE A 15 -1.97 -5.08 -9.87
N SER A 16 -2.01 -4.46 -11.01
CA SER A 16 -3.05 -3.42 -11.26
C SER A 16 -4.43 -4.06 -11.14
N GLY A 17 -5.37 -3.37 -10.53
CA GLY A 17 -6.74 -3.94 -10.39
C GLY A 17 -6.85 -4.70 -9.07
N PHE A 18 -5.77 -5.26 -8.61
CA PHE A 18 -5.80 -6.01 -7.32
C PHE A 18 -5.18 -5.17 -6.22
N GLU A 19 -4.87 -3.93 -6.50
CA GLU A 19 -4.26 -3.05 -5.45
C GLU A 19 -5.13 -3.09 -4.19
N GLY A 20 -6.40 -3.28 -4.34
CA GLY A 20 -7.30 -3.32 -3.15
C GLY A 20 -7.39 -4.76 -2.62
N ARG A 21 -7.78 -5.68 -3.47
CA ARG A 21 -7.89 -7.09 -3.02
C ARG A 21 -6.54 -7.55 -2.43
N VAL A 22 -5.46 -7.07 -2.98
CA VAL A 22 -4.13 -7.49 -2.46
C VAL A 22 -4.03 -7.12 -0.97
N ALA A 23 -4.55 -5.99 -0.60
CA ALA A 23 -4.49 -5.58 0.83
C ALA A 23 -5.31 -6.55 1.68
N THR A 24 -6.38 -7.05 1.15
CA THR A 24 -7.23 -8.01 1.93
C THR A 24 -6.42 -9.26 2.24
N SER A 25 -5.55 -9.65 1.35
CA SER A 25 -4.73 -10.86 1.59
C SER A 25 -3.81 -10.64 2.79
N LEU A 26 -3.36 -9.42 2.99
CA LEU A 26 -2.46 -9.14 4.14
C LEU A 26 -3.19 -9.47 5.45
N ARG A 27 -4.42 -9.07 5.57
CA ARG A 27 -5.18 -9.36 6.83
C ARG A 27 -5.22 -10.87 7.06
N GLU A 28 -5.43 -11.63 6.03
CA GLU A 28 -5.49 -13.11 6.20
C GLU A 28 -4.10 -13.65 6.55
N HIS A 29 -3.14 -13.44 5.69
CA HIS A 29 -1.76 -13.93 5.98
C HIS A 29 -1.29 -13.39 7.33
N ILE A 30 -1.48 -12.12 7.55
CA ILE A 30 -1.05 -11.53 8.86
C ILE A 30 -1.89 -12.10 9.99
N LYS A 31 -3.18 -12.18 9.80
CA LYS A 31 -4.06 -12.74 10.87
C LYS A 31 -3.62 -14.17 11.20
N LEU A 32 -3.31 -14.94 10.20
CA LEU A 32 -2.88 -16.34 10.46
C LEU A 32 -1.49 -16.34 11.11
N HIS A 33 -0.54 -15.68 10.50
CA HIS A 33 0.83 -15.64 11.09
C HIS A 33 0.83 -14.70 12.30
N ASN A 34 -0.25 -14.01 12.55
CA ASN A 34 -0.29 -13.09 13.71
C ASN A 34 0.77 -12.00 13.54
N MET A 35 0.87 -11.42 12.37
CA MET A 35 1.89 -10.37 12.15
C MET A 35 1.28 -8.99 12.45
N GLU A 36 0.02 -8.95 12.78
CA GLU A 36 -0.63 -7.64 13.09
C GLU A 36 0.30 -6.80 13.97
N ASP A 37 0.96 -7.42 14.90
CA ASP A 37 1.88 -6.66 15.79
C ASP A 37 2.85 -5.83 14.93
N LEU A 38 3.37 -6.39 13.88
CA LEU A 38 4.30 -5.63 13.01
C LEU A 38 3.52 -4.61 12.19
N PHE A 39 2.40 -5.00 11.66
CA PHE A 39 1.59 -4.06 10.85
C PHE A 39 0.90 -3.05 11.78
N GLY A 40 0.89 -1.80 11.41
CA GLY A 40 0.24 -0.77 12.27
C GLY A 40 -1.01 -0.24 11.58
N GLU A 41 -0.85 0.45 10.49
CA GLU A 41 -2.03 0.99 9.76
C GLU A 41 -1.86 0.77 8.25
N VAL A 42 -2.94 0.65 7.54
CA VAL A 42 -2.84 0.44 6.07
C VAL A 42 -3.49 1.62 5.34
N MET A 43 -2.98 1.95 4.19
CA MET A 43 -3.56 3.10 3.42
C MET A 43 -4.04 2.60 2.05
N VAL A 44 -5.15 3.11 1.60
CA VAL A 44 -5.68 2.67 0.27
C VAL A 44 -6.46 3.82 -0.36
N PRO A 45 -5.78 4.64 -1.18
CA PRO A 45 -6.41 5.79 -1.86
C PRO A 45 -7.37 5.32 -2.96
N THR A 46 -7.41 4.05 -3.23
CA THR A 46 -8.33 3.56 -4.29
C THR A 46 -9.74 3.41 -3.72
N GLU A 47 -10.74 3.44 -4.56
CA GLU A 47 -12.14 3.30 -4.06
C GLU A 47 -12.35 4.24 -2.87
N GLU A 48 -12.27 5.52 -3.09
CA GLU A 48 -12.47 6.49 -1.97
C GLU A 48 -13.86 6.29 -1.37
N VAL A 49 -14.83 5.96 -2.20
CA VAL A 49 -16.21 5.75 -1.67
C VAL A 49 -16.65 4.32 -1.95
N VAL A 50 -17.17 3.64 -0.97
CA VAL A 50 -17.62 2.24 -1.19
C VAL A 50 -18.91 2.25 -2.01
N GLU A 51 -19.68 3.29 -1.92
CA GLU A 51 -20.95 3.37 -2.70
C GLU A 51 -20.62 3.42 -4.20
N ILE A 52 -19.69 4.25 -4.58
CA ILE A 52 -19.31 4.35 -6.02
C ILE A 52 -17.83 4.05 -6.18
N ARG A 53 -17.50 2.84 -6.53
CA ARG A 53 -16.07 2.46 -6.70
C ARG A 53 -15.36 3.53 -7.54
N GLY A 54 -16.03 4.08 -8.52
CA GLY A 54 -15.39 5.12 -9.37
C GLY A 54 -14.90 4.49 -10.67
N GLY A 55 -14.13 5.23 -11.43
CA GLY A 55 -13.62 4.67 -12.72
C GLY A 55 -14.69 4.83 -13.80
N GLN A 56 -15.21 6.01 -13.96
CA GLN A 56 -16.26 6.23 -15.00
C GLN A 56 -15.72 5.82 -16.37
N ARG A 57 -14.47 6.09 -16.64
CA ARG A 57 -13.90 5.72 -17.96
C ARG A 57 -13.89 4.20 -18.10
N ARG A 58 -14.07 3.70 -19.29
CA ARG A 58 -14.08 2.22 -19.49
C ARG A 58 -12.75 1.63 -19.02
N LYS A 59 -11.68 2.35 -19.18
CA LYS A 59 -10.36 1.83 -18.74
C LYS A 59 -10.41 1.51 -17.24
N SER A 60 -11.12 2.30 -16.49
CA SER A 60 -11.21 2.05 -15.03
C SER A 60 -9.82 1.75 -14.46
N GLU A 61 -8.82 2.44 -14.95
CA GLU A 61 -7.44 2.20 -14.44
C GLU A 61 -7.05 3.31 -13.47
N ARG A 62 -6.11 3.05 -12.60
CA ARG A 62 -5.69 4.09 -11.63
C ARG A 62 -4.23 4.48 -11.89
N LYS A 63 -4.00 5.41 -12.79
CA LYS A 63 -2.61 5.82 -13.08
C LYS A 63 -1.98 6.45 -11.83
N PHE A 64 -2.79 7.01 -10.98
CA PHE A 64 -2.25 7.64 -9.74
C PHE A 64 -1.67 6.55 -8.83
N PHE A 65 -2.32 5.43 -8.75
CA PHE A 65 -1.79 4.34 -7.88
C PHE A 65 -1.85 3.01 -8.64
N PRO A 66 -0.94 2.82 -9.60
CA PRO A 66 -0.88 1.60 -10.40
C PRO A 66 -0.39 0.39 -9.58
N GLY A 67 -1.21 -0.11 -8.70
CA GLY A 67 -0.78 -1.27 -7.88
C GLY A 67 0.14 -0.80 -6.75
N TYR A 68 0.00 0.43 -6.34
CA TYR A 68 0.87 0.94 -5.25
C TYR A 68 0.04 1.15 -3.98
N VAL A 69 0.45 0.57 -2.88
CA VAL A 69 -0.32 0.74 -1.62
C VAL A 69 0.65 1.06 -0.47
N LEU A 70 0.24 1.90 0.43
CA LEU A 70 1.14 2.25 1.57
C LEU A 70 0.66 1.53 2.84
N VAL A 71 1.55 0.92 3.56
CA VAL A 71 1.15 0.20 4.80
C VAL A 71 2.24 0.34 5.85
N GLN A 72 1.92 0.88 6.99
CA GLN A 72 2.94 1.05 8.06
C GLN A 72 3.15 -0.30 8.76
N MET A 73 4.39 -0.70 8.91
CA MET A 73 4.66 -2.02 9.57
C MET A 73 6.12 -2.07 10.01
N VAL A 74 6.42 -2.86 11.02
CA VAL A 74 7.83 -2.97 11.48
C VAL A 74 8.66 -3.70 10.43
N MET A 75 9.93 -3.40 10.35
CA MET A 75 10.78 -4.08 9.34
C MET A 75 11.47 -5.29 9.98
N ASN A 76 11.11 -6.48 9.56
CA ASN A 76 11.74 -7.70 10.14
C ASN A 76 11.81 -8.79 9.07
N ASP A 77 12.52 -9.85 9.34
CA ASP A 77 12.63 -10.95 8.33
C ASP A 77 11.30 -11.71 8.25
N ALA A 78 10.58 -11.78 9.34
CA ALA A 78 9.29 -12.50 9.33
C ALA A 78 8.32 -11.80 8.38
N SER A 79 7.99 -10.56 8.65
CA SER A 79 7.05 -9.83 7.76
C SER A 79 7.54 -9.89 6.31
N TRP A 80 8.81 -9.61 6.10
CA TRP A 80 9.35 -9.65 4.71
C TRP A 80 8.84 -10.91 4.00
N HIS A 81 8.95 -12.05 4.62
CA HIS A 81 8.47 -13.30 3.98
C HIS A 81 6.95 -13.27 3.87
N LEU A 82 6.28 -12.77 4.88
CA LEU A 82 4.80 -12.71 4.84
C LEU A 82 4.35 -11.93 3.60
N VAL A 83 4.96 -10.81 3.32
CA VAL A 83 4.56 -10.01 2.15
C VAL A 83 4.81 -10.82 0.87
N ARG A 84 5.98 -11.41 0.74
CA ARG A 84 6.28 -12.21 -0.48
C ARG A 84 5.31 -13.39 -0.56
N SER A 85 4.98 -13.98 0.56
CA SER A 85 4.05 -15.14 0.54
C SER A 85 2.66 -14.68 0.08
N VAL A 86 2.34 -13.43 0.31
CA VAL A 86 1.00 -12.92 -0.11
C VAL A 86 0.89 -12.96 -1.64
N PRO A 87 -0.19 -13.54 -2.15
CA PRO A 87 -0.42 -13.65 -3.60
C PRO A 87 -0.74 -12.29 -4.23
N ARG A 88 -0.60 -12.17 -5.52
CA ARG A 88 -0.88 -10.87 -6.18
C ARG A 88 0.06 -9.80 -5.63
N VAL A 89 1.28 -10.15 -5.33
CA VAL A 89 2.24 -9.15 -4.79
C VAL A 89 3.55 -9.20 -5.60
N MET A 90 3.87 -8.15 -6.29
CA MET A 90 5.13 -8.14 -7.09
C MET A 90 6.33 -8.12 -6.15
N GLY A 91 6.29 -7.31 -5.12
CA GLY A 91 7.42 -7.24 -4.17
C GLY A 91 7.38 -5.91 -3.41
N PHE A 92 8.52 -5.38 -3.08
CA PHE A 92 8.54 -4.08 -2.34
C PHE A 92 9.02 -2.96 -3.26
N ILE A 93 8.79 -1.74 -2.90
CA ILE A 93 9.22 -0.60 -3.76
C ILE A 93 10.20 0.28 -2.98
N GLY A 94 11.38 0.49 -3.53
CA GLY A 94 12.38 1.33 -2.81
C GLY A 94 13.79 0.82 -3.13
N GLY A 95 14.66 0.83 -2.15
CA GLY A 95 16.05 0.34 -2.41
C GLY A 95 16.02 -0.94 -3.24
N THR A 96 15.94 -2.07 -2.59
CA THR A 96 15.90 -3.36 -3.36
C THR A 96 14.66 -4.15 -2.96
N SER A 97 14.48 -5.31 -3.53
CA SER A 97 13.27 -6.14 -3.19
C SER A 97 13.61 -7.06 -2.02
N ASP A 98 14.60 -6.71 -1.26
CA ASP A 98 14.99 -7.56 -0.09
C ASP A 98 14.83 -6.74 1.19
N ARG A 99 14.88 -5.44 1.07
CA ARG A 99 14.73 -4.56 2.26
C ARG A 99 14.23 -3.19 1.81
N PRO A 100 12.91 -2.97 1.88
CA PRO A 100 12.30 -1.70 1.47
C PRO A 100 12.74 -0.53 2.35
N ALA A 101 13.36 0.47 1.77
CA ALA A 101 13.82 1.64 2.56
C ALA A 101 12.61 2.39 3.12
N PRO A 102 12.72 2.88 4.35
CA PRO A 102 11.64 3.64 5.01
C PRO A 102 11.44 5.02 4.39
N ILE A 103 10.26 5.56 4.49
CA ILE A 103 10.01 6.91 3.91
C ILE A 103 9.47 7.84 5.00
N SER A 104 9.60 9.12 4.81
CA SER A 104 9.10 10.07 5.85
C SER A 104 7.57 10.05 5.86
N ASP A 105 6.97 10.27 7.01
CA ASP A 105 5.49 10.24 7.08
C ASP A 105 4.91 11.31 6.15
N LYS A 106 5.56 12.45 6.06
CA LYS A 106 5.06 13.52 5.15
C LYS A 106 5.03 13.00 3.72
N GLU A 107 6.02 12.25 3.33
CA GLU A 107 6.06 11.73 1.94
C GLU A 107 4.82 10.87 1.68
N VAL A 108 4.44 10.05 2.63
CA VAL A 108 3.25 9.19 2.44
C VAL A 108 2.01 10.08 2.25
N ASP A 109 1.94 11.18 2.94
CA ASP A 109 0.77 12.09 2.80
C ASP A 109 0.80 12.74 1.42
N ALA A 110 1.98 13.01 0.90
CA ALA A 110 2.08 13.65 -0.43
C ALA A 110 1.53 12.69 -1.50
N ILE A 111 1.83 11.43 -1.37
CA ILE A 111 1.33 10.44 -2.37
C ILE A 111 -0.20 10.53 -2.46
N MET A 112 -0.87 10.44 -1.34
CA MET A 112 -2.36 10.51 -1.36
C MET A 112 -2.80 11.87 -1.91
N ASN A 113 -2.09 12.91 -1.56
CA ASN A 113 -2.47 14.26 -2.07
C ASN A 113 -2.58 14.22 -3.60
N ARG A 114 -1.72 13.49 -4.24
CA ARG A 114 -1.77 13.40 -5.74
C ARG A 114 -3.20 13.06 -6.17
N LEU A 115 -3.77 12.04 -5.59
CA LEU A 115 -5.15 11.64 -5.98
C LEU A 115 -6.05 12.89 -6.00
N GLN A 116 -5.94 13.72 -4.99
CA GLN A 116 -6.78 14.95 -4.95
C GLN A 116 -6.44 15.84 -6.14
N GLN A 117 -5.24 15.75 -6.65
CA GLN A 117 -4.85 16.60 -7.81
C GLN A 117 -5.45 16.02 -9.09
N VAL A 118 -6.13 16.83 -9.86
CA VAL A 118 -6.73 16.32 -11.12
C VAL A 118 -6.14 17.08 -12.31
N GLY A 119 -5.75 16.38 -13.33
CA GLY A 119 -5.15 17.06 -14.52
C GLY A 119 -6.03 18.26 -14.91
N ASP A 120 -5.70 19.43 -14.45
CA ASP A 120 -6.50 20.62 -14.79
C ASP A 120 -5.98 21.25 -16.09
N LYS A 121 -5.09 20.57 -16.76
CA LYS A 121 -4.53 21.12 -18.03
C LYS A 121 -5.65 21.23 -19.07
N PRO A 122 -5.69 22.35 -19.80
CA PRO A 122 -6.70 22.58 -20.84
C PRO A 122 -6.51 21.66 -22.05
N ARG A 123 -5.33 21.12 -22.20
CA ARG A 123 -5.08 20.21 -23.36
C ARG A 123 -4.26 19.01 -22.90
N MET A 1 13.92 -2.58 24.93
CA MET A 1 12.63 -2.37 24.20
C MET A 1 11.99 -1.06 24.66
N SER A 2 11.11 -0.51 23.88
CA SER A 2 10.45 0.76 24.27
C SER A 2 8.94 0.56 24.35
N GLU A 3 8.31 1.13 25.34
CA GLU A 3 6.83 0.96 25.47
C GLU A 3 6.14 1.44 24.19
N ALA A 4 6.68 2.46 23.57
CA ALA A 4 6.06 2.97 22.32
C ALA A 4 7.11 2.98 21.20
N PRO A 5 7.21 1.87 20.46
CA PRO A 5 8.17 1.74 19.35
C PRO A 5 7.78 2.62 18.16
N LYS A 6 8.75 3.12 17.44
CA LYS A 6 8.44 3.98 16.27
C LYS A 6 8.06 3.09 15.08
N LYS A 7 7.03 3.45 14.35
CA LYS A 7 6.62 2.63 13.18
C LYS A 7 7.07 3.32 11.89
N ARG A 8 7.40 2.56 10.89
CA ARG A 8 7.85 3.17 9.60
C ARG A 8 6.86 2.78 8.49
N TRP A 9 6.75 3.60 7.48
CA TRP A 9 5.81 3.28 6.37
C TRP A 9 6.58 2.67 5.20
N TYR A 10 6.11 1.58 4.65
CA TYR A 10 6.82 0.95 3.51
C TYR A 10 5.87 0.85 2.32
N VAL A 11 6.36 1.06 1.13
CA VAL A 11 5.48 0.98 -0.07
C VAL A 11 5.42 -0.47 -0.56
N VAL A 12 4.29 -0.88 -1.08
CA VAL A 12 4.16 -2.28 -1.58
C VAL A 12 3.68 -2.25 -3.03
N GLN A 13 4.40 -2.88 -3.92
CA GLN A 13 3.98 -2.89 -5.36
C GLN A 13 3.02 -4.05 -5.60
N ALA A 14 1.92 -3.80 -6.25
CA ALA A 14 0.94 -4.90 -6.52
C ALA A 14 0.40 -4.74 -7.94
N PHE A 15 -0.24 -5.76 -8.46
CA PHE A 15 -0.79 -5.67 -9.84
C PHE A 15 -1.97 -4.69 -9.85
N SER A 16 -2.08 -3.89 -10.88
CA SER A 16 -3.20 -2.91 -10.94
C SER A 16 -4.52 -3.67 -11.08
N GLY A 17 -5.59 -3.12 -10.56
CA GLY A 17 -6.91 -3.80 -10.66
C GLY A 17 -7.10 -4.71 -9.45
N PHE A 18 -6.04 -5.29 -8.95
CA PHE A 18 -6.17 -6.19 -7.78
C PHE A 18 -5.55 -5.51 -6.55
N GLU A 19 -5.20 -4.26 -6.65
CA GLU A 19 -4.60 -3.55 -5.50
C GLU A 19 -5.55 -3.62 -4.30
N GLY A 20 -6.82 -3.49 -4.55
CA GLY A 20 -7.80 -3.55 -3.42
C GLY A 20 -7.78 -4.95 -2.80
N ARG A 21 -7.92 -5.97 -3.60
CA ARG A 21 -7.90 -7.35 -3.05
C ARG A 21 -6.54 -7.63 -2.41
N VAL A 22 -5.48 -7.15 -3.02
CA VAL A 22 -4.13 -7.40 -2.45
C VAL A 22 -4.08 -6.88 -1.01
N ALA A 23 -4.70 -5.76 -0.75
CA ALA A 23 -4.69 -5.20 0.63
C ALA A 23 -5.44 -6.15 1.57
N THR A 24 -6.49 -6.75 1.10
CA THR A 24 -7.26 -7.69 1.96
C THR A 24 -6.39 -8.90 2.29
N SER A 25 -5.63 -9.37 1.35
CA SER A 25 -4.76 -10.55 1.60
C SER A 25 -3.78 -10.23 2.73
N LEU A 26 -3.28 -9.03 2.77
CA LEU A 26 -2.32 -8.65 3.85
C LEU A 26 -2.97 -8.89 5.21
N ARG A 27 -4.17 -8.40 5.40
CA ARG A 27 -4.86 -8.60 6.71
C ARG A 27 -5.15 -10.09 6.91
N GLU A 28 -5.49 -10.78 5.86
CA GLU A 28 -5.79 -12.24 5.99
C GLU A 28 -4.51 -12.99 6.37
N HIS A 29 -3.42 -12.68 5.73
CA HIS A 29 -2.15 -13.37 6.07
C HIS A 29 -1.64 -12.89 7.42
N ILE A 30 -1.54 -11.61 7.61
CA ILE A 30 -1.06 -11.08 8.92
C ILE A 30 -1.96 -11.61 10.04
N LYS A 31 -3.25 -11.57 9.86
CA LYS A 31 -4.17 -12.08 10.92
C LYS A 31 -3.81 -13.53 11.25
N LEU A 32 -3.67 -14.36 10.25
CA LEU A 32 -3.33 -15.78 10.50
C LEU A 32 -1.93 -15.87 11.15
N HIS A 33 -0.96 -15.24 10.55
CA HIS A 33 0.42 -15.29 11.12
C HIS A 33 0.49 -14.38 12.35
N ASN A 34 -0.58 -13.71 12.67
CA ASN A 34 -0.56 -12.81 13.86
C ASN A 34 0.58 -11.82 13.73
N MET A 35 0.74 -11.23 12.58
CA MET A 35 1.85 -10.24 12.39
C MET A 35 1.29 -8.82 12.54
N GLU A 36 0.04 -8.69 12.88
CA GLU A 36 -0.55 -7.33 13.05
C GLU A 36 0.21 -6.58 14.14
N ASP A 37 0.94 -7.27 14.95
CA ASP A 37 1.70 -6.57 16.03
C ASP A 37 2.72 -5.61 15.42
N LEU A 38 3.36 -6.02 14.35
CA LEU A 38 4.36 -5.12 13.70
C LEU A 38 3.64 -4.20 12.71
N PHE A 39 2.58 -4.68 12.11
CA PHE A 39 1.83 -3.84 11.13
C PHE A 39 0.99 -2.81 11.89
N GLY A 40 1.05 -1.57 11.48
CA GLY A 40 0.25 -0.52 12.17
C GLY A 40 -1.05 -0.28 11.41
N GLU A 41 -0.99 0.44 10.34
CA GLU A 41 -2.23 0.70 9.55
C GLU A 41 -1.93 0.60 8.05
N VAL A 42 -2.78 -0.04 7.30
CA VAL A 42 -2.54 -0.16 5.84
C VAL A 42 -3.34 0.91 5.09
N MET A 43 -2.80 1.45 4.04
CA MET A 43 -3.51 2.50 3.27
C MET A 43 -3.98 1.93 1.94
N VAL A 44 -5.16 2.29 1.50
CA VAL A 44 -5.67 1.76 0.20
C VAL A 44 -6.33 2.89 -0.58
N PRO A 45 -5.52 3.68 -1.31
CA PRO A 45 -6.02 4.81 -2.11
C PRO A 45 -6.82 4.33 -3.33
N THR A 46 -7.84 3.55 -3.13
CA THR A 46 -8.66 3.05 -4.26
C THR A 46 -10.14 3.24 -3.97
N GLU A 47 -10.97 3.21 -4.97
CA GLU A 47 -12.43 3.39 -4.74
C GLU A 47 -13.09 2.03 -4.50
N GLU A 48 -13.98 1.95 -3.56
CA GLU A 48 -14.66 0.65 -3.28
C GLU A 48 -15.50 0.23 -4.49
N VAL A 49 -16.05 1.18 -5.20
CA VAL A 49 -16.87 0.83 -6.39
C VAL A 49 -16.50 1.75 -7.55
N VAL A 50 -16.57 1.26 -8.75
CA VAL A 50 -16.21 2.12 -9.93
C VAL A 50 -17.39 2.16 -10.89
N GLU A 51 -17.47 3.19 -11.69
CA GLU A 51 -18.59 3.31 -12.66
C GLU A 51 -18.09 3.01 -14.08
N ILE A 52 -18.77 2.17 -14.79
CA ILE A 52 -18.33 1.84 -16.18
C ILE A 52 -18.49 3.07 -17.07
N ARG A 53 -19.53 3.83 -16.88
CA ARG A 53 -19.74 5.04 -17.71
C ARG A 53 -18.56 6.00 -17.52
N GLY A 54 -18.26 6.79 -18.52
CA GLY A 54 -17.13 7.74 -18.40
C GLY A 54 -15.92 7.20 -19.18
N GLY A 55 -16.01 6.00 -19.68
CA GLY A 55 -14.88 5.42 -20.45
C GLY A 55 -15.16 3.95 -20.74
N GLN A 56 -14.29 3.30 -21.46
CA GLN A 56 -14.51 1.87 -21.79
C GLN A 56 -13.31 1.05 -21.30
N ARG A 57 -13.53 -0.21 -21.00
CA ARG A 57 -12.40 -1.06 -20.51
C ARG A 57 -11.32 -1.14 -21.58
N ARG A 58 -11.71 -1.05 -22.83
CA ARG A 58 -10.69 -1.10 -23.93
C ARG A 58 -9.72 0.07 -23.81
N LYS A 59 -10.23 1.22 -23.44
CA LYS A 59 -9.33 2.41 -23.30
C LYS A 59 -9.53 3.04 -21.92
N SER A 60 -8.48 3.32 -21.23
CA SER A 60 -8.60 3.94 -19.88
C SER A 60 -8.20 5.41 -19.95
N GLU A 61 -8.94 6.27 -19.31
CA GLU A 61 -8.60 7.72 -19.33
C GLU A 61 -8.41 8.22 -17.90
N ARG A 62 -7.66 7.50 -17.11
CA ARG A 62 -7.42 7.94 -15.70
C ARG A 62 -5.93 8.13 -15.47
N LYS A 63 -5.56 9.13 -14.71
CA LYS A 63 -4.11 9.37 -14.45
C LYS A 63 -3.72 8.77 -13.11
N PHE A 64 -4.60 7.99 -12.52
CA PHE A 64 -4.27 7.36 -11.20
C PHE A 64 -3.13 6.35 -11.39
N PHE A 65 -2.40 6.07 -10.36
CA PHE A 65 -1.27 5.11 -10.48
C PHE A 65 -1.54 3.90 -9.57
N PRO A 66 -2.37 2.95 -10.03
CA PRO A 66 -2.70 1.75 -9.27
C PRO A 66 -1.52 0.80 -9.15
N GLY A 67 -1.51 -0.04 -8.14
CA GLY A 67 -0.37 -0.98 -7.97
C GLY A 67 0.55 -0.48 -6.85
N TYR A 68 0.21 0.62 -6.24
CA TYR A 68 1.07 1.15 -5.14
C TYR A 68 0.25 1.26 -3.86
N VAL A 69 0.68 0.62 -2.80
CA VAL A 69 -0.08 0.67 -1.52
C VAL A 69 0.88 1.03 -0.38
N LEU A 70 0.42 1.82 0.56
CA LEU A 70 1.30 2.19 1.70
C LEU A 70 0.91 1.38 2.93
N VAL A 71 1.86 0.75 3.57
CA VAL A 71 1.53 -0.06 4.77
C VAL A 71 2.59 0.18 5.86
N GLN A 72 2.16 0.53 7.05
CA GLN A 72 3.14 0.78 8.14
C GLN A 72 3.51 -0.54 8.81
N MET A 73 4.76 -0.73 9.11
CA MET A 73 5.18 -2.01 9.76
C MET A 73 6.68 -1.96 10.08
N VAL A 74 7.10 -2.63 11.11
CA VAL A 74 8.55 -2.61 11.46
C VAL A 74 9.32 -3.51 10.50
N MET A 75 10.29 -2.98 9.82
CA MET A 75 11.08 -3.79 8.85
C MET A 75 11.59 -5.05 9.56
N ASN A 76 11.11 -6.20 9.17
CA ASN A 76 11.58 -7.46 9.80
C ASN A 76 11.59 -8.58 8.76
N ASP A 77 12.29 -9.65 9.03
CA ASP A 77 12.34 -10.77 8.06
C ASP A 77 11.00 -11.51 8.06
N ALA A 78 10.31 -11.48 9.16
CA ALA A 78 8.99 -12.18 9.23
C ALA A 78 8.02 -11.55 8.22
N SER A 79 7.70 -10.30 8.39
CA SER A 79 6.77 -9.63 7.44
C SER A 79 7.29 -9.81 6.00
N TRP A 80 8.53 -9.48 5.76
CA TRP A 80 9.08 -9.62 4.39
C TRP A 80 8.66 -10.97 3.80
N HIS A 81 8.95 -12.05 4.48
CA HIS A 81 8.56 -13.38 3.95
C HIS A 81 7.04 -13.45 3.79
N LEU A 82 6.31 -12.91 4.73
CA LEU A 82 4.82 -12.94 4.63
C LEU A 82 4.38 -12.20 3.37
N VAL A 83 5.06 -11.15 3.01
CA VAL A 83 4.67 -10.39 1.79
C VAL A 83 4.80 -11.31 0.56
N ARG A 84 5.87 -12.05 0.47
CA ARG A 84 6.04 -12.96 -0.70
C ARG A 84 4.87 -13.94 -0.76
N SER A 85 4.43 -14.44 0.35
CA SER A 85 3.30 -15.40 0.34
C SER A 85 2.04 -14.69 -0.15
N VAL A 86 1.95 -13.39 0.04
CA VAL A 86 0.76 -12.65 -0.43
C VAL A 86 0.63 -12.77 -1.95
N PRO A 87 -0.51 -13.28 -2.43
CA PRO A 87 -0.76 -13.45 -3.87
C PRO A 87 -0.95 -12.11 -4.58
N ARG A 88 -0.60 -12.03 -5.82
CA ARG A 88 -0.75 -10.75 -6.57
C ARG A 88 0.11 -9.67 -5.92
N VAL A 89 1.36 -9.95 -5.71
CA VAL A 89 2.26 -8.95 -5.07
C VAL A 89 3.50 -8.74 -5.96
N MET A 90 3.67 -7.55 -6.47
CA MET A 90 4.85 -7.27 -7.33
C MET A 90 6.13 -7.40 -6.50
N GLY A 91 6.15 -6.82 -5.33
CA GLY A 91 7.36 -6.90 -4.47
C GLY A 91 7.39 -5.70 -3.52
N PHE A 92 8.57 -5.24 -3.17
CA PHE A 92 8.67 -4.07 -2.25
C PHE A 92 9.37 -2.91 -2.97
N ILE A 93 9.26 -1.73 -2.43
CA ILE A 93 9.90 -0.55 -3.08
C ILE A 93 10.88 0.08 -2.09
N GLY A 94 12.13 0.16 -2.45
CA GLY A 94 13.14 0.78 -1.53
C GLY A 94 14.53 0.69 -2.15
N GLY A 95 15.54 0.48 -1.35
CA GLY A 95 16.92 0.40 -1.89
C GLY A 95 17.10 -0.94 -2.63
N THR A 96 16.62 -2.01 -2.04
CA THR A 96 16.77 -3.34 -2.71
C THR A 96 15.41 -4.04 -2.75
N SER A 97 15.34 -5.17 -3.40
CA SER A 97 14.03 -5.90 -3.47
C SER A 97 13.92 -6.85 -2.28
N ASP A 98 14.72 -6.64 -1.28
CA ASP A 98 14.67 -7.53 -0.07
C ASP A 98 14.52 -6.67 1.18
N ARG A 99 15.05 -5.47 1.16
CA ARG A 99 14.93 -4.57 2.34
C ARG A 99 14.54 -3.18 1.86
N PRO A 100 13.22 -2.91 1.82
CA PRO A 100 12.69 -1.61 1.37
C PRO A 100 13.03 -0.49 2.35
N ALA A 101 13.80 0.48 1.92
CA ALA A 101 14.17 1.60 2.84
C ALA A 101 12.89 2.30 3.31
N PRO A 102 12.92 2.82 4.55
CA PRO A 102 11.77 3.52 5.13
C PRO A 102 11.54 4.88 4.47
N ILE A 103 10.34 5.38 4.50
CA ILE A 103 10.05 6.70 3.88
C ILE A 103 9.58 7.68 4.95
N SER A 104 9.70 8.96 4.70
CA SER A 104 9.25 9.96 5.70
C SER A 104 7.72 9.96 5.78
N ASP A 105 7.18 10.31 6.91
CA ASP A 105 5.69 10.33 7.05
C ASP A 105 5.09 11.26 5.98
N LYS A 106 5.74 12.36 5.71
CA LYS A 106 5.21 13.29 4.68
C LYS A 106 5.12 12.57 3.33
N GLU A 107 6.07 11.72 3.03
CA GLU A 107 6.03 10.99 1.73
C GLU A 107 4.72 10.21 1.63
N VAL A 108 4.35 9.52 2.68
CA VAL A 108 3.08 8.73 2.65
C VAL A 108 1.91 9.67 2.39
N ASP A 109 1.92 10.83 3.00
CA ASP A 109 0.80 11.79 2.79
C ASP A 109 0.81 12.27 1.34
N ALA A 110 1.97 12.44 0.77
CA ALA A 110 2.06 12.91 -0.64
C ALA A 110 1.32 11.92 -1.54
N ILE A 111 1.68 10.67 -1.47
CA ILE A 111 1.00 9.65 -2.32
C ILE A 111 -0.51 9.84 -2.24
N MET A 112 -1.05 9.83 -1.05
CA MET A 112 -2.52 10.02 -0.91
C MET A 112 -2.93 11.37 -1.49
N ASN A 113 -2.12 12.37 -1.31
CA ASN A 113 -2.45 13.71 -1.85
C ASN A 113 -2.67 13.61 -3.36
N ARG A 114 -1.84 12.87 -4.04
CA ARG A 114 -2.00 12.72 -5.51
C ARG A 114 -3.44 12.29 -5.83
N LEU A 115 -3.88 11.22 -5.21
CA LEU A 115 -5.26 10.74 -5.48
C LEU A 115 -6.24 11.92 -5.45
N GLN A 116 -6.11 12.79 -4.48
CA GLN A 116 -7.01 13.97 -4.41
C GLN A 116 -6.84 14.82 -5.66
N GLN A 117 -5.65 14.92 -6.17
CA GLN A 117 -5.41 15.74 -7.39
C GLN A 117 -6.26 15.19 -8.54
N VAL A 118 -6.42 13.89 -8.59
CA VAL A 118 -7.24 13.29 -9.69
C VAL A 118 -6.62 13.67 -11.04
N GLY A 119 -5.39 14.11 -11.04
CA GLY A 119 -4.73 14.50 -12.32
C GLY A 119 -5.57 15.58 -13.02
N ASP A 120 -6.26 15.23 -14.06
CA ASP A 120 -7.09 16.23 -14.78
C ASP A 120 -8.38 15.57 -15.28
N LYS A 121 -9.43 16.32 -15.44
CA LYS A 121 -10.71 15.73 -15.93
C LYS A 121 -11.13 16.44 -17.21
N PRO A 122 -10.38 16.24 -18.30
CA PRO A 122 -10.67 16.86 -19.60
C PRO A 122 -11.94 16.26 -20.23
N ARG A 123 -12.68 17.05 -20.95
CA ARG A 123 -13.92 16.54 -21.59
C ARG A 123 -13.59 15.99 -22.98
N MET A 1 17.78 -3.95 22.04
CA MET A 1 16.42 -4.53 22.29
C MET A 1 15.67 -3.65 23.29
N SER A 2 16.38 -3.00 24.17
CA SER A 2 15.70 -2.13 25.18
C SER A 2 14.87 -1.07 24.46
N GLU A 3 15.34 -0.59 23.34
CA GLU A 3 14.58 0.44 22.59
C GLU A 3 13.20 -0.11 22.22
N ALA A 4 12.18 0.71 22.30
CA ALA A 4 10.82 0.23 21.96
C ALA A 4 10.68 0.12 20.44
N PRO A 5 9.69 -0.64 19.97
CA PRO A 5 9.45 -0.85 18.53
C PRO A 5 8.92 0.43 17.87
N LYS A 6 9.27 0.64 16.63
CA LYS A 6 8.78 1.86 15.92
C LYS A 6 8.01 1.45 14.67
N LYS A 7 6.90 2.10 14.40
CA LYS A 7 6.10 1.75 13.19
C LYS A 7 6.57 2.60 12.01
N ARG A 8 6.75 1.99 10.87
CA ARG A 8 7.21 2.75 9.67
C ARG A 8 6.22 2.53 8.53
N TRP A 9 6.12 3.48 7.62
CA TRP A 9 5.18 3.31 6.48
C TRP A 9 5.93 2.79 5.26
N TYR A 10 5.44 1.74 4.66
CA TYR A 10 6.12 1.18 3.45
C TYR A 10 5.12 1.03 2.31
N VAL A 11 5.58 1.05 1.10
CA VAL A 11 4.64 0.90 -0.06
C VAL A 11 4.68 -0.54 -0.57
N VAL A 12 3.55 -1.06 -0.99
CA VAL A 12 3.52 -2.46 -1.50
C VAL A 12 3.10 -2.46 -2.97
N GLN A 13 3.88 -3.06 -3.82
CA GLN A 13 3.53 -3.08 -5.26
C GLN A 13 2.65 -4.30 -5.56
N ALA A 14 1.61 -4.13 -6.31
CA ALA A 14 0.72 -5.28 -6.63
C ALA A 14 0.27 -5.20 -8.09
N PHE A 15 -0.73 -5.94 -8.46
CA PHE A 15 -1.21 -5.90 -9.88
C PHE A 15 -2.51 -5.09 -9.95
N SER A 16 -2.67 -4.30 -10.96
CA SER A 16 -3.92 -3.49 -11.08
C SER A 16 -5.14 -4.42 -11.09
N GLY A 17 -6.25 -3.94 -10.61
CA GLY A 17 -7.47 -4.81 -10.58
C GLY A 17 -7.54 -5.55 -9.25
N PHE A 18 -6.42 -5.91 -8.70
CA PHE A 18 -6.42 -6.63 -7.40
C PHE A 18 -5.67 -5.81 -6.36
N GLU A 19 -5.34 -4.59 -6.67
CA GLU A 19 -4.60 -3.73 -5.69
C GLU A 19 -5.42 -3.61 -4.41
N GLY A 20 -6.72 -3.69 -4.51
CA GLY A 20 -7.56 -3.58 -3.28
C GLY A 20 -7.53 -4.90 -2.51
N ARG A 21 -7.82 -5.99 -3.17
CA ARG A 21 -7.81 -7.31 -2.47
C ARG A 21 -6.41 -7.58 -1.92
N VAL A 22 -5.40 -7.23 -2.65
CA VAL A 22 -4.00 -7.46 -2.16
C VAL A 22 -3.87 -6.91 -0.74
N ALA A 23 -4.38 -5.73 -0.50
CA ALA A 23 -4.28 -5.14 0.86
C ALA A 23 -5.12 -5.95 1.84
N THR A 24 -6.29 -6.37 1.43
CA THR A 24 -7.17 -7.17 2.34
C THR A 24 -6.48 -8.50 2.64
N SER A 25 -5.81 -9.08 1.68
CA SER A 25 -5.13 -10.37 1.92
C SER A 25 -4.03 -10.20 2.97
N LEU A 26 -3.34 -9.09 2.94
CA LEU A 26 -2.26 -8.86 3.93
C LEU A 26 -2.80 -9.04 5.35
N ARG A 27 -3.78 -8.27 5.72
CA ARG A 27 -4.36 -8.40 7.08
C ARG A 27 -4.54 -9.87 7.44
N GLU A 28 -5.16 -10.64 6.59
CA GLU A 28 -5.36 -12.08 6.89
C GLU A 28 -4.01 -12.73 7.20
N HIS A 29 -2.99 -12.39 6.47
CA HIS A 29 -1.65 -12.98 6.72
C HIS A 29 -1.13 -12.49 8.08
N ILE A 30 -1.49 -11.30 8.46
CA ILE A 30 -1.01 -10.76 9.76
C ILE A 30 -1.63 -11.57 10.91
N LYS A 31 -2.94 -11.71 10.91
CA LYS A 31 -3.60 -12.48 12.00
C LYS A 31 -3.15 -13.94 11.94
N LEU A 32 -3.11 -14.51 10.76
CA LEU A 32 -2.68 -15.93 10.64
C LEU A 32 -1.26 -16.09 11.18
N HIS A 33 -0.35 -15.28 10.72
CA HIS A 33 1.05 -15.39 11.21
C HIS A 33 1.22 -14.55 12.48
N ASN A 34 0.13 -14.08 13.04
CA ASN A 34 0.24 -13.26 14.28
C ASN A 34 1.29 -12.17 14.09
N MET A 35 1.22 -11.45 13.00
CA MET A 35 2.22 -10.37 12.75
C MET A 35 1.57 -9.01 12.97
N GLU A 36 0.48 -8.97 13.71
CA GLU A 36 -0.20 -7.66 13.96
C GLU A 36 0.71 -6.76 14.80
N ASP A 37 1.75 -7.32 15.36
CA ASP A 37 2.67 -6.50 16.19
C ASP A 37 3.44 -5.52 15.29
N LEU A 38 4.06 -6.01 14.26
CA LEU A 38 4.83 -5.11 13.36
C LEU A 38 3.87 -4.34 12.45
N PHE A 39 2.82 -4.97 12.01
CA PHE A 39 1.84 -4.27 11.12
C PHE A 39 0.96 -3.35 11.97
N GLY A 40 0.67 -2.17 11.49
CA GLY A 40 -0.17 -1.23 12.26
C GLY A 40 -1.44 -0.89 11.48
N GLU A 41 -1.34 0.00 10.53
CA GLU A 41 -2.54 0.37 9.72
C GLU A 41 -2.20 0.34 8.23
N VAL A 42 -3.17 0.09 7.41
CA VAL A 42 -2.90 0.05 5.94
C VAL A 42 -3.73 1.12 5.23
N MET A 43 -3.28 1.58 4.10
CA MET A 43 -4.04 2.63 3.36
C MET A 43 -4.10 2.27 1.87
N VAL A 44 -5.19 2.58 1.22
CA VAL A 44 -5.30 2.26 -0.22
C VAL A 44 -5.59 3.54 -1.01
N PRO A 45 -4.71 3.87 -1.98
CA PRO A 45 -4.87 5.07 -2.81
C PRO A 45 -6.04 4.94 -3.79
N THR A 46 -6.54 3.75 -3.98
CA THR A 46 -7.67 3.57 -4.93
C THR A 46 -9.00 3.67 -4.16
N GLU A 47 -10.06 3.97 -4.85
CA GLU A 47 -11.38 4.08 -4.17
C GLU A 47 -12.35 3.06 -4.74
N GLU A 48 -13.22 2.53 -3.92
CA GLU A 48 -14.20 1.51 -4.42
C GLU A 48 -15.61 2.04 -4.24
N VAL A 49 -16.52 1.66 -5.11
CA VAL A 49 -17.92 2.14 -4.99
C VAL A 49 -18.87 0.94 -5.01
N VAL A 50 -19.73 0.84 -4.03
CA VAL A 50 -20.69 -0.31 -4.00
C VAL A 50 -19.94 -1.60 -4.29
N GLU A 51 -18.66 -1.64 -4.03
CA GLU A 51 -17.88 -2.88 -4.30
C GLU A 51 -18.01 -3.26 -5.76
N ILE A 52 -16.99 -3.02 -6.55
CA ILE A 52 -17.08 -3.37 -8.00
C ILE A 52 -15.80 -4.11 -8.40
N ARG A 53 -15.88 -5.41 -8.57
CA ARG A 53 -14.67 -6.18 -8.95
C ARG A 53 -13.98 -5.49 -10.13
N GLY A 54 -12.68 -5.61 -10.20
CA GLY A 54 -11.94 -4.95 -11.32
C GLY A 54 -10.83 -5.89 -11.82
N GLY A 55 -10.24 -5.58 -12.94
CA GLY A 55 -9.16 -6.46 -13.47
C GLY A 55 -9.74 -7.42 -14.51
N GLN A 56 -11.04 -7.44 -14.65
CA GLN A 56 -11.66 -8.34 -15.65
C GLN A 56 -11.09 -8.05 -17.04
N ARG A 57 -10.81 -6.81 -17.32
CA ARG A 57 -10.24 -6.46 -18.65
C ARG A 57 -8.88 -5.77 -18.48
N ARG A 58 -8.00 -5.94 -19.42
CA ARG A 58 -6.66 -5.29 -19.30
C ARG A 58 -6.83 -3.78 -19.13
N LYS A 59 -7.86 -3.22 -19.70
CA LYS A 59 -8.08 -1.75 -19.58
C LYS A 59 -8.45 -1.42 -18.14
N SER A 60 -7.83 -0.42 -17.58
CA SER A 60 -8.14 -0.04 -16.16
C SER A 60 -8.87 1.31 -16.14
N GLU A 61 -9.88 1.44 -15.34
CA GLU A 61 -10.63 2.74 -15.28
C GLU A 61 -9.71 3.82 -14.70
N ARG A 62 -8.81 3.45 -13.85
CA ARG A 62 -7.88 4.47 -13.26
C ARG A 62 -6.43 4.01 -13.44
N LYS A 63 -5.58 4.87 -13.91
CA LYS A 63 -4.15 4.48 -14.11
C LYS A 63 -3.28 5.18 -13.06
N PHE A 64 -3.85 5.47 -11.91
CA PHE A 64 -3.06 6.14 -10.85
C PHE A 64 -2.73 5.15 -9.74
N PHE A 65 -1.49 5.06 -9.35
CA PHE A 65 -1.10 4.10 -8.27
C PHE A 65 -1.53 2.68 -8.66
N PRO A 66 -0.96 2.16 -9.75
CA PRO A 66 -1.28 0.82 -10.25
C PRO A 66 -0.72 -0.27 -9.33
N GLY A 67 -1.51 -0.75 -8.42
CA GLY A 67 -1.02 -1.81 -7.48
C GLY A 67 -0.13 -1.19 -6.41
N TYR A 68 -0.40 0.04 -6.04
CA TYR A 68 0.43 0.71 -5.01
C TYR A 68 -0.39 0.88 -3.73
N VAL A 69 0.01 0.25 -2.66
CA VAL A 69 -0.75 0.39 -1.39
C VAL A 69 0.21 0.80 -0.26
N LEU A 70 -0.29 1.49 0.72
CA LEU A 70 0.60 1.92 1.85
C LEU A 70 0.26 1.11 3.10
N VAL A 71 1.25 0.52 3.73
CA VAL A 71 0.99 -0.29 4.94
C VAL A 71 2.06 -0.02 6.00
N GLN A 72 1.67 0.36 7.18
CA GLN A 72 2.68 0.64 8.25
C GLN A 72 3.16 -0.68 8.83
N MET A 73 4.43 -0.94 8.74
CA MET A 73 4.96 -2.23 9.29
C MET A 73 6.49 -2.18 9.34
N VAL A 74 7.08 -2.86 10.28
CA VAL A 74 8.57 -2.85 10.38
C VAL A 74 9.14 -3.92 9.45
N MET A 75 10.08 -3.56 8.62
CA MET A 75 10.68 -4.57 7.69
C MET A 75 11.41 -5.64 8.48
N ASN A 76 10.87 -6.82 8.55
CA ASN A 76 11.54 -7.91 9.32
C ASN A 76 11.64 -9.16 8.43
N ASP A 77 12.20 -10.22 8.94
CA ASP A 77 12.34 -11.45 8.13
C ASP A 77 10.98 -12.15 8.01
N ALA A 78 10.09 -11.91 8.93
CA ALA A 78 8.75 -12.57 8.86
C ALA A 78 7.86 -11.79 7.91
N SER A 79 7.49 -10.59 8.26
CA SER A 79 6.60 -9.79 7.36
C SER A 79 7.16 -9.81 5.95
N TRP A 80 8.42 -9.52 5.78
CA TRP A 80 9.02 -9.52 4.42
C TRP A 80 8.70 -10.84 3.72
N HIS A 81 9.11 -11.95 4.30
CA HIS A 81 8.83 -13.27 3.67
C HIS A 81 7.31 -13.45 3.52
N LEU A 82 6.56 -13.00 4.50
CA LEU A 82 5.08 -13.15 4.41
C LEU A 82 4.55 -12.34 3.22
N VAL A 83 5.12 -11.20 2.97
CA VAL A 83 4.65 -10.36 1.83
C VAL A 83 4.75 -11.18 0.54
N ARG A 84 5.87 -11.78 0.29
CA ARG A 84 6.03 -12.59 -0.96
C ARG A 84 4.92 -13.65 -1.02
N SER A 85 4.61 -14.26 0.09
CA SER A 85 3.54 -15.30 0.08
C SER A 85 2.24 -14.69 -0.43
N VAL A 86 2.01 -13.43 -0.15
CA VAL A 86 0.76 -12.78 -0.63
C VAL A 86 0.72 -12.81 -2.16
N PRO A 87 -0.34 -13.42 -2.72
CA PRO A 87 -0.52 -13.53 -4.17
C PRO A 87 -0.84 -12.18 -4.80
N ARG A 88 -0.60 -12.03 -6.09
CA ARG A 88 -0.89 -10.74 -6.75
C ARG A 88 -0.02 -9.64 -6.15
N VAL A 89 1.25 -9.90 -5.97
CA VAL A 89 2.15 -8.87 -5.38
C VAL A 89 3.40 -8.73 -6.24
N MET A 90 3.63 -7.57 -6.80
CA MET A 90 4.85 -7.37 -7.64
C MET A 90 6.09 -7.43 -6.76
N GLY A 91 6.06 -6.77 -5.63
CA GLY A 91 7.26 -6.79 -4.73
C GLY A 91 7.17 -5.61 -3.76
N PHE A 92 8.30 -5.12 -3.31
CA PHE A 92 8.28 -3.98 -2.35
C PHE A 92 8.85 -2.73 -3.04
N ILE A 93 8.62 -1.58 -2.48
CA ILE A 93 9.16 -0.33 -3.10
C ILE A 93 10.13 0.36 -2.15
N GLY A 94 11.36 0.53 -2.55
CA GLY A 94 12.35 1.19 -1.66
C GLY A 94 13.71 1.24 -2.36
N GLY A 95 14.78 1.21 -1.60
CA GLY A 95 16.13 1.25 -2.22
C GLY A 95 16.38 -0.02 -3.02
N THR A 96 15.94 -1.15 -2.52
CA THR A 96 16.16 -2.43 -3.25
C THR A 96 14.90 -3.30 -3.12
N SER A 97 14.90 -4.44 -3.77
CA SER A 97 13.71 -5.34 -3.69
C SER A 97 13.90 -6.34 -2.55
N ASP A 98 14.81 -6.05 -1.66
CA ASP A 98 15.06 -6.97 -0.52
C ASP A 98 14.84 -6.23 0.80
N ARG A 99 14.78 -4.91 0.74
CA ARG A 99 14.57 -4.12 1.97
C ARG A 99 14.07 -2.72 1.58
N PRO A 100 12.75 -2.50 1.67
CA PRO A 100 12.14 -1.21 1.32
C PRO A 100 12.53 -0.11 2.31
N ALA A 101 13.15 0.94 1.83
CA ALA A 101 13.56 2.04 2.74
C ALA A 101 12.31 2.69 3.35
N PRO A 102 12.37 3.00 4.64
CA PRO A 102 11.24 3.62 5.36
C PRO A 102 11.02 5.06 4.92
N ILE A 103 9.81 5.56 5.04
CA ILE A 103 9.54 6.96 4.63
C ILE A 103 8.93 7.72 5.82
N SER A 104 9.05 9.03 5.83
CA SER A 104 8.49 9.82 6.94
C SER A 104 6.96 9.84 6.84
N ASP A 105 6.28 9.95 7.94
CA ASP A 105 4.78 9.97 7.89
C ASP A 105 4.32 11.08 6.93
N LYS A 106 4.96 12.21 6.97
CA LYS A 106 4.56 13.32 6.06
C LYS A 106 4.68 12.87 4.61
N GLU A 107 5.70 12.10 4.31
CA GLU A 107 5.87 11.62 2.90
C GLU A 107 4.64 10.82 2.48
N VAL A 108 4.17 9.95 3.34
CA VAL A 108 2.98 9.14 3.00
C VAL A 108 1.80 10.06 2.67
N ASP A 109 1.66 11.14 3.39
CA ASP A 109 0.54 12.08 3.12
C ASP A 109 0.75 12.74 1.76
N ALA A 110 1.97 13.10 1.44
CA ALA A 110 2.24 13.75 0.12
C ALA A 110 1.92 12.76 -1.00
N ILE A 111 2.33 11.53 -0.86
CA ILE A 111 2.05 10.53 -1.92
C ILE A 111 0.54 10.52 -2.23
N MET A 112 -0.28 10.40 -1.21
CA MET A 112 -1.74 10.39 -1.45
C MET A 112 -2.16 11.69 -2.14
N ASN A 113 -1.56 12.79 -1.77
CA ASN A 113 -1.92 14.10 -2.41
C ASN A 113 -1.72 13.99 -3.92
N ARG A 114 -0.72 13.26 -4.35
CA ARG A 114 -0.47 13.13 -5.81
C ARG A 114 -1.75 12.64 -6.50
N LEU A 115 -2.40 11.67 -5.93
CA LEU A 115 -3.66 11.15 -6.55
C LEU A 115 -4.52 12.33 -7.01
N GLN A 116 -4.69 13.32 -6.17
CA GLN A 116 -5.52 14.49 -6.55
C GLN A 116 -4.90 15.16 -7.79
N GLN A 117 -3.62 15.02 -7.97
CA GLN A 117 -2.97 15.66 -9.15
C GLN A 117 -3.13 14.76 -10.37
N VAL A 118 -3.65 15.28 -11.44
CA VAL A 118 -3.83 14.45 -12.67
C VAL A 118 -2.46 14.04 -13.22
N GLY A 119 -1.46 14.87 -13.04
CA GLY A 119 -0.11 14.52 -13.55
C GLY A 119 0.05 15.02 -14.97
N ASP A 120 -0.98 15.58 -15.55
CA ASP A 120 -0.88 16.09 -16.94
C ASP A 120 0.28 17.09 -17.03
N LYS A 121 0.45 17.92 -16.04
CA LYS A 121 1.56 18.91 -16.08
C LYS A 121 2.88 18.21 -15.76
N PRO A 122 3.96 18.62 -16.45
CA PRO A 122 5.29 18.03 -16.24
C PRO A 122 5.88 18.41 -14.87
N ARG A 123 6.62 17.52 -14.28
CA ARG A 123 7.23 17.82 -12.95
C ARG A 123 6.16 18.45 -12.04
N MET A 1 16.74 -0.13 20.59
CA MET A 1 15.63 0.71 20.05
C MET A 1 16.05 1.33 18.72
N SER A 2 16.99 2.22 18.75
CA SER A 2 17.44 2.87 17.48
C SER A 2 17.91 1.80 16.49
N GLU A 3 18.56 0.77 16.97
CA GLU A 3 19.02 -0.30 16.06
C GLU A 3 17.85 -0.83 15.24
N ALA A 4 16.69 -0.92 15.83
CA ALA A 4 15.50 -1.42 15.08
C ALA A 4 14.40 -0.37 15.09
N PRO A 5 14.17 0.28 13.94
CA PRO A 5 13.15 1.32 13.80
C PRO A 5 11.73 0.73 13.88
N LYS A 6 10.84 1.41 14.56
CA LYS A 6 9.44 0.90 14.67
C LYS A 6 8.47 1.95 14.13
N LYS A 7 7.32 1.52 13.70
CA LYS A 7 6.32 2.49 13.16
C LYS A 7 6.87 3.15 11.90
N ARG A 8 7.29 2.36 10.95
CA ARG A 8 7.84 2.95 9.69
C ARG A 8 6.87 2.70 8.54
N TRP A 9 6.88 3.54 7.54
CA TRP A 9 5.96 3.35 6.38
C TRP A 9 6.74 2.78 5.19
N TYR A 10 6.26 1.72 4.61
CA TYR A 10 6.98 1.13 3.44
C TYR A 10 6.01 1.05 2.25
N VAL A 11 6.55 0.86 1.07
CA VAL A 11 5.67 0.78 -0.13
C VAL A 11 5.43 -0.69 -0.49
N VAL A 12 4.27 -1.00 -1.01
CA VAL A 12 3.98 -2.41 -1.40
C VAL A 12 3.57 -2.47 -2.87
N GLN A 13 4.27 -3.25 -3.65
CA GLN A 13 3.91 -3.34 -5.10
C GLN A 13 2.91 -4.48 -5.30
N ALA A 14 1.91 -4.26 -6.12
CA ALA A 14 0.90 -5.32 -6.36
C ALA A 14 0.42 -5.25 -7.81
N PHE A 15 -0.16 -6.31 -8.31
CA PHE A 15 -0.64 -6.30 -9.71
C PHE A 15 -1.83 -5.35 -9.84
N SER A 16 -1.94 -4.64 -10.93
CA SER A 16 -3.07 -3.70 -11.11
C SER A 16 -4.39 -4.47 -11.02
N GLY A 17 -5.42 -3.84 -10.51
CA GLY A 17 -6.74 -4.53 -10.39
C GLY A 17 -6.82 -5.24 -9.04
N PHE A 18 -5.71 -5.73 -8.56
CA PHE A 18 -5.73 -6.43 -7.24
C PHE A 18 -5.06 -5.55 -6.17
N GLU A 19 -4.70 -4.35 -6.53
CA GLU A 19 -4.05 -3.44 -5.54
C GLU A 19 -4.94 -3.35 -4.29
N GLY A 20 -6.23 -3.35 -4.46
CA GLY A 20 -7.14 -3.27 -3.27
C GLY A 20 -7.21 -4.63 -2.61
N ARG A 21 -7.64 -5.64 -3.32
CA ARG A 21 -7.73 -7.01 -2.72
C ARG A 21 -6.37 -7.41 -2.16
N VAL A 22 -5.31 -7.14 -2.89
CA VAL A 22 -3.96 -7.51 -2.40
C VAL A 22 -3.79 -7.03 -0.96
N ALA A 23 -4.14 -5.80 -0.69
CA ALA A 23 -4.00 -5.26 0.69
C ALA A 23 -4.79 -6.15 1.66
N THR A 24 -5.98 -6.52 1.29
CA THR A 24 -6.81 -7.39 2.18
C THR A 24 -6.12 -8.75 2.34
N SER A 25 -5.66 -9.32 1.26
CA SER A 25 -4.98 -10.64 1.34
C SER A 25 -3.88 -10.58 2.40
N LEU A 26 -2.96 -9.67 2.25
CA LEU A 26 -1.85 -9.56 3.24
C LEU A 26 -2.45 -9.56 4.65
N ARG A 27 -3.35 -8.67 4.94
CA ARG A 27 -3.96 -8.63 6.29
C ARG A 27 -4.52 -10.02 6.63
N GLU A 28 -4.94 -10.75 5.64
CA GLU A 28 -5.49 -12.11 5.91
C GLU A 28 -4.39 -13.00 6.50
N HIS A 29 -3.22 -12.94 5.94
CA HIS A 29 -2.11 -13.78 6.49
C HIS A 29 -1.58 -13.15 7.78
N ILE A 30 -1.60 -11.85 7.86
CA ILE A 30 -1.11 -11.19 9.11
C ILE A 30 -1.86 -11.75 10.32
N LYS A 31 -3.16 -11.81 10.23
CA LYS A 31 -3.95 -12.35 11.38
C LYS A 31 -3.53 -13.79 11.65
N LEU A 32 -3.37 -14.58 10.62
CA LEU A 32 -2.97 -16.00 10.81
C LEU A 32 -1.57 -16.05 11.44
N HIS A 33 -0.62 -15.36 10.88
CA HIS A 33 0.76 -15.37 11.43
C HIS A 33 0.84 -14.38 12.60
N ASN A 34 -0.26 -13.76 12.95
CA ASN A 34 -0.23 -12.78 14.08
C ASN A 34 0.76 -11.66 13.76
N MET A 35 0.65 -11.07 12.60
CA MET A 35 1.59 -9.98 12.23
C MET A 35 0.91 -8.62 12.46
N GLU A 36 -0.29 -8.62 13.00
CA GLU A 36 -0.99 -7.33 13.24
C GLU A 36 -0.10 -6.42 14.09
N ASP A 37 0.66 -6.99 14.99
CA ASP A 37 1.55 -6.16 15.84
C ASP A 37 2.55 -5.40 14.96
N LEU A 38 3.09 -6.06 13.97
CA LEU A 38 4.07 -5.39 13.07
C LEU A 38 3.33 -4.39 12.19
N PHE A 39 2.28 -4.81 11.54
CA PHE A 39 1.51 -3.87 10.68
C PHE A 39 0.67 -2.93 11.54
N GLY A 40 0.68 -1.67 11.24
CA GLY A 40 -0.11 -0.70 12.05
C GLY A 40 -1.29 -0.18 11.23
N GLU A 41 -1.02 0.59 10.21
CA GLU A 41 -2.13 1.14 9.37
C GLU A 41 -1.85 0.82 7.90
N VAL A 42 -2.87 0.77 7.09
CA VAL A 42 -2.67 0.48 5.64
C VAL A 42 -3.21 1.63 4.80
N MET A 43 -2.63 1.88 3.65
CA MET A 43 -3.12 2.99 2.80
C MET A 43 -3.57 2.44 1.44
N VAL A 44 -4.34 3.19 0.70
CA VAL A 44 -4.81 2.71 -0.62
C VAL A 44 -5.20 3.91 -1.48
N PRO A 45 -4.71 3.94 -2.73
CA PRO A 45 -4.99 5.04 -3.67
C PRO A 45 -6.45 5.01 -4.14
N THR A 46 -7.22 4.07 -3.67
CA THR A 46 -8.65 4.00 -4.09
C THR A 46 -9.54 3.83 -2.85
N GLU A 47 -10.81 4.12 -2.98
CA GLU A 47 -11.72 3.98 -1.82
C GLU A 47 -11.55 2.59 -1.20
N GLU A 48 -11.58 2.50 0.11
CA GLU A 48 -11.43 1.17 0.76
C GLU A 48 -12.54 0.25 0.30
N VAL A 49 -13.72 0.77 0.07
CA VAL A 49 -14.84 -0.09 -0.38
C VAL A 49 -15.63 0.63 -1.47
N VAL A 50 -16.10 -0.08 -2.45
CA VAL A 50 -16.88 0.58 -3.54
C VAL A 50 -18.28 -0.01 -3.60
N GLU A 51 -19.28 0.82 -3.77
CA GLU A 51 -20.67 0.30 -3.83
C GLU A 51 -21.27 0.58 -5.21
N ILE A 52 -21.84 -0.41 -5.85
CA ILE A 52 -22.42 -0.19 -7.19
C ILE A 52 -23.59 0.79 -7.10
N ARG A 53 -24.34 0.73 -6.03
CA ARG A 53 -25.50 1.66 -5.87
C ARG A 53 -25.01 3.10 -5.97
N GLY A 54 -23.82 3.36 -5.51
CA GLY A 54 -23.28 4.75 -5.58
C GLY A 54 -23.43 5.28 -7.01
N GLY A 55 -23.35 4.42 -7.99
CA GLY A 55 -23.49 4.88 -9.40
C GLY A 55 -23.71 3.67 -10.31
N GLN A 56 -24.92 3.49 -10.76
CA GLN A 56 -25.21 2.32 -11.66
C GLN A 56 -24.30 2.39 -12.89
N ARG A 57 -24.04 3.57 -13.39
CA ARG A 57 -23.17 3.70 -14.58
C ARG A 57 -21.73 3.31 -14.21
N ARG A 58 -20.99 2.76 -15.14
CA ARG A 58 -19.59 2.36 -14.84
C ARG A 58 -18.63 3.40 -15.39
N LYS A 59 -17.59 3.72 -14.67
CA LYS A 59 -16.62 4.72 -15.16
C LYS A 59 -15.27 4.06 -15.44
N SER A 60 -14.52 4.57 -16.37
CA SER A 60 -13.20 3.96 -16.69
C SER A 60 -12.36 3.88 -15.41
N GLU A 61 -12.58 4.77 -14.49
CA GLU A 61 -11.79 4.74 -13.23
C GLU A 61 -10.31 4.94 -13.54
N ARG A 62 -9.68 5.90 -12.93
CA ARG A 62 -8.23 6.14 -13.19
C ARG A 62 -7.47 6.20 -11.87
N LYS A 63 -6.26 5.73 -11.85
CA LYS A 63 -5.47 5.76 -10.59
C LYS A 63 -4.14 6.49 -10.83
N PHE A 64 -3.85 7.49 -10.06
CA PHE A 64 -2.59 8.25 -10.24
C PHE A 64 -1.41 7.29 -10.14
N PHE A 65 -1.41 6.42 -9.16
CA PHE A 65 -0.28 5.46 -8.99
C PHE A 65 -0.84 4.07 -8.68
N PRO A 66 -1.31 3.36 -9.71
CA PRO A 66 -1.87 2.01 -9.57
C PRO A 66 -0.79 0.98 -9.22
N GLY A 67 -1.12 0.02 -8.38
CA GLY A 67 -0.12 -1.01 -8.00
C GLY A 67 0.79 -0.46 -6.90
N TYR A 68 0.44 0.68 -6.35
CA TYR A 68 1.30 1.27 -5.27
C TYR A 68 0.45 1.44 -4.00
N VAL A 69 0.85 0.79 -2.93
CA VAL A 69 0.08 0.91 -1.67
C VAL A 69 1.04 1.19 -0.51
N LEU A 70 0.65 2.01 0.42
CA LEU A 70 1.54 2.32 1.57
C LEU A 70 1.02 1.62 2.82
N VAL A 71 1.87 0.90 3.51
CA VAL A 71 1.42 0.19 4.74
C VAL A 71 2.49 0.30 5.83
N GLN A 72 2.12 0.72 6.99
CA GLN A 72 3.11 0.85 8.10
C GLN A 72 3.44 -0.54 8.66
N MET A 73 4.69 -0.81 8.92
CA MET A 73 5.06 -2.15 9.45
C MET A 73 6.58 -2.22 9.61
N VAL A 74 7.04 -3.00 10.56
CA VAL A 74 8.52 -3.12 10.76
C VAL A 74 9.09 -4.17 9.81
N MET A 75 10.05 -3.81 9.01
CA MET A 75 10.65 -4.79 8.06
C MET A 75 11.38 -5.88 8.85
N ASN A 76 10.97 -7.11 8.68
CA ASN A 76 11.65 -8.21 9.43
C ASN A 76 11.56 -9.51 8.60
N ASP A 77 12.13 -10.57 9.10
CA ASP A 77 12.08 -11.85 8.35
C ASP A 77 10.63 -12.34 8.26
N ALA A 78 9.85 -12.10 9.27
CA ALA A 78 8.43 -12.56 9.23
C ALA A 78 7.63 -11.65 8.30
N SER A 79 7.36 -10.45 8.71
CA SER A 79 6.57 -9.51 7.85
C SER A 79 7.10 -9.58 6.42
N TRP A 80 8.39 -9.41 6.23
CA TRP A 80 8.96 -9.45 4.86
C TRP A 80 8.59 -10.79 4.20
N HIS A 81 8.87 -11.88 4.85
CA HIS A 81 8.53 -13.21 4.26
C HIS A 81 7.03 -13.32 4.09
N LEU A 82 6.27 -12.76 4.99
CA LEU A 82 4.78 -12.83 4.89
C LEU A 82 4.33 -12.24 3.56
N VAL A 83 4.90 -11.13 3.17
CA VAL A 83 4.50 -10.50 1.87
C VAL A 83 4.72 -11.50 0.74
N ARG A 84 5.83 -12.16 0.71
CA ARG A 84 6.10 -13.14 -0.38
C ARG A 84 5.14 -14.32 -0.23
N SER A 85 4.73 -14.63 0.97
CA SER A 85 3.80 -15.77 1.17
C SER A 85 2.51 -15.53 0.39
N VAL A 86 1.92 -14.37 0.56
CA VAL A 86 0.65 -14.07 -0.17
C VAL A 86 0.96 -13.68 -1.61
N PRO A 87 0.30 -14.32 -2.57
CA PRO A 87 0.50 -14.05 -4.00
C PRO A 87 -0.06 -12.67 -4.40
N ARG A 88 -0.09 -12.39 -5.67
CA ARG A 88 -0.63 -11.07 -6.11
C ARG A 88 0.23 -9.95 -5.54
N VAL A 89 1.44 -10.25 -5.17
CA VAL A 89 2.34 -9.20 -4.60
C VAL A 89 3.58 -9.06 -5.48
N MET A 90 3.68 -7.98 -6.20
CA MET A 90 4.87 -7.78 -7.08
C MET A 90 6.14 -7.75 -6.23
N GLY A 91 6.10 -7.08 -5.12
CA GLY A 91 7.31 -7.01 -4.24
C GLY A 91 7.32 -5.69 -3.46
N PHE A 92 8.48 -5.19 -3.16
CA PHE A 92 8.56 -3.90 -2.40
C PHE A 92 9.09 -2.81 -3.32
N ILE A 93 8.87 -1.56 -2.96
CA ILE A 93 9.37 -0.45 -3.82
C ILE A 93 10.43 0.35 -3.05
N GLY A 94 11.56 0.58 -3.63
CA GLY A 94 12.62 1.35 -2.93
C GLY A 94 13.99 0.74 -3.24
N GLY A 95 14.86 0.68 -2.26
CA GLY A 95 16.21 0.11 -2.50
C GLY A 95 16.08 -1.19 -3.30
N THR A 96 15.93 -2.30 -2.63
CA THR A 96 15.80 -3.60 -3.37
C THR A 96 14.52 -4.30 -2.91
N SER A 97 14.25 -5.48 -3.42
CA SER A 97 13.02 -6.21 -3.02
C SER A 97 13.34 -7.10 -1.82
N ASP A 98 14.37 -6.78 -1.10
CA ASP A 98 14.73 -7.58 0.10
C ASP A 98 14.63 -6.69 1.34
N ARG A 99 14.74 -5.41 1.16
CA ARG A 99 14.65 -4.48 2.32
C ARG A 99 14.17 -3.12 1.80
N PRO A 100 12.86 -2.87 1.87
CA PRO A 100 12.25 -1.62 1.41
C PRO A 100 12.73 -0.41 2.22
N ALA A 101 13.38 0.52 1.58
CA ALA A 101 13.88 1.73 2.31
C ALA A 101 12.71 2.45 2.97
N PRO A 102 12.94 2.98 4.18
CA PRO A 102 11.90 3.70 4.94
C PRO A 102 11.57 5.05 4.30
N ILE A 103 10.38 5.54 4.51
CA ILE A 103 9.99 6.86 3.93
C ILE A 103 9.48 7.78 5.04
N SER A 104 9.54 9.06 4.82
CA SER A 104 9.05 10.01 5.88
C SER A 104 7.52 9.93 5.97
N ASP A 105 6.99 10.05 7.15
CA ASP A 105 5.51 9.98 7.31
C ASP A 105 4.86 11.04 6.42
N LYS A 106 5.48 12.18 6.29
CA LYS A 106 4.89 13.25 5.43
C LYS A 106 4.80 12.77 3.99
N GLU A 107 5.80 12.07 3.53
CA GLU A 107 5.77 11.57 2.12
C GLU A 107 4.49 10.76 1.90
N VAL A 108 4.15 9.91 2.82
CA VAL A 108 2.90 9.09 2.66
C VAL A 108 1.70 10.02 2.50
N ASP A 109 1.66 11.09 3.24
CA ASP A 109 0.53 12.04 3.13
C ASP A 109 0.51 12.67 1.73
N ALA A 110 1.67 12.94 1.18
CA ALA A 110 1.72 13.54 -0.18
C ALA A 110 1.06 12.60 -1.17
N ILE A 111 1.38 11.34 -1.14
CA ILE A 111 0.77 10.37 -2.08
C ILE A 111 -0.75 10.50 -2.03
N MET A 112 -1.32 10.52 -0.85
CA MET A 112 -2.80 10.65 -0.73
C MET A 112 -3.24 12.00 -1.32
N ASN A 113 -2.43 13.00 -1.17
CA ASN A 113 -2.80 14.34 -1.71
C ASN A 113 -2.99 14.25 -3.23
N ARG A 114 -2.23 13.41 -3.89
CA ARG A 114 -2.38 13.28 -5.36
C ARG A 114 -3.83 12.94 -5.70
N LEU A 115 -4.45 12.10 -4.92
CA LEU A 115 -5.87 11.73 -5.19
C LEU A 115 -6.73 13.00 -5.24
N GLN A 116 -6.48 13.92 -4.33
CA GLN A 116 -7.29 15.18 -4.32
C GLN A 116 -7.01 15.97 -5.60
N GLN A 117 -5.82 15.87 -6.12
CA GLN A 117 -5.48 16.62 -7.37
C GLN A 117 -6.37 16.12 -8.52
N VAL A 118 -6.82 17.01 -9.37
CA VAL A 118 -7.68 16.58 -10.51
C VAL A 118 -6.94 16.83 -11.82
N GLY A 119 -7.09 15.95 -12.77
CA GLY A 119 -6.38 16.13 -14.08
C GLY A 119 -6.68 17.54 -14.62
N ASP A 120 -7.87 18.02 -14.41
CA ASP A 120 -8.22 19.38 -14.91
C ASP A 120 -9.59 19.79 -14.36
N LYS A 121 -10.51 18.87 -14.29
CA LYS A 121 -11.86 19.21 -13.76
C LYS A 121 -12.42 20.42 -14.53
N PRO A 122 -12.64 20.24 -15.84
CA PRO A 122 -13.19 21.31 -16.69
C PRO A 122 -14.65 21.60 -16.38
N ARG A 123 -15.07 22.83 -16.53
CA ARG A 123 -16.49 23.18 -16.25
C ARG A 123 -17.07 23.96 -17.42
N MET A 1 4.02 4.46 23.42
CA MET A 1 4.73 3.93 24.62
C MET A 1 5.70 4.99 25.16
N SER A 2 6.46 4.65 26.16
CA SER A 2 7.41 5.64 26.74
C SER A 2 8.36 6.12 25.64
N GLU A 3 8.70 5.27 24.71
CA GLU A 3 9.62 5.67 23.62
C GLU A 3 8.83 5.83 22.32
N ALA A 4 9.34 6.60 21.39
CA ALA A 4 8.62 6.79 20.10
C ALA A 4 8.33 5.42 19.47
N PRO A 5 7.24 5.33 18.70
CA PRO A 5 6.84 4.08 18.04
C PRO A 5 7.80 3.70 16.90
N LYS A 6 8.08 2.44 16.75
CA LYS A 6 9.00 2.01 15.66
C LYS A 6 8.19 1.65 14.41
N LYS A 7 7.06 2.28 14.23
CA LYS A 7 6.24 1.98 13.03
C LYS A 7 6.59 2.96 11.90
N ARG A 8 6.88 2.44 10.73
CA ARG A 8 7.23 3.34 9.60
C ARG A 8 6.34 3.02 8.40
N TRP A 9 6.24 3.91 7.46
CA TRP A 9 5.38 3.66 6.26
C TRP A 9 6.23 3.01 5.17
N TYR A 10 5.81 1.87 4.68
CA TYR A 10 6.59 1.20 3.60
C TYR A 10 5.70 1.02 2.37
N VAL A 11 6.28 1.07 1.19
CA VAL A 11 5.46 0.90 -0.04
C VAL A 11 5.35 -0.59 -0.38
N VAL A 12 4.36 -0.96 -1.15
CA VAL A 12 4.20 -2.39 -1.52
C VAL A 12 3.69 -2.48 -2.96
N GLN A 13 4.55 -2.83 -3.88
CA GLN A 13 4.12 -2.93 -5.30
C GLN A 13 2.75 -3.63 -5.37
N ALA A 14 2.60 -4.72 -4.68
CA ALA A 14 1.29 -5.43 -4.72
C ALA A 14 0.89 -5.72 -6.17
N PHE A 15 -0.33 -6.13 -6.39
CA PHE A 15 -0.77 -6.41 -7.79
C PHE A 15 -1.64 -5.26 -8.29
N SER A 16 -1.51 -4.91 -9.54
CA SER A 16 -2.34 -3.78 -10.08
C SER A 16 -3.80 -4.20 -10.10
N GLY A 17 -4.67 -3.36 -9.60
CA GLY A 17 -6.12 -3.71 -9.60
C GLY A 17 -6.48 -4.40 -8.27
N PHE A 18 -5.55 -5.06 -7.67
CA PHE A 18 -5.84 -5.75 -6.37
C PHE A 18 -5.26 -4.94 -5.22
N GLU A 19 -4.97 -3.69 -5.45
CA GLU A 19 -4.41 -2.85 -4.36
C GLU A 19 -5.31 -2.95 -3.12
N GLY A 20 -6.60 -2.96 -3.31
CA GLY A 20 -7.52 -3.07 -2.15
C GLY A 20 -7.59 -4.52 -1.69
N ARG A 21 -7.96 -5.42 -2.56
CA ARG A 21 -8.04 -6.85 -2.16
C ARG A 21 -6.69 -7.30 -1.61
N VAL A 22 -5.62 -6.99 -2.29
CA VAL A 22 -4.27 -7.40 -1.80
C VAL A 22 -4.16 -7.06 -0.31
N ALA A 23 -4.57 -5.88 0.07
CA ALA A 23 -4.48 -5.50 1.51
C ALA A 23 -5.16 -6.57 2.37
N THR A 24 -6.32 -7.02 1.96
CA THR A 24 -7.03 -8.06 2.76
C THR A 24 -6.17 -9.33 2.80
N SER A 25 -5.59 -9.71 1.70
CA SER A 25 -4.75 -10.94 1.68
C SER A 25 -3.74 -10.87 2.83
N LEU A 26 -2.97 -9.83 2.90
CA LEU A 26 -1.98 -9.71 4.00
C LEU A 26 -2.66 -10.04 5.33
N ARG A 27 -3.71 -9.34 5.66
CA ARG A 27 -4.42 -9.61 6.94
C ARG A 27 -4.76 -11.10 7.02
N GLU A 28 -5.05 -11.70 5.89
CA GLU A 28 -5.38 -13.16 5.90
C GLU A 28 -4.19 -13.95 6.42
N HIS A 29 -3.00 -13.64 5.93
CA HIS A 29 -1.79 -14.38 6.40
C HIS A 29 -1.30 -13.75 7.70
N ILE A 30 -1.53 -12.48 7.88
CA ILE A 30 -1.06 -11.79 9.12
C ILE A 30 -1.82 -12.38 10.32
N LYS A 31 -3.11 -12.55 10.20
CA LYS A 31 -3.89 -13.11 11.33
C LYS A 31 -3.37 -14.51 11.65
N LEU A 32 -3.05 -15.29 10.64
CA LEU A 32 -2.54 -16.66 10.89
C LEU A 32 -1.13 -16.58 11.50
N HIS A 33 -0.26 -15.84 10.88
CA HIS A 33 1.13 -15.71 11.42
C HIS A 33 1.14 -14.71 12.57
N ASN A 34 0.01 -14.15 12.89
CA ASN A 34 -0.04 -13.16 14.01
C ASN A 34 0.89 -11.99 13.69
N MET A 35 0.79 -11.44 12.52
CA MET A 35 1.67 -10.29 12.14
C MET A 35 0.93 -8.97 12.40
N GLU A 36 -0.27 -9.04 12.91
CA GLU A 36 -1.03 -7.79 13.19
C GLU A 36 -0.14 -6.82 13.96
N ASP A 37 0.69 -7.31 14.84
CA ASP A 37 1.57 -6.41 15.62
C ASP A 37 2.43 -5.58 14.65
N LEU A 38 2.99 -6.20 13.66
CA LEU A 38 3.84 -5.45 12.69
C LEU A 38 2.95 -4.55 11.83
N PHE A 39 1.95 -5.11 11.21
CA PHE A 39 1.05 -4.29 10.35
C PHE A 39 0.22 -3.35 11.23
N GLY A 40 0.06 -2.13 10.81
CA GLY A 40 -0.73 -1.17 11.63
C GLY A 40 -1.88 -0.59 10.79
N GLU A 41 -1.56 0.23 9.83
CA GLU A 41 -2.63 0.82 8.98
C GLU A 41 -2.28 0.61 7.50
N VAL A 42 -3.27 0.64 6.65
CA VAL A 42 -3.00 0.43 5.19
C VAL A 42 -3.48 1.66 4.40
N MET A 43 -2.95 1.87 3.24
CA MET A 43 -3.37 3.05 2.43
C MET A 43 -3.90 2.57 1.07
N VAL A 44 -4.82 3.30 0.49
CA VAL A 44 -5.37 2.88 -0.83
C VAL A 44 -5.43 4.10 -1.76
N PRO A 45 -4.26 4.55 -2.24
CA PRO A 45 -4.16 5.71 -3.14
C PRO A 45 -4.73 5.40 -4.53
N THR A 46 -5.19 4.20 -4.73
CA THR A 46 -5.76 3.84 -6.07
C THR A 46 -7.25 3.50 -5.92
N GLU A 47 -7.91 3.23 -7.02
CA GLU A 47 -9.36 2.89 -6.94
C GLU A 47 -10.13 4.09 -6.37
N GLU A 48 -11.14 4.54 -7.06
CA GLU A 48 -11.94 5.69 -6.56
C GLU A 48 -12.59 5.32 -5.22
N VAL A 49 -13.02 4.10 -5.09
CA VAL A 49 -13.67 3.68 -3.81
C VAL A 49 -13.01 2.38 -3.33
N VAL A 50 -12.92 2.18 -2.04
CA VAL A 50 -12.30 0.94 -1.51
C VAL A 50 -13.13 -0.27 -1.92
N GLU A 51 -14.40 -0.07 -2.13
CA GLU A 51 -15.27 -1.23 -2.52
C GLU A 51 -15.12 -1.49 -4.02
N ILE A 52 -15.08 -2.73 -4.41
CA ILE A 52 -14.94 -3.05 -5.85
C ILE A 52 -16.10 -2.44 -6.63
N ARG A 53 -17.28 -2.49 -6.08
CA ARG A 53 -18.46 -1.91 -6.78
C ARG A 53 -18.15 -0.47 -7.21
N GLY A 54 -18.71 -0.04 -8.30
CA GLY A 54 -18.45 1.35 -8.78
C GLY A 54 -17.14 1.38 -9.55
N GLY A 55 -16.85 0.35 -10.29
CA GLY A 55 -15.58 0.32 -11.07
C GLY A 55 -15.63 -0.84 -12.07
N GLN A 56 -14.50 -1.24 -12.59
CA GLN A 56 -14.48 -2.35 -13.57
C GLN A 56 -15.29 -1.96 -14.81
N ARG A 57 -15.01 -0.82 -15.37
CA ARG A 57 -15.76 -0.38 -16.58
C ARG A 57 -14.95 -0.72 -17.84
N ARG A 58 -15.62 -0.89 -18.95
CA ARG A 58 -14.89 -1.22 -20.21
C ARG A 58 -14.54 0.07 -20.95
N LYS A 59 -13.39 0.12 -21.58
CA LYS A 59 -13.01 1.35 -22.32
C LYS A 59 -13.06 2.56 -21.38
N SER A 60 -12.56 2.41 -20.18
CA SER A 60 -12.59 3.55 -19.22
C SER A 60 -11.16 3.95 -18.86
N GLU A 61 -10.93 5.20 -18.61
CA GLU A 61 -9.55 5.66 -18.25
C GLU A 61 -9.51 6.08 -16.79
N ARG A 62 -8.36 6.06 -16.18
CA ARG A 62 -8.25 6.47 -14.75
C ARG A 62 -7.17 7.54 -14.60
N LYS A 63 -7.39 8.49 -13.75
CA LYS A 63 -6.36 9.56 -13.56
C LYS A 63 -5.51 9.24 -12.33
N PHE A 64 -5.59 8.04 -11.84
CA PHE A 64 -4.77 7.66 -10.64
C PHE A 64 -3.70 6.65 -11.06
N PHE A 65 -2.70 6.47 -10.24
CA PHE A 65 -1.63 5.50 -10.58
C PHE A 65 -1.78 4.24 -9.72
N PRO A 66 -2.56 3.26 -10.21
CA PRO A 66 -2.78 2.01 -9.49
C PRO A 66 -1.52 1.13 -9.48
N GLY A 67 -1.41 0.26 -8.51
CA GLY A 67 -0.21 -0.63 -8.45
C GLY A 67 0.69 -0.17 -7.30
N TYR A 68 0.34 0.91 -6.65
CA TYR A 68 1.19 1.40 -5.52
C TYR A 68 0.33 1.50 -4.25
N VAL A 69 0.73 0.81 -3.21
CA VAL A 69 -0.07 0.86 -1.95
C VAL A 69 0.88 1.09 -0.76
N LEU A 70 0.47 1.90 0.18
CA LEU A 70 1.34 2.15 1.36
C LEU A 70 0.79 1.40 2.58
N VAL A 71 1.64 0.74 3.32
CA VAL A 71 1.16 -0.01 4.51
C VAL A 71 2.15 0.16 5.66
N GLN A 72 1.72 0.75 6.74
CA GLN A 72 2.64 0.96 7.90
C GLN A 72 3.01 -0.40 8.51
N MET A 73 4.26 -0.61 8.82
CA MET A 73 4.66 -1.92 9.42
C MET A 73 6.18 -1.97 9.53
N VAL A 74 6.69 -2.75 10.45
CA VAL A 74 8.17 -2.86 10.60
C VAL A 74 8.72 -3.88 9.61
N MET A 75 9.84 -3.61 9.03
CA MET A 75 10.43 -4.57 8.05
C MET A 75 11.23 -5.65 8.79
N ASN A 76 10.92 -6.89 8.56
CA ASN A 76 11.66 -7.98 9.26
C ASN A 76 11.63 -9.24 8.40
N ASP A 77 12.35 -10.26 8.79
CA ASP A 77 12.36 -11.52 7.99
C ASP A 77 10.96 -12.14 7.99
N ALA A 78 10.21 -11.93 9.04
CA ALA A 78 8.84 -12.52 9.09
C ALA A 78 7.90 -11.73 8.16
N SER A 79 7.55 -10.53 8.54
CA SER A 79 6.64 -9.71 7.69
C SER A 79 7.09 -9.81 6.23
N TRP A 80 8.32 -9.47 5.95
CA TRP A 80 8.81 -9.55 4.54
C TRP A 80 8.36 -10.87 3.92
N HIS A 81 8.68 -11.97 4.56
CA HIS A 81 8.28 -13.29 4.01
C HIS A 81 6.75 -13.36 3.92
N LEU A 82 6.06 -12.77 4.86
CA LEU A 82 4.57 -12.79 4.83
C LEU A 82 4.08 -12.20 3.51
N VAL A 83 4.75 -11.18 3.03
CA VAL A 83 4.31 -10.55 1.75
C VAL A 83 4.67 -11.47 0.59
N ARG A 84 5.87 -11.99 0.57
CA ARG A 84 6.27 -12.91 -0.54
C ARG A 84 5.48 -14.21 -0.44
N SER A 85 5.13 -14.62 0.75
CA SER A 85 4.37 -15.88 0.90
C SER A 85 2.99 -15.72 0.25
N VAL A 86 2.33 -14.63 0.51
CA VAL A 86 0.98 -14.41 -0.10
C VAL A 86 1.15 -13.88 -1.52
N PRO A 87 0.40 -14.45 -2.48
CA PRO A 87 0.46 -14.04 -3.88
C PRO A 87 -0.13 -12.64 -4.10
N ARG A 88 -0.38 -12.28 -5.32
CA ARG A 88 -0.95 -10.93 -5.60
C ARG A 88 0.03 -9.85 -5.15
N VAL A 89 1.27 -10.21 -4.94
CA VAL A 89 2.27 -9.21 -4.50
C VAL A 89 3.41 -9.12 -5.53
N MET A 90 3.47 -8.05 -6.26
CA MET A 90 4.54 -7.91 -7.29
C MET A 90 5.91 -7.86 -6.60
N GLY A 91 6.00 -7.17 -5.49
CA GLY A 91 7.30 -7.08 -4.77
C GLY A 91 7.30 -5.85 -3.85
N PHE A 92 8.44 -5.51 -3.31
CA PHE A 92 8.50 -4.32 -2.42
C PHE A 92 9.06 -3.11 -3.18
N ILE A 93 8.79 -1.93 -2.70
CA ILE A 93 9.30 -0.71 -3.41
C ILE A 93 10.25 0.05 -2.48
N GLY A 94 11.50 0.14 -2.83
CA GLY A 94 12.47 0.87 -1.96
C GLY A 94 13.86 0.83 -2.60
N GLY A 95 14.87 0.71 -1.80
CA GLY A 95 16.26 0.67 -2.36
C GLY A 95 16.50 -0.69 -3.03
N THR A 96 15.99 -1.74 -2.46
CA THR A 96 16.19 -3.09 -3.06
C THR A 96 14.85 -3.83 -3.12
N SER A 97 14.81 -4.95 -3.80
CA SER A 97 13.54 -5.71 -3.90
C SER A 97 13.45 -6.69 -2.73
N ASP A 98 14.27 -6.49 -1.73
CA ASP A 98 14.25 -7.40 -0.56
C ASP A 98 14.07 -6.58 0.72
N ARG A 99 14.41 -5.32 0.67
CA ARG A 99 14.26 -4.45 1.87
C ARG A 99 13.77 -3.07 1.44
N PRO A 100 12.46 -2.82 1.60
CA PRO A 100 11.85 -1.53 1.22
C PRO A 100 12.32 -0.38 2.11
N ALA A 101 13.11 0.51 1.60
CA ALA A 101 13.59 1.65 2.43
C ALA A 101 12.39 2.42 2.98
N PRO A 102 12.48 2.84 4.26
CA PRO A 102 11.40 3.58 4.91
C PRO A 102 11.24 5.00 4.34
N ILE A 103 10.07 5.56 4.44
CA ILE A 103 9.85 6.93 3.91
C ILE A 103 9.32 7.83 5.02
N SER A 104 9.47 9.12 4.88
CA SER A 104 8.98 10.05 5.93
C SER A 104 7.45 10.07 5.91
N ASP A 105 6.84 10.26 7.06
CA ASP A 105 5.35 10.28 7.11
C ASP A 105 4.83 11.33 6.12
N LYS A 106 5.49 12.45 6.03
CA LYS A 106 5.03 13.50 5.08
C LYS A 106 4.99 12.94 3.66
N GLU A 107 5.96 12.14 3.30
CA GLU A 107 5.98 11.56 1.93
C GLU A 107 4.64 10.87 1.66
N VAL A 108 4.17 10.07 2.58
CA VAL A 108 2.87 9.38 2.37
C VAL A 108 1.78 10.43 2.14
N ASP A 109 1.77 11.46 2.93
CA ASP A 109 0.73 12.53 2.77
C ASP A 109 0.84 13.14 1.37
N ALA A 110 2.05 13.37 0.90
CA ALA A 110 2.22 13.96 -0.45
C ALA A 110 1.57 13.05 -1.49
N ILE A 111 1.92 11.79 -1.48
CA ILE A 111 1.31 10.85 -2.47
C ILE A 111 -0.21 11.01 -2.45
N MET A 112 -0.81 10.89 -1.30
CA MET A 112 -2.29 11.04 -1.22
C MET A 112 -2.69 12.43 -1.73
N ASN A 113 -1.92 13.42 -1.41
CA ASN A 113 -2.25 14.81 -1.87
C ASN A 113 -2.45 14.79 -3.38
N ARG A 114 -1.55 14.18 -4.11
CA ARG A 114 -1.70 14.13 -5.59
C ARG A 114 -3.06 13.55 -5.95
N LEU A 115 -3.37 12.39 -5.45
CA LEU A 115 -4.69 11.77 -5.77
C LEU A 115 -5.80 12.81 -5.63
N GLN A 116 -5.76 13.59 -4.59
CA GLN A 116 -6.81 14.63 -4.40
C GLN A 116 -6.74 15.64 -5.54
N GLN A 117 -5.62 15.73 -6.20
CA GLN A 117 -5.49 16.70 -7.33
C GLN A 117 -6.01 16.06 -8.61
N VAL A 118 -7.13 16.52 -9.11
CA VAL A 118 -7.68 15.93 -10.37
C VAL A 118 -6.72 16.20 -11.52
N GLY A 119 -5.85 17.18 -11.36
CA GLY A 119 -4.88 17.49 -12.45
C GLY A 119 -5.53 18.48 -13.42
N ASP A 120 -6.65 19.03 -13.08
CA ASP A 120 -7.33 20.00 -13.99
C ASP A 120 -6.44 21.23 -14.18
N LYS A 121 -6.61 21.93 -15.26
CA LYS A 121 -5.77 23.14 -15.50
C LYS A 121 -6.47 24.04 -16.52
N PRO A 122 -6.59 23.56 -17.77
CA PRO A 122 -7.23 24.32 -18.86
C PRO A 122 -8.75 24.41 -18.66
N ARG A 123 -9.29 23.60 -17.78
CA ARG A 123 -10.76 23.65 -17.55
C ARG A 123 -11.04 23.59 -16.04
N MET A 1 18.39 9.94 23.66
CA MET A 1 17.06 9.60 24.24
C MET A 1 15.98 9.77 23.18
N SER A 2 15.56 8.70 22.55
CA SER A 2 14.51 8.80 21.50
C SER A 2 13.32 7.94 21.90
N GLU A 3 12.13 8.38 21.58
CA GLU A 3 10.92 7.58 21.94
C GLU A 3 10.99 6.22 21.26
N ALA A 4 11.56 6.17 20.08
CA ALA A 4 11.65 4.86 19.37
C ALA A 4 10.27 4.21 19.28
N PRO A 5 9.37 4.81 18.50
CA PRO A 5 8.01 4.31 18.33
C PRO A 5 7.98 3.00 17.53
N LYS A 6 9.05 2.70 16.83
CA LYS A 6 9.09 1.44 16.04
C LYS A 6 7.97 1.46 14.99
N LYS A 7 7.78 2.57 14.32
CA LYS A 7 6.71 2.64 13.29
C LYS A 7 7.29 3.21 11.99
N ARG A 8 7.11 2.52 10.90
CA ARG A 8 7.66 3.01 9.61
C ARG A 8 6.65 2.75 8.50
N TRP A 9 6.63 3.58 7.49
CA TRP A 9 5.65 3.37 6.38
C TRP A 9 6.36 2.72 5.18
N TYR A 10 5.74 1.75 4.57
CA TYR A 10 6.38 1.07 3.41
C TYR A 10 5.39 1.02 2.25
N VAL A 11 5.87 1.04 1.04
CA VAL A 11 4.95 0.99 -0.14
C VAL A 11 4.89 -0.44 -0.67
N VAL A 12 3.72 -0.89 -1.04
CA VAL A 12 3.59 -2.28 -1.58
C VAL A 12 3.07 -2.22 -3.01
N GLN A 13 3.71 -2.91 -3.92
CA GLN A 13 3.25 -2.89 -5.33
C GLN A 13 2.20 -3.99 -5.54
N ALA A 14 1.25 -3.77 -6.40
CA ALA A 14 0.21 -4.80 -6.65
C ALA A 14 -0.29 -4.69 -8.10
N PHE A 15 -0.79 -5.77 -8.64
CA PHE A 15 -1.30 -5.72 -10.04
C PHE A 15 -2.52 -4.81 -10.12
N SER A 16 -2.70 -4.12 -11.21
CA SER A 16 -3.88 -3.21 -11.34
C SER A 16 -5.16 -4.02 -11.14
N GLY A 17 -6.09 -3.50 -10.40
CA GLY A 17 -7.37 -4.24 -10.18
C GLY A 17 -7.24 -5.11 -8.93
N PHE A 18 -6.06 -5.55 -8.61
CA PHE A 18 -5.88 -6.40 -7.41
C PHE A 18 -5.25 -5.57 -6.29
N GLU A 19 -5.11 -4.29 -6.49
CA GLU A 19 -4.51 -3.42 -5.43
C GLU A 19 -5.30 -3.58 -4.14
N GLY A 20 -6.60 -3.69 -4.24
CA GLY A 20 -7.42 -3.84 -3.00
C GLY A 20 -7.36 -5.29 -2.52
N ARG A 21 -7.28 -6.23 -3.42
CA ARG A 21 -7.22 -7.66 -3.01
C ARG A 21 -5.94 -7.90 -2.20
N VAL A 22 -4.82 -7.44 -2.70
CA VAL A 22 -3.54 -7.63 -1.95
C VAL A 22 -3.71 -7.20 -0.50
N ALA A 23 -4.42 -6.13 -0.28
CA ALA A 23 -4.63 -5.65 1.11
C ALA A 23 -5.40 -6.70 1.91
N THR A 24 -6.37 -7.33 1.30
CA THR A 24 -7.16 -8.36 2.02
C THR A 24 -6.27 -9.57 2.32
N SER A 25 -5.38 -9.89 1.43
CA SER A 25 -4.49 -11.06 1.65
C SER A 25 -3.60 -10.79 2.87
N LEU A 26 -3.09 -9.59 3.00
CA LEU A 26 -2.22 -9.28 4.17
C LEU A 26 -2.98 -9.57 5.47
N ARG A 27 -4.23 -9.19 5.54
CA ARG A 27 -5.01 -9.45 6.77
C ARG A 27 -5.02 -10.95 7.08
N GLU A 28 -5.13 -11.76 6.07
CA GLU A 28 -5.14 -13.24 6.30
C GLU A 28 -3.72 -13.71 6.65
N HIS A 29 -2.79 -13.50 5.77
CA HIS A 29 -1.39 -13.94 6.04
C HIS A 29 -0.94 -13.38 7.39
N ILE A 30 -1.19 -12.13 7.65
CA ILE A 30 -0.78 -11.53 8.94
C ILE A 30 -1.53 -12.21 10.08
N LYS A 31 -2.84 -12.21 10.04
CA LYS A 31 -3.63 -12.86 11.11
C LYS A 31 -3.16 -14.30 11.30
N LEU A 32 -2.81 -14.97 10.24
CA LEU A 32 -2.34 -16.38 10.36
C LEU A 32 -0.93 -16.39 10.96
N HIS A 33 -0.05 -15.59 10.44
CA HIS A 33 1.34 -15.56 10.97
C HIS A 33 1.39 -14.69 12.23
N ASN A 34 0.27 -14.15 12.63
CA ASN A 34 0.25 -13.29 13.85
C ASN A 34 1.20 -12.11 13.64
N MET A 35 1.09 -11.43 12.54
CA MET A 35 1.98 -10.26 12.28
C MET A 35 1.24 -8.96 12.56
N GLU A 36 0.06 -9.05 13.13
CA GLU A 36 -0.71 -7.82 13.43
C GLU A 36 0.16 -6.83 14.21
N ASP A 37 0.99 -7.33 15.08
CA ASP A 37 1.87 -6.42 15.87
C ASP A 37 2.78 -5.65 14.92
N LEU A 38 3.24 -6.27 13.87
CA LEU A 38 4.12 -5.55 12.91
C LEU A 38 3.28 -4.59 12.08
N PHE A 39 2.26 -5.07 11.43
CA PHE A 39 1.40 -4.17 10.61
C PHE A 39 0.56 -3.28 11.53
N GLY A 40 0.46 -2.02 11.22
CA GLY A 40 -0.34 -1.10 12.08
C GLY A 40 -1.56 -0.63 11.31
N GLU A 41 -1.37 0.14 10.26
CA GLU A 41 -2.54 0.62 9.48
C GLU A 41 -2.21 0.53 7.98
N VAL A 42 -3.21 0.38 7.16
CA VAL A 42 -2.96 0.29 5.69
C VAL A 42 -3.61 1.48 4.98
N MET A 43 -3.12 1.84 3.83
CA MET A 43 -3.72 2.99 3.10
C MET A 43 -4.21 2.52 1.73
N VAL A 44 -5.36 2.99 1.31
CA VAL A 44 -5.90 2.57 -0.02
C VAL A 44 -6.66 3.74 -0.64
N PRO A 45 -5.96 4.58 -1.42
CA PRO A 45 -6.57 5.74 -2.08
C PRO A 45 -7.52 5.32 -3.21
N THR A 46 -7.38 4.11 -3.70
CA THR A 46 -8.27 3.66 -4.80
C THR A 46 -9.52 3.00 -4.21
N GLU A 47 -9.58 2.88 -2.91
CA GLU A 47 -10.78 2.25 -2.28
C GLU A 47 -11.07 0.90 -2.96
N GLU A 48 -12.05 0.19 -2.49
CA GLU A 48 -12.38 -1.12 -3.10
C GLU A 48 -12.83 -0.90 -4.55
N VAL A 49 -13.50 0.17 -4.83
CA VAL A 49 -13.96 0.43 -6.22
C VAL A 49 -13.42 1.77 -6.69
N VAL A 50 -12.86 1.82 -7.88
CA VAL A 50 -12.30 3.10 -8.38
C VAL A 50 -13.43 4.12 -8.54
N GLU A 51 -14.55 3.71 -9.09
CA GLU A 51 -15.68 4.66 -9.27
C GLU A 51 -16.99 3.95 -8.95
N ILE A 52 -17.88 4.60 -8.24
CA ILE A 52 -19.17 3.96 -7.90
C ILE A 52 -19.94 3.63 -9.18
N ARG A 53 -19.94 4.52 -10.13
CA ARG A 53 -20.67 4.27 -11.40
C ARG A 53 -20.16 2.97 -12.03
N GLY A 54 -18.89 2.68 -11.85
CA GLY A 54 -18.33 1.43 -12.44
C GLY A 54 -17.92 1.69 -13.89
N GLY A 55 -18.22 0.78 -14.78
CA GLY A 55 -17.84 0.97 -16.20
C GLY A 55 -16.43 0.45 -16.43
N GLN A 56 -15.99 -0.47 -15.62
CA GLN A 56 -14.62 -1.03 -15.80
C GLN A 56 -14.49 -1.66 -17.19
N ARG A 57 -15.58 -2.14 -17.72
CA ARG A 57 -15.53 -2.78 -19.07
C ARG A 57 -15.02 -1.77 -20.09
N ARG A 58 -15.30 -0.51 -19.87
CA ARG A 58 -14.82 0.53 -20.83
C ARG A 58 -13.87 1.49 -20.11
N LYS A 59 -13.08 2.21 -20.86
CA LYS A 59 -12.13 3.17 -20.22
C LYS A 59 -10.97 2.38 -19.58
N SER A 60 -10.16 1.75 -20.38
CA SER A 60 -9.02 0.97 -19.82
C SER A 60 -8.12 1.89 -18.99
N GLU A 61 -8.02 3.13 -19.37
CA GLU A 61 -7.16 4.08 -18.61
C GLU A 61 -7.78 4.34 -17.24
N ARG A 62 -6.97 4.56 -16.23
CA ARG A 62 -7.52 4.82 -14.87
C ARG A 62 -7.13 6.23 -14.42
N LYS A 63 -8.08 7.01 -14.00
CA LYS A 63 -7.77 8.39 -13.55
C LYS A 63 -6.82 8.33 -12.36
N PHE A 64 -6.91 7.31 -11.57
CA PHE A 64 -6.00 7.19 -10.38
C PHE A 64 -4.78 6.35 -10.75
N PHE A 65 -3.81 6.29 -9.89
CA PHE A 65 -2.59 5.48 -10.19
C PHE A 65 -2.56 4.25 -9.30
N PRO A 66 -3.32 3.21 -9.67
CA PRO A 66 -3.38 1.96 -8.91
C PRO A 66 -2.08 1.17 -9.00
N GLY A 67 -1.88 0.22 -8.12
CA GLY A 67 -0.63 -0.58 -8.17
C GLY A 67 0.30 -0.15 -7.03
N TYR A 68 -0.01 0.95 -6.39
CA TYR A 68 0.85 1.43 -5.28
C TYR A 68 0.03 1.50 -4.00
N VAL A 69 0.49 0.87 -2.95
CA VAL A 69 -0.27 0.90 -1.67
C VAL A 69 0.69 1.24 -0.52
N LEU A 70 0.23 1.99 0.44
CA LEU A 70 1.11 2.34 1.59
C LEU A 70 0.66 1.58 2.83
N VAL A 71 1.56 0.89 3.48
CA VAL A 71 1.18 0.13 4.70
C VAL A 71 2.20 0.39 5.81
N GLN A 72 1.73 0.66 7.00
CA GLN A 72 2.68 0.93 8.13
C GLN A 72 3.10 -0.40 8.75
N MET A 73 4.37 -0.58 8.99
CA MET A 73 4.84 -1.84 9.60
C MET A 73 6.35 -1.75 9.90
N VAL A 74 6.86 -2.61 10.73
CA VAL A 74 8.31 -2.56 11.05
C VAL A 74 9.03 -3.68 10.30
N MET A 75 10.25 -3.44 9.88
CA MET A 75 11.01 -4.48 9.14
C MET A 75 11.58 -5.50 10.12
N ASN A 76 11.24 -6.76 9.96
CA ASN A 76 11.77 -7.80 10.88
C ASN A 76 12.27 -9.00 10.05
N ASP A 77 12.10 -10.20 10.55
CA ASP A 77 12.58 -11.38 9.78
C ASP A 77 11.40 -12.28 9.41
N ALA A 78 10.20 -11.90 9.77
CA ALA A 78 9.01 -12.75 9.44
C ALA A 78 8.01 -11.92 8.62
N SER A 79 8.10 -10.62 8.69
CA SER A 79 7.14 -9.78 7.92
C SER A 79 7.57 -9.71 6.45
N TRP A 80 8.85 -9.67 6.21
CA TRP A 80 9.34 -9.60 4.81
C TRP A 80 8.78 -10.79 4.02
N HIS A 81 8.93 -11.98 4.52
CA HIS A 81 8.41 -13.17 3.79
C HIS A 81 6.88 -13.12 3.75
N LEU A 82 6.27 -12.56 4.76
CA LEU A 82 4.78 -12.48 4.78
C LEU A 82 4.30 -11.62 3.60
N VAL A 83 5.02 -10.58 3.30
CA VAL A 83 4.61 -9.70 2.17
C VAL A 83 4.77 -10.44 0.84
N ARG A 84 5.91 -11.04 0.62
CA ARG A 84 6.12 -11.79 -0.64
C ARG A 84 5.12 -12.93 -0.74
N SER A 85 4.78 -13.54 0.36
CA SER A 85 3.81 -14.65 0.33
C SER A 85 2.47 -14.15 -0.21
N VAL A 86 2.15 -12.91 0.02
CA VAL A 86 0.87 -12.35 -0.48
C VAL A 86 0.85 -12.41 -2.01
N PRO A 87 -0.11 -13.18 -2.57
CA PRO A 87 -0.25 -13.33 -4.02
C PRO A 87 -0.73 -12.04 -4.69
N ARG A 88 -0.67 -11.97 -5.99
CA ARG A 88 -1.13 -10.73 -6.69
C ARG A 88 -0.30 -9.54 -6.23
N VAL A 89 0.93 -9.76 -5.85
CA VAL A 89 1.79 -8.64 -5.38
C VAL A 89 3.05 -8.57 -6.24
N MET A 90 3.37 -7.41 -6.75
CA MET A 90 4.58 -7.27 -7.60
C MET A 90 5.83 -7.44 -6.72
N GLY A 91 5.92 -6.70 -5.64
CA GLY A 91 7.10 -6.82 -4.75
C GLY A 91 7.08 -5.69 -3.72
N PHE A 92 8.22 -5.26 -3.25
CA PHE A 92 8.26 -4.17 -2.25
C PHE A 92 8.95 -2.95 -2.86
N ILE A 93 8.90 -1.83 -2.18
CA ILE A 93 9.56 -0.61 -2.72
C ILE A 93 10.59 -0.10 -1.71
N GLY A 94 11.81 0.08 -2.13
CA GLY A 94 12.86 0.56 -1.19
C GLY A 94 14.23 0.44 -1.86
N GLY A 95 15.28 0.49 -1.08
CA GLY A 95 16.65 0.38 -1.67
C GLY A 95 16.75 -0.91 -2.49
N THR A 96 16.48 -2.03 -1.89
CA THR A 96 16.57 -3.32 -2.64
C THR A 96 15.24 -4.08 -2.51
N SER A 97 15.14 -5.22 -3.12
CA SER A 97 13.87 -6.01 -3.03
C SER A 97 13.98 -7.02 -1.89
N ASP A 98 14.92 -6.82 -1.01
CA ASP A 98 15.08 -7.74 0.15
C ASP A 98 14.91 -6.96 1.44
N ARG A 99 15.24 -5.69 1.41
CA ARG A 99 15.10 -4.84 2.61
C ARG A 99 14.64 -3.45 2.20
N PRO A 100 13.31 -3.24 2.16
CA PRO A 100 12.71 -1.97 1.76
C PRO A 100 13.02 -0.83 2.75
N ALA A 101 13.67 0.20 2.30
CA ALA A 101 13.99 1.34 3.21
C ALA A 101 12.71 2.06 3.59
N PRO A 102 12.65 2.59 4.82
CA PRO A 102 11.48 3.32 5.31
C PRO A 102 11.29 4.66 4.62
N ILE A 103 10.08 5.14 4.54
CA ILE A 103 9.83 6.45 3.86
C ILE A 103 9.37 7.47 4.90
N SER A 104 9.55 8.72 4.62
CA SER A 104 9.12 9.77 5.59
C SER A 104 7.60 9.91 5.56
N ASP A 105 7.00 10.32 6.64
CA ASP A 105 5.52 10.47 6.66
C ASP A 105 5.09 11.43 5.55
N LYS A 106 5.86 12.46 5.31
CA LYS A 106 5.49 13.42 4.23
C LYS A 106 5.38 12.68 2.91
N GLU A 107 6.28 11.78 2.63
CA GLU A 107 6.22 11.02 1.35
C GLU A 107 4.89 10.28 1.26
N VAL A 108 4.48 9.64 2.32
CA VAL A 108 3.19 8.89 2.29
C VAL A 108 2.05 9.87 1.99
N ASP A 109 2.10 11.05 2.54
CA ASP A 109 1.02 12.05 2.27
C ASP A 109 1.12 12.52 0.81
N ALA A 110 2.30 12.61 0.29
CA ALA A 110 2.47 13.06 -1.13
C ALA A 110 1.73 12.11 -2.06
N ILE A 111 1.87 10.82 -1.84
CA ILE A 111 1.19 9.83 -2.71
C ILE A 111 -0.31 10.13 -2.74
N MET A 112 -0.93 10.22 -1.59
CA MET A 112 -2.39 10.52 -1.56
C MET A 112 -2.64 11.92 -2.12
N ASN A 113 -1.76 12.84 -1.85
CA ASN A 113 -1.95 14.22 -2.37
C ASN A 113 -2.19 14.16 -3.89
N ARG A 114 -1.42 13.38 -4.59
CA ARG A 114 -1.61 13.28 -6.07
C ARG A 114 -3.10 13.06 -6.39
N LEU A 115 -3.71 12.10 -5.75
CA LEU A 115 -5.15 11.83 -6.01
C LEU A 115 -5.95 13.12 -5.83
N GLN A 116 -5.66 13.87 -4.80
CA GLN A 116 -6.40 15.14 -4.57
C GLN A 116 -6.03 16.15 -5.66
N GLN A 117 -4.83 16.06 -6.17
CA GLN A 117 -4.41 17.02 -7.23
C GLN A 117 -5.44 17.01 -8.37
N VAL A 118 -6.07 15.90 -8.59
CA VAL A 118 -7.08 15.82 -9.68
C VAL A 118 -8.49 15.95 -9.08
N GLY A 119 -9.32 16.76 -9.67
CA GLY A 119 -10.71 16.92 -9.13
C GLY A 119 -11.56 15.72 -9.54
N ASP A 120 -11.87 14.85 -8.62
CA ASP A 120 -12.70 13.67 -8.96
C ASP A 120 -13.98 14.12 -9.67
N LYS A 121 -14.56 15.20 -9.22
CA LYS A 121 -15.80 15.70 -9.86
C LYS A 121 -15.75 17.22 -9.97
N PRO A 122 -16.63 17.81 -10.79
CA PRO A 122 -16.69 19.26 -10.99
C PRO A 122 -17.20 19.99 -9.74
N ARG A 123 -17.88 19.29 -8.87
CA ARG A 123 -18.39 19.95 -7.63
C ARG A 123 -18.53 18.90 -6.53
N MET A 1 12.76 0.43 23.48
CA MET A 1 11.52 0.61 24.30
C MET A 1 10.40 -0.26 23.73
N SER A 2 10.34 -1.51 24.16
CA SER A 2 9.27 -2.41 23.66
C SER A 2 7.91 -1.78 23.90
N GLU A 3 7.74 -1.10 25.00
CA GLU A 3 6.43 -0.46 25.30
C GLU A 3 6.12 0.59 24.24
N ALA A 4 7.12 1.23 23.70
CA ALA A 4 6.88 2.26 22.66
C ALA A 4 7.55 1.83 21.35
N PRO A 5 6.92 0.89 20.62
CA PRO A 5 7.45 0.40 19.35
C PRO A 5 7.38 1.45 18.24
N LYS A 6 8.36 1.50 17.39
CA LYS A 6 8.35 2.50 16.29
C LYS A 6 7.66 1.90 15.06
N LYS A 7 7.02 2.72 14.28
CA LYS A 7 6.32 2.20 13.06
C LYS A 7 6.88 2.88 11.81
N ARG A 8 7.01 2.15 10.74
CA ARG A 8 7.54 2.75 9.49
C ARG A 8 6.54 2.53 8.34
N TRP A 9 6.60 3.35 7.33
CA TRP A 9 5.65 3.19 6.19
C TRP A 9 6.39 2.57 5.00
N TYR A 10 5.87 1.50 4.47
CA TYR A 10 6.54 0.85 3.30
C TYR A 10 5.54 0.72 2.14
N VAL A 11 6.01 0.80 0.93
CA VAL A 11 5.09 0.68 -0.24
C VAL A 11 5.00 -0.78 -0.68
N VAL A 12 3.84 -1.22 -1.09
CA VAL A 12 3.69 -2.64 -1.54
C VAL A 12 3.22 -2.66 -2.99
N GLN A 13 3.83 -3.45 -3.82
CA GLN A 13 3.42 -3.52 -5.25
C GLN A 13 2.25 -4.51 -5.39
N ALA A 14 1.41 -4.30 -6.36
CA ALA A 14 0.25 -5.23 -6.55
C ALA A 14 -0.34 -5.03 -7.95
N PHE A 15 -0.91 -6.06 -8.51
CA PHE A 15 -1.50 -5.94 -9.88
C PHE A 15 -2.62 -4.89 -9.85
N SER A 16 -2.76 -4.13 -10.90
CA SER A 16 -3.83 -3.10 -10.93
C SER A 16 -5.20 -3.77 -10.83
N GLY A 17 -6.08 -3.22 -10.02
CA GLY A 17 -7.43 -3.83 -9.88
C GLY A 17 -7.41 -4.83 -8.72
N PHE A 18 -6.29 -5.47 -8.48
CA PHE A 18 -6.21 -6.45 -7.37
C PHE A 18 -5.42 -5.84 -6.21
N GLU A 19 -4.93 -4.66 -6.37
CA GLU A 19 -4.16 -4.01 -5.28
C GLU A 19 -5.01 -3.94 -4.01
N GLY A 20 -6.26 -3.62 -4.15
CA GLY A 20 -7.15 -3.54 -2.97
C GLY A 20 -7.27 -4.94 -2.33
N ARG A 21 -7.35 -5.96 -3.14
CA ARG A 21 -7.46 -7.33 -2.58
C ARG A 21 -6.25 -7.62 -1.69
N VAL A 22 -5.06 -7.36 -2.18
CA VAL A 22 -3.85 -7.62 -1.36
C VAL A 22 -4.08 -7.14 0.07
N ALA A 23 -4.75 -6.03 0.23
CA ALA A 23 -5.01 -5.51 1.60
C ALA A 23 -5.71 -6.59 2.43
N THR A 24 -6.82 -7.09 1.95
CA THR A 24 -7.55 -8.15 2.69
C THR A 24 -6.67 -9.40 2.79
N SER A 25 -6.12 -9.82 1.68
CA SER A 25 -5.25 -11.03 1.71
C SER A 25 -4.12 -10.83 2.72
N LEU A 26 -3.45 -9.72 2.65
CA LEU A 26 -2.35 -9.46 3.61
C LEU A 26 -2.82 -9.76 5.03
N ARG A 27 -3.88 -9.13 5.46
CA ARG A 27 -4.40 -9.38 6.83
C ARG A 27 -4.65 -10.88 7.00
N GLU A 28 -5.13 -11.52 5.98
CA GLU A 28 -5.39 -12.99 6.08
C GLU A 28 -4.11 -13.71 6.50
N HIS A 29 -3.01 -13.41 5.84
CA HIS A 29 -1.73 -14.07 6.20
C HIS A 29 -1.25 -13.55 7.55
N ILE A 30 -1.36 -12.26 7.78
CA ILE A 30 -0.91 -11.69 9.07
C ILE A 30 -1.68 -12.36 10.23
N LYS A 31 -2.99 -12.37 10.14
CA LYS A 31 -3.78 -13.01 11.23
C LYS A 31 -3.30 -14.45 11.45
N LEU A 32 -3.07 -15.17 10.38
CA LEU A 32 -2.59 -16.57 10.53
C LEU A 32 -1.20 -16.58 11.17
N HIS A 33 -0.31 -15.77 10.67
CA HIS A 33 1.07 -15.73 11.26
C HIS A 33 1.09 -14.77 12.45
N ASN A 34 -0.05 -14.27 12.84
CA ASN A 34 -0.09 -13.33 14.00
C ASN A 34 0.92 -12.20 13.78
N MET A 35 0.93 -11.62 12.61
CA MET A 35 1.90 -10.52 12.34
C MET A 35 1.19 -9.17 12.52
N GLU A 36 -0.03 -9.19 12.97
CA GLU A 36 -0.76 -7.90 13.18
C GLU A 36 0.08 -6.95 14.01
N ASP A 37 0.81 -7.47 14.96
CA ASP A 37 1.66 -6.59 15.81
C ASP A 37 2.58 -5.75 14.93
N LEU A 38 3.16 -6.35 13.92
CA LEU A 38 4.07 -5.58 13.02
C LEU A 38 3.23 -4.61 12.17
N PHE A 39 2.26 -5.11 11.47
CA PHE A 39 1.41 -4.21 10.63
C PHE A 39 0.65 -3.24 11.53
N GLY A 40 0.57 -2.00 11.14
CA GLY A 40 -0.15 -1.00 11.98
C GLY A 40 -1.35 -0.45 11.21
N GLU A 41 -1.12 0.29 10.17
CA GLU A 41 -2.25 0.85 9.38
C GLU A 41 -2.03 0.61 7.89
N VAL A 42 -3.08 0.47 7.13
CA VAL A 42 -2.94 0.23 5.67
C VAL A 42 -3.62 1.35 4.90
N MET A 43 -3.13 1.70 3.74
CA MET A 43 -3.77 2.78 2.95
C MET A 43 -4.01 2.31 1.52
N VAL A 44 -5.06 2.76 0.90
CA VAL A 44 -5.35 2.33 -0.50
C VAL A 44 -5.64 3.57 -1.34
N PRO A 45 -4.64 4.04 -2.10
CA PRO A 45 -4.78 5.22 -2.97
C PRO A 45 -5.69 4.94 -4.17
N THR A 46 -6.04 3.71 -4.39
CA THR A 46 -6.92 3.38 -5.54
C THR A 46 -8.39 3.42 -5.10
N GLU A 47 -8.64 3.85 -3.90
CA GLU A 47 -10.04 3.91 -3.40
C GLU A 47 -10.77 2.62 -3.80
N GLU A 48 -12.07 2.63 -3.74
CA GLU A 48 -12.84 1.41 -4.11
C GLU A 48 -13.00 1.34 -5.63
N VAL A 49 -13.23 0.18 -6.17
CA VAL A 49 -13.41 0.05 -7.64
C VAL A 49 -14.60 0.89 -8.08
N VAL A 50 -15.66 0.90 -7.32
CA VAL A 50 -16.86 1.69 -7.70
C VAL A 50 -17.08 2.79 -6.67
N GLU A 51 -17.46 3.96 -7.10
CA GLU A 51 -17.71 5.08 -6.14
C GLU A 51 -19.20 5.34 -6.03
N ILE A 52 -19.67 5.67 -4.85
CA ILE A 52 -21.13 5.94 -4.69
C ILE A 52 -21.59 6.95 -5.73
N ARG A 53 -20.82 7.98 -5.96
CA ARG A 53 -21.21 9.00 -6.97
C ARG A 53 -20.82 8.51 -8.37
N GLY A 54 -21.62 8.80 -9.36
CA GLY A 54 -21.30 8.34 -10.74
C GLY A 54 -19.93 8.89 -11.15
N GLY A 55 -19.61 10.09 -10.73
CA GLY A 55 -18.30 10.68 -11.09
C GLY A 55 -18.40 11.35 -12.46
N GLN A 56 -17.42 12.12 -12.84
CA GLN A 56 -17.46 12.80 -14.17
C GLN A 56 -17.52 11.75 -15.27
N ARG A 57 -16.79 10.68 -15.12
CA ARG A 57 -16.81 9.61 -16.16
C ARG A 57 -16.93 8.24 -15.50
N ARG A 58 -17.60 7.31 -16.13
CA ARG A 58 -17.74 5.96 -15.52
C ARG A 58 -16.38 5.28 -15.44
N LYS A 59 -15.51 5.56 -16.38
CA LYS A 59 -14.16 4.94 -16.36
C LYS A 59 -13.09 6.02 -16.49
N SER A 60 -12.02 5.89 -15.77
CA SER A 60 -10.93 6.92 -15.86
C SER A 60 -9.86 6.46 -16.86
N GLU A 61 -9.40 7.35 -17.69
CA GLU A 61 -8.37 6.96 -18.68
C GLU A 61 -7.00 6.90 -18.00
N ARG A 62 -6.85 7.55 -16.89
CA ARG A 62 -5.54 7.54 -16.18
C ARG A 62 -5.74 7.01 -14.76
N LYS A 63 -4.82 6.24 -14.26
CA LYS A 63 -4.96 5.70 -12.87
C LYS A 63 -3.86 6.28 -11.99
N PHE A 64 -4.13 6.48 -10.73
CA PHE A 64 -3.10 7.04 -9.82
C PHE A 64 -2.54 5.93 -8.92
N PHE A 65 -1.25 5.88 -8.77
CA PHE A 65 -0.65 4.82 -7.91
C PHE A 65 -1.30 3.48 -8.22
N PRO A 66 -1.22 3.05 -9.50
CA PRO A 66 -1.80 1.78 -9.94
C PRO A 66 -1.01 0.58 -9.41
N GLY A 67 -1.60 -0.20 -8.55
CA GLY A 67 -0.88 -1.38 -8.00
C GLY A 67 0.03 -0.94 -6.86
N TYR A 68 -0.14 0.26 -6.38
CA TYR A 68 0.73 0.75 -5.27
C TYR A 68 -0.09 0.86 -3.98
N VAL A 69 0.38 0.28 -2.91
CA VAL A 69 -0.37 0.35 -1.63
C VAL A 69 0.58 0.72 -0.49
N LEU A 70 0.13 1.53 0.43
CA LEU A 70 1.02 1.93 1.56
C LEU A 70 0.57 1.20 2.83
N VAL A 71 1.48 0.61 3.55
CA VAL A 71 1.10 -0.11 4.79
C VAL A 71 2.15 0.13 5.87
N GLN A 72 1.76 0.68 6.99
CA GLN A 72 2.74 0.93 8.08
C GLN A 72 3.05 -0.37 8.80
N MET A 73 4.29 -0.75 8.88
CA MET A 73 4.65 -2.02 9.58
C MET A 73 6.15 -2.02 9.92
N VAL A 74 6.53 -2.79 10.90
CA VAL A 74 7.97 -2.83 11.29
C VAL A 74 8.70 -3.87 10.43
N MET A 75 9.81 -3.49 9.84
CA MET A 75 10.56 -4.45 8.99
C MET A 75 11.29 -5.45 9.89
N ASN A 76 11.24 -6.72 9.56
CA ASN A 76 11.94 -7.73 10.39
C ASN A 76 12.34 -8.92 9.53
N ASP A 77 12.61 -10.05 10.12
CA ASP A 77 13.01 -11.25 9.34
C ASP A 77 11.82 -12.20 9.23
N ALA A 78 10.63 -11.68 9.16
CA ALA A 78 9.44 -12.57 9.05
C ALA A 78 8.35 -11.84 8.27
N SER A 79 8.03 -10.64 8.63
CA SER A 79 6.98 -9.88 7.90
C SER A 79 7.41 -9.66 6.45
N TRP A 80 8.64 -9.29 6.25
CA TRP A 80 9.13 -9.05 4.85
C TRP A 80 8.79 -10.28 3.99
N HIS A 81 9.07 -11.46 4.48
CA HIS A 81 8.76 -12.68 3.69
C HIS A 81 7.24 -12.86 3.61
N LEU A 82 6.53 -12.49 4.65
CA LEU A 82 5.05 -12.64 4.62
C LEU A 82 4.46 -11.76 3.51
N VAL A 83 5.00 -10.59 3.33
CA VAL A 83 4.48 -9.68 2.28
C VAL A 83 4.63 -10.36 0.91
N ARG A 84 5.79 -10.87 0.62
CA ARG A 84 6.01 -11.54 -0.69
C ARG A 84 5.02 -12.71 -0.83
N SER A 85 4.73 -13.38 0.25
CA SER A 85 3.78 -14.52 0.19
C SER A 85 2.41 -14.02 -0.26
N VAL A 86 2.04 -12.82 0.13
CA VAL A 86 0.72 -12.28 -0.27
C VAL A 86 0.54 -12.46 -1.78
N PRO A 87 -0.58 -13.06 -2.18
CA PRO A 87 -0.90 -13.30 -3.61
C PRO A 87 -1.23 -11.99 -4.34
N ARG A 88 -1.06 -11.97 -5.63
CA ARG A 88 -1.36 -10.74 -6.40
C ARG A 88 -0.42 -9.61 -5.97
N VAL A 89 0.80 -9.94 -5.63
CA VAL A 89 1.76 -8.89 -5.20
C VAL A 89 3.06 -9.03 -6.00
N MET A 90 3.58 -7.93 -6.49
CA MET A 90 4.85 -8.00 -7.27
C MET A 90 6.04 -8.10 -6.33
N GLY A 91 6.05 -7.32 -5.28
CA GLY A 91 7.18 -7.38 -4.32
C GLY A 91 7.17 -6.11 -3.44
N PHE A 92 8.33 -5.65 -3.05
CA PHE A 92 8.39 -4.44 -2.19
C PHE A 92 9.05 -3.30 -2.97
N ILE A 93 8.95 -2.09 -2.47
CA ILE A 93 9.57 -0.94 -3.19
C ILE A 93 10.58 -0.26 -2.26
N GLY A 94 11.72 0.11 -2.78
CA GLY A 94 12.74 0.79 -1.93
C GLY A 94 14.11 0.74 -2.62
N GLY A 95 15.16 0.67 -1.86
CA GLY A 95 16.52 0.63 -2.46
C GLY A 95 16.79 -0.76 -3.06
N THR A 96 16.50 -1.79 -2.32
CA THR A 96 16.74 -3.17 -2.83
C THR A 96 15.43 -3.96 -2.85
N SER A 97 15.44 -5.13 -3.44
CA SER A 97 14.20 -5.94 -3.49
C SER A 97 14.17 -6.88 -2.28
N ASP A 98 14.94 -6.58 -1.28
CA ASP A 98 14.97 -7.44 -0.05
C ASP A 98 14.67 -6.56 1.17
N ARG A 99 15.05 -5.32 1.12
CA ARG A 99 14.78 -4.41 2.27
C ARG A 99 14.48 -3.01 1.73
N PRO A 100 13.19 -2.68 1.64
CA PRO A 100 12.75 -1.37 1.12
C PRO A 100 13.14 -0.22 2.05
N ALA A 101 13.71 0.83 1.50
CA ALA A 101 14.11 1.98 2.35
C ALA A 101 12.87 2.62 2.95
N PRO A 102 12.93 2.98 4.26
CA PRO A 102 11.82 3.61 4.97
C PRO A 102 11.56 5.03 4.47
N ILE A 103 10.35 5.49 4.58
CA ILE A 103 10.03 6.87 4.11
C ILE A 103 9.42 7.68 5.27
N SER A 104 9.38 8.97 5.14
CA SER A 104 8.80 9.81 6.23
C SER A 104 7.28 9.85 6.10
N ASP A 105 6.58 10.09 7.17
CA ASP A 105 5.10 10.15 7.09
C ASP A 105 4.67 11.30 6.20
N LYS A 106 5.45 12.35 6.16
CA LYS A 106 5.09 13.53 5.30
C LYS A 106 5.13 13.09 3.83
N GLU A 107 6.05 12.26 3.47
CA GLU A 107 6.15 11.81 2.05
C GLU A 107 4.89 11.01 1.70
N VAL A 108 4.44 10.17 2.60
CA VAL A 108 3.22 9.36 2.32
C VAL A 108 2.01 10.28 2.19
N ASP A 109 1.98 11.35 2.95
CA ASP A 109 0.82 12.28 2.88
C ASP A 109 0.86 13.04 1.55
N ALA A 110 2.04 13.32 1.05
CA ALA A 110 2.13 14.06 -0.24
C ALA A 110 1.67 13.15 -1.38
N ILE A 111 2.02 11.88 -1.32
CA ILE A 111 1.60 10.95 -2.40
C ILE A 111 0.07 10.96 -2.53
N MET A 112 -0.63 10.79 -1.44
CA MET A 112 -2.12 10.80 -1.50
C MET A 112 -2.61 12.18 -1.96
N ASN A 113 -1.95 13.22 -1.51
CA ASN A 113 -2.39 14.58 -1.92
C ASN A 113 -2.44 14.67 -3.44
N ARG A 114 -1.52 14.04 -4.12
CA ARG A 114 -1.52 14.09 -5.61
C ARG A 114 -2.88 13.61 -6.14
N LEU A 115 -3.31 12.46 -5.72
CA LEU A 115 -4.62 11.93 -6.20
C LEU A 115 -5.65 13.05 -6.21
N GLN A 116 -5.73 13.79 -5.13
CA GLN A 116 -6.73 14.90 -5.07
C GLN A 116 -6.47 15.88 -6.22
N GLN A 117 -5.24 15.96 -6.68
CA GLN A 117 -4.94 16.90 -7.79
C GLN A 117 -5.29 16.23 -9.14
N VAL A 118 -5.95 16.95 -10.00
CA VAL A 118 -6.32 16.36 -11.32
C VAL A 118 -5.05 16.04 -12.12
N GLY A 119 -4.00 16.79 -11.92
CA GLY A 119 -2.74 16.51 -12.66
C GLY A 119 -2.93 16.87 -14.14
N ASP A 120 -3.92 17.65 -14.45
CA ASP A 120 -4.15 18.03 -15.87
C ASP A 120 -3.10 19.08 -16.30
N LYS A 121 -3.06 19.41 -17.55
CA LYS A 121 -2.07 20.42 -18.02
C LYS A 121 -2.78 21.51 -18.81
N PRO A 122 -3.40 22.48 -18.10
CA PRO A 122 -4.12 23.58 -18.73
C PRO A 122 -3.17 24.55 -19.44
N ARG A 123 -1.91 24.52 -19.11
CA ARG A 123 -0.95 25.43 -19.77
C ARG A 123 0.01 24.63 -20.66
N MET A 1 7.16 2.04 28.47
CA MET A 1 7.13 3.43 29.00
C MET A 1 8.27 4.24 28.38
N SER A 2 9.44 4.15 28.95
CA SER A 2 10.60 4.91 28.41
C SER A 2 10.86 4.47 26.96
N GLU A 3 10.64 3.22 26.67
CA GLU A 3 10.87 2.74 25.28
C GLU A 3 9.53 2.59 24.56
N ALA A 4 9.46 2.99 23.31
CA ALA A 4 8.18 2.87 22.56
C ALA A 4 8.43 2.11 21.26
N PRO A 5 7.36 1.54 20.67
CA PRO A 5 7.45 0.79 19.41
C PRO A 5 7.77 1.70 18.22
N LYS A 6 8.56 1.23 17.30
CA LYS A 6 8.90 2.06 16.11
C LYS A 6 7.85 1.84 15.01
N LYS A 7 7.59 2.84 14.23
CA LYS A 7 6.58 2.69 13.14
C LYS A 7 7.16 3.23 11.83
N ARG A 8 7.10 2.46 10.78
CA ARG A 8 7.64 2.93 9.48
C ARG A 8 6.63 2.61 8.37
N TRP A 9 6.65 3.38 7.30
CA TRP A 9 5.70 3.12 6.19
C TRP A 9 6.42 2.38 5.06
N TYR A 10 5.80 1.38 4.51
CA TYR A 10 6.45 0.61 3.40
C TYR A 10 5.53 0.61 2.18
N VAL A 11 6.09 0.52 1.00
CA VAL A 11 5.24 0.50 -0.23
C VAL A 11 5.11 -0.94 -0.74
N VAL A 12 3.94 -1.31 -1.15
CA VAL A 12 3.75 -2.70 -1.66
C VAL A 12 3.37 -2.64 -3.15
N GLN A 13 4.07 -3.38 -3.97
CA GLN A 13 3.76 -3.37 -5.42
C GLN A 13 2.82 -4.53 -5.77
N ALA A 14 1.75 -4.25 -6.45
CA ALA A 14 0.80 -5.34 -6.82
C ALA A 14 0.17 -5.02 -8.17
N PHE A 15 -0.73 -5.86 -8.64
CA PHE A 15 -1.39 -5.61 -9.95
C PHE A 15 -2.42 -4.49 -9.80
N SER A 16 -2.42 -3.55 -10.71
CA SER A 16 -3.40 -2.44 -10.62
C SER A 16 -4.82 -3.00 -10.60
N GLY A 17 -5.69 -2.43 -9.82
CA GLY A 17 -7.09 -2.93 -9.75
C GLY A 17 -7.19 -3.99 -8.65
N PHE A 18 -6.11 -4.63 -8.32
CA PHE A 18 -6.15 -5.67 -7.25
C PHE A 18 -5.35 -5.18 -6.04
N GLU A 19 -5.02 -3.92 -6.01
CA GLU A 19 -4.24 -3.38 -4.85
C GLU A 19 -4.96 -3.72 -3.55
N GLY A 20 -6.25 -3.53 -3.50
CA GLY A 20 -7.01 -3.84 -2.26
C GLY A 20 -6.99 -5.35 -2.02
N ARG A 21 -7.18 -6.13 -3.06
CA ARG A 21 -7.17 -7.60 -2.89
C ARG A 21 -5.90 -8.03 -2.14
N VAL A 22 -4.75 -7.65 -2.65
CA VAL A 22 -3.49 -8.02 -1.97
C VAL A 22 -3.59 -7.67 -0.48
N ALA A 23 -4.21 -6.56 -0.17
CA ALA A 23 -4.36 -6.16 1.26
C ALA A 23 -5.21 -7.20 1.99
N THR A 24 -6.22 -7.72 1.34
CA THR A 24 -7.08 -8.74 2.00
C THR A 24 -6.22 -9.93 2.44
N SER A 25 -5.33 -10.36 1.60
CA SER A 25 -4.45 -11.51 1.97
C SER A 25 -3.67 -11.16 3.24
N LEU A 26 -3.18 -9.96 3.34
CA LEU A 26 -2.42 -9.55 4.55
C LEU A 26 -3.26 -9.86 5.80
N ARG A 27 -4.51 -9.52 5.78
CA ARG A 27 -5.38 -9.79 6.96
C ARG A 27 -5.25 -11.26 7.36
N GLU A 28 -5.25 -12.15 6.40
CA GLU A 28 -5.12 -13.60 6.72
C GLU A 28 -3.68 -13.91 7.11
N HIS A 29 -2.74 -13.63 6.24
CA HIS A 29 -1.32 -13.92 6.56
C HIS A 29 -0.95 -13.23 7.87
N ILE A 30 -1.45 -12.05 8.09
CA ILE A 30 -1.13 -11.31 9.34
C ILE A 30 -1.96 -11.90 10.50
N LYS A 31 -3.25 -11.96 10.35
CA LYS A 31 -4.11 -12.51 11.43
C LYS A 31 -3.69 -13.97 11.70
N LEU A 32 -3.36 -14.70 10.67
CA LEU A 32 -2.95 -16.12 10.85
C LEU A 32 -1.58 -16.16 11.51
N HIS A 33 -0.63 -15.46 10.96
CA HIS A 33 0.74 -15.46 11.57
C HIS A 33 0.79 -14.48 12.74
N ASN A 34 -0.31 -13.84 13.03
CA ASN A 34 -0.33 -12.88 14.16
C ASN A 34 0.68 -11.76 13.89
N MET A 35 0.61 -11.15 12.74
CA MET A 35 1.56 -10.05 12.41
C MET A 35 0.88 -8.70 12.63
N GLU A 36 -0.36 -8.70 13.06
CA GLU A 36 -1.07 -7.41 13.28
C GLU A 36 -0.16 -6.46 14.07
N ASP A 37 0.60 -6.99 15.01
CA ASP A 37 1.51 -6.11 15.80
C ASP A 37 2.40 -5.31 14.85
N LEU A 38 2.93 -5.93 13.84
CA LEU A 38 3.80 -5.20 12.88
C LEU A 38 2.93 -4.32 11.98
N PHE A 39 1.88 -4.86 11.44
CA PHE A 39 0.99 -4.06 10.56
C PHE A 39 0.15 -3.11 11.41
N GLY A 40 0.18 -1.84 11.10
CA GLY A 40 -0.63 -0.86 11.89
C GLY A 40 -1.79 -0.36 11.05
N GLU A 41 -1.51 0.38 10.01
CA GLU A 41 -2.61 0.91 9.14
C GLU A 41 -2.27 0.65 7.67
N VAL A 42 -3.27 0.36 6.87
CA VAL A 42 -3.00 0.11 5.43
C VAL A 42 -3.54 1.27 4.60
N MET A 43 -2.90 1.58 3.50
CA MET A 43 -3.38 2.72 2.66
C MET A 43 -3.68 2.22 1.24
N VAL A 44 -4.58 2.87 0.57
CA VAL A 44 -4.92 2.44 -0.83
C VAL A 44 -5.35 3.66 -1.64
N PRO A 45 -4.93 3.72 -2.92
CA PRO A 45 -5.27 4.84 -3.81
C PRO A 45 -6.77 4.86 -4.15
N THR A 46 -7.51 3.90 -3.66
CA THR A 46 -8.97 3.87 -3.96
C THR A 46 -9.72 3.30 -2.74
N GLU A 47 -10.83 3.90 -2.39
CA GLU A 47 -11.59 3.40 -1.20
C GLU A 47 -12.88 2.74 -1.68
N GLU A 48 -13.24 1.62 -1.12
CA GLU A 48 -14.49 0.93 -1.53
C GLU A 48 -14.60 0.94 -3.06
N VAL A 49 -13.93 0.04 -3.72
CA VAL A 49 -14.01 0.01 -5.21
C VAL A 49 -14.19 -1.44 -5.68
N VAL A 50 -15.01 -1.64 -6.68
CA VAL A 50 -15.23 -3.03 -7.19
C VAL A 50 -14.77 -3.13 -8.64
N GLU A 51 -14.20 -4.23 -9.02
CA GLU A 51 -13.74 -4.38 -10.43
C GLU A 51 -14.94 -4.25 -11.39
N ILE A 52 -15.83 -5.21 -11.36
CA ILE A 52 -17.01 -5.14 -12.27
C ILE A 52 -17.62 -3.74 -12.18
N ARG A 53 -17.91 -3.28 -10.99
CA ARG A 53 -18.52 -1.92 -10.85
C ARG A 53 -17.77 -0.94 -11.75
N GLY A 54 -16.47 -0.93 -11.68
CA GLY A 54 -15.68 0.01 -12.52
C GLY A 54 -15.92 1.45 -12.04
N GLY A 55 -16.29 2.33 -12.94
CA GLY A 55 -16.55 3.74 -12.54
C GLY A 55 -18.03 4.06 -12.71
N GLN A 56 -18.78 4.08 -11.64
CA GLN A 56 -20.22 4.39 -11.74
C GLN A 56 -20.40 5.83 -12.19
N ARG A 57 -19.55 6.71 -11.75
CA ARG A 57 -19.68 8.14 -12.16
C ARG A 57 -19.64 8.25 -13.69
N ARG A 58 -18.73 7.55 -14.30
CA ARG A 58 -18.64 7.61 -15.79
C ARG A 58 -18.19 6.25 -16.33
N LYS A 59 -18.62 5.90 -17.52
CA LYS A 59 -18.21 4.59 -18.10
C LYS A 59 -16.69 4.44 -18.01
N SER A 60 -15.96 5.46 -18.38
CA SER A 60 -14.48 5.37 -18.32
C SER A 60 -14.04 5.08 -16.88
N GLU A 61 -12.82 4.66 -16.69
CA GLU A 61 -12.34 4.35 -15.31
C GLU A 61 -10.96 4.99 -15.10
N ARG A 62 -10.72 5.52 -13.95
CA ARG A 62 -9.40 6.15 -13.67
C ARG A 62 -8.77 5.49 -12.45
N LYS A 63 -7.47 5.35 -12.43
CA LYS A 63 -6.80 4.71 -11.27
C LYS A 63 -5.56 5.53 -10.87
N PHE A 64 -5.36 5.73 -9.60
CA PHE A 64 -4.17 6.51 -9.15
C PHE A 64 -3.18 5.57 -8.47
N PHE A 65 -1.90 5.79 -8.67
CA PHE A 65 -0.89 4.90 -8.03
C PHE A 65 -1.24 3.44 -8.32
N PRO A 66 -1.15 3.04 -9.60
CA PRO A 66 -1.45 1.67 -10.03
C PRO A 66 -0.40 0.68 -9.53
N GLY A 67 -0.82 -0.38 -8.90
CA GLY A 67 0.17 -1.39 -8.39
C GLY A 67 1.02 -0.76 -7.30
N TYR A 68 0.54 0.26 -6.66
CA TYR A 68 1.33 0.92 -5.58
C TYR A 68 0.48 1.04 -4.32
N VAL A 69 0.90 0.42 -3.25
CA VAL A 69 0.11 0.49 -1.99
C VAL A 69 1.05 0.86 -0.83
N LEU A 70 0.54 1.55 0.15
CA LEU A 70 1.41 1.94 1.31
C LEU A 70 0.87 1.27 2.57
N VAL A 71 1.74 0.67 3.35
CA VAL A 71 1.29 0.00 4.60
C VAL A 71 2.25 0.32 5.73
N GLN A 72 1.74 0.75 6.86
CA GLN A 72 2.64 1.07 8.01
C GLN A 72 3.03 -0.22 8.71
N MET A 73 4.29 -0.40 9.00
CA MET A 73 4.73 -1.64 9.70
C MET A 73 6.25 -1.68 9.78
N VAL A 74 6.80 -2.53 10.61
CA VAL A 74 8.28 -2.62 10.73
C VAL A 74 8.81 -3.70 9.81
N MET A 75 9.90 -3.45 9.13
CA MET A 75 10.46 -4.48 8.22
C MET A 75 11.22 -5.53 9.02
N ASN A 76 10.80 -6.77 8.96
CA ASN A 76 11.50 -7.84 9.72
C ASN A 76 11.55 -9.12 8.87
N ASP A 77 12.15 -10.15 9.38
CA ASP A 77 12.24 -11.43 8.61
C ASP A 77 10.83 -12.00 8.40
N ALA A 78 9.97 -11.86 9.38
CA ALA A 78 8.59 -12.41 9.24
C ALA A 78 7.78 -11.52 8.30
N SER A 79 7.40 -10.35 8.75
CA SER A 79 6.60 -9.43 7.89
C SER A 79 7.16 -9.44 6.47
N TRP A 80 8.45 -9.31 6.33
CA TRP A 80 9.06 -9.31 4.98
C TRP A 80 8.55 -10.53 4.19
N HIS A 81 8.62 -11.69 4.76
CA HIS A 81 8.16 -12.91 4.05
C HIS A 81 6.63 -12.85 3.88
N LEU A 82 5.96 -12.14 4.75
CA LEU A 82 4.48 -12.04 4.65
C LEU A 82 4.09 -11.42 3.31
N VAL A 83 4.62 -10.27 3.01
CA VAL A 83 4.29 -9.61 1.72
C VAL A 83 4.76 -10.48 0.55
N ARG A 84 5.97 -10.93 0.58
CA ARG A 84 6.47 -11.79 -0.54
C ARG A 84 5.65 -13.07 -0.62
N SER A 85 5.14 -13.53 0.50
CA SER A 85 4.32 -14.77 0.49
C SER A 85 2.91 -14.45 0.00
N VAL A 86 2.53 -13.20 0.03
CA VAL A 86 1.16 -12.84 -0.44
C VAL A 86 1.10 -12.94 -1.97
N PRO A 87 0.12 -13.70 -2.48
CA PRO A 87 -0.06 -13.90 -3.92
C PRO A 87 -0.59 -12.63 -4.60
N ARG A 88 -0.42 -12.53 -5.90
CA ARG A 88 -0.91 -11.32 -6.61
C ARG A 88 -0.14 -10.09 -6.14
N VAL A 89 1.11 -10.27 -5.77
CA VAL A 89 1.91 -9.11 -5.30
C VAL A 89 3.22 -9.03 -6.10
N MET A 90 3.54 -7.87 -6.61
CA MET A 90 4.80 -7.74 -7.40
C MET A 90 6.00 -7.84 -6.47
N GLY A 91 5.98 -7.13 -5.37
CA GLY A 91 7.12 -7.18 -4.42
C GLY A 91 7.15 -5.90 -3.58
N PHE A 92 8.30 -5.54 -3.07
CA PHE A 92 8.38 -4.31 -2.24
C PHE A 92 9.05 -3.19 -3.05
N ILE A 93 8.90 -1.97 -2.62
CA ILE A 93 9.52 -0.84 -3.37
C ILE A 93 10.52 -0.12 -2.45
N GLY A 94 11.77 -0.11 -2.81
CA GLY A 94 12.78 0.58 -1.96
C GLY A 94 14.13 0.58 -2.67
N GLY A 95 15.20 0.47 -1.93
CA GLY A 95 16.55 0.46 -2.57
C GLY A 95 16.79 -0.90 -3.26
N THR A 96 16.48 -1.98 -2.59
CA THR A 96 16.68 -3.31 -3.20
C THR A 96 15.40 -4.13 -3.12
N SER A 97 15.36 -5.28 -3.74
CA SER A 97 14.13 -6.11 -3.69
C SER A 97 14.19 -7.05 -2.48
N ASP A 98 15.04 -6.74 -1.54
CA ASP A 98 15.17 -7.60 -0.33
C ASP A 98 15.00 -6.75 0.92
N ARG A 99 14.90 -5.45 0.76
CA ARG A 99 14.73 -4.56 1.94
C ARG A 99 14.27 -3.18 1.47
N PRO A 100 12.96 -2.92 1.56
CA PRO A 100 12.37 -1.64 1.13
C PRO A 100 12.81 -0.48 2.04
N ALA A 101 13.56 0.44 1.51
CA ALA A 101 14.01 1.60 2.34
C ALA A 101 12.80 2.33 2.91
N PRO A 102 12.87 2.70 4.20
CA PRO A 102 11.78 3.41 4.88
C PRO A 102 11.60 4.84 4.35
N ILE A 103 10.43 5.39 4.46
CA ILE A 103 10.21 6.77 3.96
C ILE A 103 9.63 7.63 5.09
N SER A 104 9.72 8.93 4.98
CA SER A 104 9.19 9.82 6.05
C SER A 104 7.66 9.77 6.03
N ASP A 105 7.04 9.91 7.17
CA ASP A 105 5.55 9.88 7.22
C ASP A 105 4.99 11.04 6.40
N LYS A 106 5.65 12.16 6.42
CA LYS A 106 5.15 13.33 5.64
C LYS A 106 5.14 12.98 4.15
N GLU A 107 6.10 12.21 3.70
CA GLU A 107 6.14 11.82 2.26
C GLU A 107 4.87 11.04 1.91
N VAL A 108 4.46 10.14 2.76
CA VAL A 108 3.23 9.35 2.47
C VAL A 108 2.02 10.29 2.40
N ASP A 109 2.02 11.32 3.20
CA ASP A 109 0.88 12.28 3.19
C ASP A 109 0.86 13.03 1.86
N ALA A 110 2.02 13.37 1.34
CA ALA A 110 2.06 14.10 0.05
C ALA A 110 1.51 13.20 -1.06
N ILE A 111 1.90 11.95 -1.09
CA ILE A 111 1.40 11.04 -2.15
C ILE A 111 -0.13 11.07 -2.17
N MET A 112 -0.76 10.86 -1.04
CA MET A 112 -2.24 10.87 -0.99
C MET A 112 -2.76 12.23 -1.49
N ASN A 113 -2.08 13.29 -1.13
CA ASN A 113 -2.51 14.64 -1.58
C ASN A 113 -2.69 14.64 -3.10
N ARG A 114 -1.79 14.03 -3.81
CA ARG A 114 -1.91 13.99 -5.29
C ARG A 114 -3.25 13.37 -5.69
N LEU A 115 -3.62 12.29 -5.05
CA LEU A 115 -4.91 11.64 -5.38
C LEU A 115 -6.00 12.71 -5.55
N GLN A 116 -6.11 13.60 -4.60
CA GLN A 116 -7.15 14.66 -4.70
C GLN A 116 -6.95 15.45 -6.00
N GLN A 117 -5.74 15.48 -6.49
CA GLN A 117 -5.48 16.24 -7.75
C GLN A 117 -5.77 15.34 -8.95
N VAL A 118 -6.61 15.78 -9.85
CA VAL A 118 -6.93 14.95 -11.05
C VAL A 118 -6.57 15.71 -12.32
N GLY A 119 -5.91 15.07 -13.25
CA GLY A 119 -5.53 15.77 -14.50
C GLY A 119 -6.76 16.45 -15.10
N ASP A 120 -7.92 16.00 -14.75
CA ASP A 120 -9.16 16.62 -15.30
C ASP A 120 -9.68 17.69 -14.32
N LYS A 121 -10.13 18.80 -14.82
CA LYS A 121 -10.65 19.87 -13.92
C LYS A 121 -12.11 20.15 -14.25
N PRO A 122 -13.02 19.24 -13.85
CA PRO A 122 -14.46 19.39 -14.09
C PRO A 122 -15.06 20.52 -13.26
N ARG A 123 -16.01 21.23 -13.80
CA ARG A 123 -16.65 22.33 -13.03
C ARG A 123 -17.68 21.76 -12.05
N MET A 1 4.68 15.54 18.17
CA MET A 1 4.75 14.05 18.20
C MET A 1 5.95 13.61 19.03
N SER A 2 5.96 13.94 20.29
CA SER A 2 7.11 13.54 21.16
C SER A 2 7.23 12.02 21.19
N GLU A 3 6.14 11.33 21.01
CA GLU A 3 6.18 9.84 21.01
C GLU A 3 7.06 9.35 19.86
N ALA A 4 7.82 8.32 20.08
CA ALA A 4 8.70 7.80 18.99
C ALA A 4 8.34 6.35 18.69
N PRO A 5 7.30 6.13 17.88
CA PRO A 5 6.84 4.79 17.51
C PRO A 5 7.83 4.10 16.57
N LYS A 6 7.97 2.81 16.67
CA LYS A 6 8.92 2.09 15.79
C LYS A 6 8.19 1.61 14.53
N LYS A 7 7.15 2.32 14.13
CA LYS A 7 6.39 1.90 12.92
C LYS A 7 6.84 2.75 11.74
N ARG A 8 7.11 2.13 10.61
CA ARG A 8 7.55 2.91 9.42
C ARG A 8 6.61 2.62 8.25
N TRP A 9 6.48 3.54 7.33
CA TRP A 9 5.58 3.32 6.17
C TRP A 9 6.38 2.79 4.98
N TYR A 10 5.99 1.65 4.45
CA TYR A 10 6.74 1.09 3.30
C TYR A 10 5.80 0.95 2.10
N VAL A 11 6.34 0.87 0.91
CA VAL A 11 5.47 0.76 -0.30
C VAL A 11 5.28 -0.72 -0.66
N VAL A 12 4.16 -1.05 -1.23
CA VAL A 12 3.91 -2.47 -1.61
C VAL A 12 3.57 -2.54 -3.10
N GLN A 13 4.36 -3.22 -3.88
CA GLN A 13 4.08 -3.33 -5.34
C GLN A 13 3.08 -4.45 -5.59
N ALA A 14 2.15 -4.25 -6.49
CA ALA A 14 1.15 -5.31 -6.78
C ALA A 14 0.58 -5.09 -8.18
N PHE A 15 -0.63 -5.54 -8.41
CA PHE A 15 -1.24 -5.36 -9.76
C PHE A 15 -2.41 -4.39 -9.66
N SER A 16 -2.57 -3.52 -10.62
CA SER A 16 -3.69 -2.54 -10.58
C SER A 16 -5.02 -3.30 -10.52
N GLY A 17 -5.90 -2.91 -9.63
CA GLY A 17 -7.21 -3.60 -9.52
C GLY A 17 -7.13 -4.67 -8.43
N PHE A 18 -5.95 -5.04 -8.03
CA PHE A 18 -5.81 -6.08 -6.97
C PHE A 18 -5.29 -5.43 -5.68
N GLU A 19 -5.07 -4.15 -5.70
CA GLU A 19 -4.57 -3.47 -4.47
C GLU A 19 -5.54 -3.73 -3.32
N GLY A 20 -6.81 -3.62 -3.57
CA GLY A 20 -7.81 -3.86 -2.48
C GLY A 20 -7.69 -5.31 -2.00
N ARG A 21 -7.71 -6.25 -2.91
CA ARG A 21 -7.59 -7.68 -2.51
C ARG A 21 -6.31 -7.88 -1.70
N VAL A 22 -5.19 -7.54 -2.27
CA VAL A 22 -3.90 -7.72 -1.54
C VAL A 22 -4.07 -7.21 -0.10
N ALA A 23 -4.78 -6.13 0.08
CA ALA A 23 -4.97 -5.60 1.45
C ALA A 23 -5.69 -6.64 2.31
N THR A 24 -6.71 -7.26 1.77
CA THR A 24 -7.44 -8.29 2.55
C THR A 24 -6.56 -9.52 2.73
N SER A 25 -5.94 -9.98 1.67
CA SER A 25 -5.06 -11.18 1.78
C SER A 25 -3.97 -10.92 2.82
N LEU A 26 -3.21 -9.87 2.64
CA LEU A 26 -2.13 -9.56 3.62
C LEU A 26 -2.68 -9.67 5.04
N ARG A 27 -3.79 -9.04 5.30
CA ARG A 27 -4.38 -9.11 6.66
C ARG A 27 -4.70 -10.57 7.01
N GLU A 28 -5.10 -11.34 6.03
CA GLU A 28 -5.44 -12.76 6.29
C GLU A 28 -4.17 -13.50 6.74
N HIS A 29 -3.08 -13.32 6.04
CA HIS A 29 -1.82 -14.01 6.44
C HIS A 29 -1.34 -13.45 7.77
N ILE A 30 -1.50 -12.18 7.99
CA ILE A 30 -1.06 -11.57 9.28
C ILE A 30 -1.89 -12.14 10.42
N LYS A 31 -3.19 -12.15 10.28
CA LYS A 31 -4.05 -12.70 11.37
C LYS A 31 -3.64 -14.15 11.67
N LEU A 32 -3.34 -14.90 10.64
CA LEU A 32 -2.92 -16.33 10.87
C LEU A 32 -1.55 -16.36 11.52
N HIS A 33 -0.59 -15.67 10.97
CA HIS A 33 0.77 -15.67 11.56
C HIS A 33 0.83 -14.66 12.72
N ASN A 34 -0.29 -14.07 13.05
CA ASN A 34 -0.30 -13.08 14.16
C ASN A 34 0.75 -11.99 13.89
N MET A 35 0.77 -11.46 12.70
CA MET A 35 1.77 -10.40 12.38
C MET A 35 1.15 -9.02 12.61
N GLU A 36 -0.05 -8.98 13.14
CA GLU A 36 -0.71 -7.67 13.39
C GLU A 36 0.24 -6.77 14.19
N ASP A 37 1.06 -7.34 15.02
CA ASP A 37 2.00 -6.51 15.83
C ASP A 37 2.96 -5.76 14.88
N LEU A 38 3.43 -6.42 13.86
CA LEU A 38 4.35 -5.74 12.91
C LEU A 38 3.57 -4.71 12.09
N PHE A 39 2.50 -5.13 11.45
CA PHE A 39 1.71 -4.18 10.64
C PHE A 39 0.88 -3.28 11.56
N GLY A 40 0.72 -2.03 11.21
CA GLY A 40 -0.07 -1.10 12.07
C GLY A 40 -1.25 -0.55 11.28
N GLU A 41 -0.99 0.12 10.18
CA GLU A 41 -2.11 0.68 9.38
C GLU A 41 -1.86 0.41 7.89
N VAL A 42 -2.90 0.40 7.10
CA VAL A 42 -2.72 0.15 5.64
C VAL A 42 -3.26 1.34 4.85
N MET A 43 -2.77 1.55 3.66
CA MET A 43 -3.25 2.69 2.84
C MET A 43 -3.81 2.18 1.51
N VAL A 44 -4.80 2.84 0.98
CA VAL A 44 -5.38 2.39 -0.31
C VAL A 44 -5.67 3.62 -1.20
N PRO A 45 -4.81 3.83 -2.20
CA PRO A 45 -4.96 4.96 -3.13
C PRO A 45 -6.16 4.80 -4.06
N THR A 46 -6.78 3.64 -4.05
CA THR A 46 -7.96 3.43 -4.92
C THR A 46 -9.18 4.13 -4.33
N GLU A 47 -10.02 4.69 -5.16
CA GLU A 47 -11.22 5.39 -4.64
C GLU A 47 -12.12 4.39 -3.93
N GLU A 48 -12.27 3.21 -4.48
CA GLU A 48 -13.13 2.19 -3.84
C GLU A 48 -12.51 0.80 -4.03
N VAL A 49 -12.74 -0.10 -3.11
CA VAL A 49 -12.16 -1.46 -3.24
C VAL A 49 -12.74 -2.14 -4.48
N VAL A 50 -13.99 -1.93 -4.76
CA VAL A 50 -14.61 -2.57 -5.95
C VAL A 50 -14.95 -1.49 -6.99
N GLU A 51 -14.78 -1.79 -8.25
CA GLU A 51 -15.09 -0.78 -9.29
C GLU A 51 -16.59 -0.80 -9.59
N ILE A 52 -17.15 0.34 -9.86
CA ILE A 52 -18.61 0.40 -10.16
C ILE A 52 -18.86 1.34 -11.34
N ARG A 53 -19.18 0.80 -12.48
CA ARG A 53 -19.44 1.66 -13.67
C ARG A 53 -20.37 2.80 -13.28
N GLY A 54 -21.28 2.56 -12.37
CA GLY A 54 -22.22 3.64 -11.95
C GLY A 54 -21.52 4.56 -10.95
N GLY A 55 -21.96 4.58 -9.73
CA GLY A 55 -21.33 5.46 -8.71
C GLY A 55 -21.62 6.92 -9.05
N GLN A 56 -20.60 7.70 -9.27
CA GLN A 56 -20.81 9.14 -9.60
C GLN A 56 -20.58 9.35 -11.10
N ARG A 57 -21.22 10.33 -11.67
CA ARG A 57 -21.05 10.59 -13.13
C ARG A 57 -19.57 10.88 -13.41
N ARG A 58 -18.89 11.51 -12.50
CA ARG A 58 -17.45 11.81 -12.73
C ARG A 58 -16.70 10.52 -13.06
N LYS A 59 -15.71 10.60 -13.91
CA LYS A 59 -14.95 9.38 -14.27
C LYS A 59 -13.68 9.29 -13.42
N SER A 60 -13.37 8.14 -12.90
CA SER A 60 -12.15 8.00 -12.06
C SER A 60 -11.21 6.97 -12.70
N GLU A 61 -9.92 7.16 -12.56
CA GLU A 61 -8.96 6.19 -13.15
C GLU A 61 -8.06 5.62 -12.06
N ARG A 62 -7.59 4.42 -12.21
CA ARG A 62 -6.71 3.83 -11.18
C ARG A 62 -5.26 3.82 -11.68
N LYS A 63 -5.02 4.42 -12.81
CA LYS A 63 -3.63 4.46 -13.35
C LYS A 63 -2.71 5.20 -12.38
N PHE A 64 -3.28 6.08 -11.58
CA PHE A 64 -2.43 6.84 -10.61
C PHE A 64 -1.69 5.87 -9.70
N PHE A 65 -2.32 4.77 -9.34
CA PHE A 65 -1.65 3.79 -8.45
C PHE A 65 -1.78 2.38 -9.05
N PRO A 66 -0.91 2.07 -10.02
CA PRO A 66 -0.92 0.76 -10.70
C PRO A 66 -0.42 -0.36 -9.77
N GLY A 67 -1.25 -0.80 -8.86
CA GLY A 67 -0.82 -1.88 -7.93
C GLY A 67 0.14 -1.32 -6.89
N TYR A 68 -0.05 -0.09 -6.48
CA TYR A 68 0.85 0.51 -5.47
C TYR A 68 0.07 0.70 -4.15
N VAL A 69 0.51 0.07 -3.10
CA VAL A 69 -0.20 0.23 -1.79
C VAL A 69 0.82 0.47 -0.68
N LEU A 70 0.50 1.34 0.24
CA LEU A 70 1.45 1.62 1.36
C LEU A 70 0.95 0.94 2.63
N VAL A 71 1.84 0.40 3.42
CA VAL A 71 1.41 -0.29 4.67
C VAL A 71 2.46 -0.06 5.77
N GLN A 72 2.05 0.48 6.89
CA GLN A 72 3.02 0.72 7.99
C GLN A 72 3.37 -0.61 8.65
N MET A 73 4.63 -0.93 8.73
CA MET A 73 5.03 -2.23 9.35
C MET A 73 6.56 -2.24 9.55
N VAL A 74 7.02 -2.95 10.54
CA VAL A 74 8.48 -3.02 10.80
C VAL A 74 9.14 -3.96 9.79
N MET A 75 10.04 -3.46 8.98
CA MET A 75 10.72 -4.32 7.98
C MET A 75 11.49 -5.43 8.70
N ASN A 76 11.10 -6.66 8.49
CA ASN A 76 11.81 -7.78 9.16
C ASN A 76 11.70 -9.04 8.30
N ASP A 77 12.40 -10.09 8.67
CA ASP A 77 12.33 -11.35 7.86
C ASP A 77 10.91 -11.90 7.90
N ALA A 78 10.21 -11.73 8.98
CA ALA A 78 8.83 -12.26 9.08
C ALA A 78 7.90 -11.42 8.19
N SER A 79 7.61 -10.21 8.60
CA SER A 79 6.71 -9.34 7.78
C SER A 79 7.15 -9.40 6.31
N TRP A 80 8.38 -9.05 6.04
CA TRP A 80 8.86 -9.08 4.63
C TRP A 80 8.38 -10.36 3.95
N HIS A 81 8.66 -11.50 4.54
CA HIS A 81 8.24 -12.78 3.93
C HIS A 81 6.71 -12.83 3.86
N LEU A 82 6.05 -12.43 4.91
CA LEU A 82 4.56 -12.45 4.91
C LEU A 82 4.03 -11.65 3.71
N VAL A 83 4.61 -10.51 3.44
CA VAL A 83 4.15 -9.69 2.30
C VAL A 83 4.33 -10.47 1.00
N ARG A 84 5.51 -10.98 0.76
CA ARG A 84 5.75 -11.76 -0.49
C ARG A 84 4.73 -12.90 -0.58
N SER A 85 4.36 -13.48 0.52
CA SER A 85 3.38 -14.60 0.49
C SER A 85 2.07 -14.10 -0.13
N VAL A 86 1.68 -12.89 0.16
CA VAL A 86 0.41 -12.36 -0.42
C VAL A 86 0.44 -12.49 -1.94
N PRO A 87 -0.59 -13.15 -2.50
CA PRO A 87 -0.68 -13.34 -3.95
C PRO A 87 -1.01 -12.04 -4.69
N ARG A 88 -0.74 -11.98 -5.97
CA ARG A 88 -1.03 -10.74 -6.73
C ARG A 88 -0.17 -9.58 -6.20
N VAL A 89 1.00 -9.88 -5.72
CA VAL A 89 1.88 -8.80 -5.18
C VAL A 89 3.27 -8.93 -5.81
N MET A 90 3.80 -7.85 -6.32
CA MET A 90 5.15 -7.92 -6.94
C MET A 90 6.22 -7.97 -5.85
N GLY A 91 6.21 -7.02 -4.95
CA GLY A 91 7.23 -7.01 -3.87
C GLY A 91 7.21 -5.65 -3.17
N PHE A 92 8.33 -5.23 -2.64
CA PHE A 92 8.38 -3.91 -1.95
C PHE A 92 9.09 -2.89 -2.83
N ILE A 93 8.91 -1.62 -2.56
CA ILE A 93 9.58 -0.58 -3.38
C ILE A 93 10.49 0.27 -2.49
N GLY A 94 11.75 0.33 -2.79
CA GLY A 94 12.68 1.14 -1.95
C GLY A 94 14.10 1.05 -2.53
N GLY A 95 15.09 1.03 -1.69
CA GLY A 95 16.49 0.95 -2.18
C GLY A 95 16.70 -0.38 -2.90
N THR A 96 16.24 -1.45 -2.33
CA THR A 96 16.41 -2.79 -2.98
C THR A 96 15.07 -3.52 -3.01
N SER A 97 15.00 -4.62 -3.70
CA SER A 97 13.71 -5.38 -3.76
C SER A 97 13.66 -6.38 -2.60
N ASP A 98 14.50 -6.19 -1.62
CA ASP A 98 14.52 -7.11 -0.45
C ASP A 98 14.35 -6.30 0.84
N ARG A 99 14.77 -5.05 0.81
CA ARG A 99 14.64 -4.21 2.03
C ARG A 99 14.23 -2.80 1.59
N PRO A 100 12.92 -2.50 1.67
CA PRO A 100 12.37 -1.19 1.28
C PRO A 100 12.83 -0.07 2.22
N ALA A 101 13.39 0.98 1.68
CA ALA A 101 13.85 2.10 2.55
C ALA A 101 12.63 2.79 3.17
N PRO A 102 12.72 3.14 4.45
CA PRO A 102 11.63 3.81 5.18
C PRO A 102 11.42 5.24 4.70
N ILE A 103 10.23 5.75 4.85
CA ILE A 103 9.97 7.15 4.40
C ILE A 103 9.33 7.94 5.55
N SER A 104 9.36 9.24 5.49
CA SER A 104 8.75 10.06 6.57
C SER A 104 7.23 9.96 6.48
N ASP A 105 6.55 10.08 7.60
CA ASP A 105 5.06 10.00 7.58
C ASP A 105 4.51 11.06 6.62
N LYS A 106 5.11 12.21 6.59
CA LYS A 106 4.61 13.29 5.69
C LYS A 106 4.69 12.80 4.23
N GLU A 107 5.69 12.02 3.92
CA GLU A 107 5.82 11.51 2.53
C GLU A 107 4.56 10.72 2.15
N VAL A 108 4.06 9.92 3.05
CA VAL A 108 2.83 9.13 2.73
C VAL A 108 1.66 10.08 2.49
N ASP A 109 1.61 11.17 3.21
CA ASP A 109 0.49 12.14 3.01
C ASP A 109 0.61 12.78 1.63
N ALA A 110 1.80 13.06 1.20
CA ALA A 110 1.98 13.68 -0.15
C ALA A 110 1.52 12.70 -1.23
N ILE A 111 1.95 11.47 -1.15
CA ILE A 111 1.53 10.47 -2.17
C ILE A 111 0.01 10.49 -2.32
N MET A 112 -0.71 10.41 -1.24
CA MET A 112 -2.19 10.43 -1.32
C MET A 112 -2.65 11.75 -1.95
N ASN A 113 -1.96 12.82 -1.66
CA ASN A 113 -2.35 14.14 -2.23
C ASN A 113 -2.24 14.07 -3.76
N ARG A 114 -1.30 13.32 -4.26
CA ARG A 114 -1.15 13.22 -5.75
C ARG A 114 -2.47 12.76 -6.37
N LEU A 115 -3.05 11.71 -5.87
CA LEU A 115 -4.34 11.22 -6.42
C LEU A 115 -5.28 12.41 -6.64
N GLN A 116 -5.42 13.26 -5.66
CA GLN A 116 -6.32 14.44 -5.81
C GLN A 116 -5.68 15.44 -6.79
N GLN A 117 -4.38 15.49 -6.85
CA GLN A 117 -3.70 16.44 -7.78
C GLN A 117 -3.81 15.92 -9.21
N VAL A 118 -4.22 16.76 -10.12
CA VAL A 118 -4.34 16.32 -11.53
C VAL A 118 -2.95 16.04 -12.11
N GLY A 119 -1.97 16.81 -11.71
CA GLY A 119 -0.59 16.59 -12.23
C GLY A 119 -0.44 17.26 -13.60
N ASP A 120 -0.90 18.48 -13.72
CA ASP A 120 -0.79 19.19 -15.03
C ASP A 120 0.67 19.21 -15.48
N LYS A 121 1.58 19.35 -14.55
CA LYS A 121 3.02 19.38 -14.92
C LYS A 121 3.25 20.45 -15.99
N PRO A 122 3.11 21.73 -15.62
CA PRO A 122 3.30 22.85 -16.55
C PRO A 122 4.77 23.02 -16.94
N ARG A 123 5.02 23.47 -18.14
CA ARG A 123 6.42 23.65 -18.59
C ARG A 123 6.78 25.14 -18.55
N MET A 1 11.26 -6.90 15.55
CA MET A 1 12.44 -7.39 16.34
C MET A 1 12.86 -6.32 17.34
N SER A 2 13.90 -6.57 18.09
CA SER A 2 14.36 -5.57 19.09
C SER A 2 14.80 -4.29 18.37
N GLU A 3 15.15 -4.39 17.11
CA GLU A 3 15.59 -3.18 16.36
C GLU A 3 14.37 -2.55 15.67
N ALA A 4 14.40 -1.26 15.48
CA ALA A 4 13.25 -0.59 14.81
C ALA A 4 11.96 -0.85 15.60
N PRO A 5 11.93 -0.39 16.86
CA PRO A 5 10.77 -0.58 17.73
C PRO A 5 9.57 0.27 17.29
N LYS A 6 9.82 1.27 16.49
CA LYS A 6 8.70 2.14 16.02
C LYS A 6 8.15 1.58 14.69
N LYS A 7 6.92 1.88 14.38
CA LYS A 7 6.33 1.36 13.11
C LYS A 7 6.75 2.27 11.95
N ARG A 8 7.07 1.70 10.82
CA ARG A 8 7.48 2.54 9.66
C ARG A 8 6.55 2.27 8.48
N TRP A 9 6.42 3.21 7.58
CA TRP A 9 5.53 3.00 6.41
C TRP A 9 6.36 2.46 5.23
N TYR A 10 5.83 1.50 4.52
CA TYR A 10 6.58 0.93 3.37
C TYR A 10 5.67 0.86 2.15
N VAL A 11 6.22 0.69 0.98
CA VAL A 11 5.39 0.61 -0.25
C VAL A 11 5.19 -0.86 -0.64
N VAL A 12 4.01 -1.22 -1.06
CA VAL A 12 3.76 -2.64 -1.46
C VAL A 12 3.26 -2.67 -2.90
N GLN A 13 3.98 -3.34 -3.77
CA GLN A 13 3.55 -3.42 -5.19
C GLN A 13 2.59 -4.60 -5.38
N ALA A 14 1.52 -4.39 -6.09
CA ALA A 14 0.55 -5.49 -6.31
C ALA A 14 0.01 -5.43 -7.73
N PHE A 15 -0.55 -6.51 -8.22
CA PHE A 15 -1.09 -6.51 -9.61
C PHE A 15 -2.14 -5.40 -9.74
N SER A 16 -2.28 -4.85 -10.92
CA SER A 16 -3.29 -3.77 -11.11
C SER A 16 -4.69 -4.38 -11.08
N GLY A 17 -5.64 -3.65 -10.57
CA GLY A 17 -7.04 -4.17 -10.50
C GLY A 17 -7.24 -4.91 -9.17
N PHE A 18 -6.22 -5.55 -8.68
CA PHE A 18 -6.36 -6.27 -7.38
C PHE A 18 -5.58 -5.53 -6.29
N GLU A 19 -5.07 -4.36 -6.61
CA GLU A 19 -4.30 -3.60 -5.58
C GLU A 19 -5.15 -3.47 -4.31
N GLY A 20 -6.41 -3.18 -4.44
CA GLY A 20 -7.29 -3.05 -3.25
C GLY A 20 -7.44 -4.41 -2.59
N ARG A 21 -7.87 -5.40 -3.32
CA ARG A 21 -8.04 -6.75 -2.73
C ARG A 21 -6.70 -7.23 -2.17
N VAL A 22 -5.63 -6.98 -2.86
CA VAL A 22 -4.30 -7.42 -2.36
C VAL A 22 -4.12 -6.96 -0.91
N ALA A 23 -4.39 -5.71 -0.64
CA ALA A 23 -4.24 -5.19 0.75
C ALA A 23 -5.06 -6.06 1.70
N THR A 24 -6.25 -6.43 1.30
CA THR A 24 -7.10 -7.28 2.18
C THR A 24 -6.44 -8.65 2.37
N SER A 25 -5.87 -9.19 1.32
CA SER A 25 -5.20 -10.52 1.45
C SER A 25 -4.12 -10.45 2.52
N LEU A 26 -3.31 -9.43 2.49
CA LEU A 26 -2.23 -9.30 3.50
C LEU A 26 -2.84 -9.43 4.91
N ARG A 27 -3.80 -8.62 5.22
CA ARG A 27 -4.44 -8.69 6.57
C ARG A 27 -4.67 -10.15 6.95
N GLU A 28 -5.10 -10.96 6.01
CA GLU A 28 -5.33 -12.39 6.34
C GLU A 28 -4.03 -13.03 6.85
N HIS A 29 -2.92 -12.66 6.27
CA HIS A 29 -1.62 -13.24 6.73
C HIS A 29 -1.13 -12.47 7.96
N ILE A 30 -1.62 -11.28 8.16
CA ILE A 30 -1.19 -10.49 9.34
C ILE A 30 -1.86 -11.05 10.60
N LYS A 31 -3.14 -11.26 10.55
CA LYS A 31 -3.85 -11.82 11.74
C LYS A 31 -3.47 -13.29 11.93
N LEU A 32 -3.38 -14.02 10.84
CA LEU A 32 -3.01 -15.46 10.95
C LEU A 32 -1.58 -15.58 11.50
N HIS A 33 -0.66 -14.82 10.97
CA HIS A 33 0.74 -14.89 11.46
C HIS A 33 0.89 -13.98 12.68
N ASN A 34 -0.19 -13.47 13.20
CA ASN A 34 -0.11 -12.58 14.39
C ASN A 34 0.96 -11.51 14.14
N MET A 35 0.92 -10.87 13.01
CA MET A 35 1.93 -9.81 12.72
C MET A 35 1.29 -8.43 12.91
N GLU A 36 0.04 -8.38 13.28
CA GLU A 36 -0.63 -7.06 13.48
C GLU A 36 0.30 -6.13 14.27
N ASP A 37 1.05 -6.66 15.19
CA ASP A 37 1.97 -5.80 15.98
C ASP A 37 2.92 -5.06 15.05
N LEU A 38 3.56 -5.78 14.15
CA LEU A 38 4.51 -5.11 13.21
C LEU A 38 3.72 -4.27 12.20
N PHE A 39 2.71 -4.83 11.61
CA PHE A 39 1.91 -4.06 10.62
C PHE A 39 1.09 -2.98 11.34
N GLY A 40 0.98 -1.82 10.75
CA GLY A 40 0.21 -0.73 11.41
C GLY A 40 -1.17 -0.61 10.75
N GLU A 41 -1.21 -0.14 9.54
CA GLU A 41 -2.52 0.01 8.84
C GLU A 41 -2.29 0.05 7.32
N VAL A 42 -3.22 -0.47 6.56
CA VAL A 42 -3.06 -0.46 5.07
C VAL A 42 -3.78 0.75 4.49
N MET A 43 -3.18 1.41 3.54
CA MET A 43 -3.85 2.60 2.93
C MET A 43 -4.02 2.37 1.43
N VAL A 44 -5.03 2.94 0.84
CA VAL A 44 -5.24 2.75 -0.63
C VAL A 44 -5.81 4.04 -1.23
N PRO A 45 -5.16 4.54 -2.29
CA PRO A 45 -5.60 5.77 -2.97
C PRO A 45 -6.90 5.55 -3.75
N THR A 46 -7.34 4.33 -3.86
CA THR A 46 -8.60 4.05 -4.60
C THR A 46 -9.73 3.77 -3.61
N GLU A 47 -9.76 4.47 -2.50
CA GLU A 47 -10.83 4.23 -1.50
C GLU A 47 -12.19 4.19 -2.21
N GLU A 48 -12.35 4.98 -3.23
CA GLU A 48 -13.65 4.99 -3.97
C GLU A 48 -13.51 4.18 -5.25
N VAL A 49 -14.43 3.29 -5.52
CA VAL A 49 -14.35 2.47 -6.75
C VAL A 49 -15.61 2.69 -7.60
N VAL A 50 -15.46 2.85 -8.88
CA VAL A 50 -16.65 3.06 -9.75
C VAL A 50 -16.60 2.09 -10.93
N GLU A 51 -17.75 1.68 -11.42
CA GLU A 51 -17.77 0.72 -12.56
C GLU A 51 -18.54 1.35 -13.72
N ILE A 52 -18.06 1.19 -14.92
CA ILE A 52 -18.76 1.77 -16.10
C ILE A 52 -20.19 1.24 -16.15
N ARG A 53 -20.40 0.03 -15.70
CA ARG A 53 -21.78 -0.54 -15.72
C ARG A 53 -22.72 0.38 -14.93
N GLY A 54 -22.23 1.01 -13.92
CA GLY A 54 -23.10 1.91 -13.11
C GLY A 54 -23.76 2.94 -14.02
N GLY A 55 -24.35 3.96 -13.45
CA GLY A 55 -25.01 5.00 -14.30
C GLY A 55 -24.09 5.37 -15.46
N GLN A 56 -24.38 4.90 -16.64
CA GLN A 56 -23.52 5.24 -17.80
C GLN A 56 -23.53 6.75 -18.03
N ARG A 57 -24.62 7.40 -17.73
CA ARG A 57 -24.69 8.88 -17.92
C ARG A 57 -23.52 9.54 -17.20
N ARG A 58 -23.15 9.05 -16.04
CA ARG A 58 -22.02 9.65 -15.30
C ARG A 58 -20.70 9.07 -15.82
N LYS A 59 -19.74 9.91 -16.11
CA LYS A 59 -18.44 9.41 -16.61
C LYS A 59 -17.30 10.21 -15.98
N SER A 60 -16.37 9.54 -15.36
CA SER A 60 -15.24 10.26 -14.72
C SER A 60 -14.26 9.24 -14.12
N GLU A 61 -13.09 9.14 -14.66
CA GLU A 61 -12.09 8.16 -14.13
C GLU A 61 -10.74 8.84 -13.96
N ARG A 62 -9.99 8.47 -12.96
CA ARG A 62 -8.66 9.09 -12.75
C ARG A 62 -7.58 8.01 -12.80
N LYS A 63 -6.41 8.34 -13.24
CA LYS A 63 -5.31 7.33 -13.32
C LYS A 63 -4.28 7.61 -12.24
N PHE A 64 -4.04 6.67 -11.37
CA PHE A 64 -3.03 6.88 -10.28
C PHE A 64 -2.02 5.74 -10.30
N PHE A 65 -0.85 5.96 -9.76
CA PHE A 65 0.18 4.88 -9.75
C PHE A 65 -0.47 3.55 -9.37
N PRO A 66 -0.74 2.70 -10.38
CA PRO A 66 -1.36 1.39 -10.16
C PRO A 66 -0.39 0.39 -9.51
N GLY A 67 -0.92 -0.55 -8.77
CA GLY A 67 -0.02 -1.55 -8.12
C GLY A 67 0.80 -0.87 -7.04
N TYR A 68 0.27 0.17 -6.44
CA TYR A 68 1.03 0.88 -5.37
C TYR A 68 0.15 1.02 -4.12
N VAL A 69 0.54 0.39 -3.04
CA VAL A 69 -0.28 0.48 -1.80
C VAL A 69 0.63 0.78 -0.61
N LEU A 70 0.16 1.54 0.33
CA LEU A 70 0.99 1.87 1.52
C LEU A 70 0.57 0.99 2.70
N VAL A 71 1.50 0.35 3.34
CA VAL A 71 1.13 -0.52 4.49
C VAL A 71 2.18 -0.39 5.60
N GLN A 72 1.80 0.13 6.73
CA GLN A 72 2.77 0.29 7.85
C GLN A 72 3.21 -1.10 8.34
N MET A 73 4.49 -1.28 8.56
CA MET A 73 4.97 -2.62 9.02
C MET A 73 6.45 -2.54 9.36
N VAL A 74 6.91 -3.36 10.26
CA VAL A 74 8.35 -3.33 10.63
C VAL A 74 9.16 -4.13 9.61
N MET A 75 10.32 -3.66 9.25
CA MET A 75 11.14 -4.39 8.25
C MET A 75 11.82 -5.58 8.91
N ASN A 76 11.28 -6.76 8.74
CA ASN A 76 11.90 -7.96 9.35
C ASN A 76 11.81 -9.14 8.37
N ASP A 77 12.49 -10.22 8.66
CA ASP A 77 12.44 -11.39 7.74
C ASP A 77 11.08 -12.08 7.85
N ALA A 78 10.43 -11.94 8.99
CA ALA A 78 9.10 -12.58 9.16
C ALA A 78 8.06 -11.87 8.29
N SER A 79 7.70 -10.68 8.67
CA SER A 79 6.69 -9.92 7.88
C SER A 79 7.13 -9.85 6.41
N TRP A 80 8.38 -9.56 6.17
CA TRP A 80 8.87 -9.48 4.76
C TRP A 80 8.59 -10.81 4.06
N HIS A 81 9.12 -11.89 4.56
CA HIS A 81 8.89 -13.21 3.91
C HIS A 81 7.38 -13.45 3.79
N LEU A 82 6.63 -13.15 4.82
CA LEU A 82 5.16 -13.37 4.75
C LEU A 82 4.59 -12.59 3.55
N VAL A 83 4.96 -11.35 3.42
CA VAL A 83 4.43 -10.55 2.28
C VAL A 83 4.64 -11.33 0.96
N ARG A 84 5.81 -11.86 0.75
CA ARG A 84 6.06 -12.63 -0.49
C ARG A 84 5.30 -13.95 -0.43
N SER A 85 5.07 -14.47 0.75
CA SER A 85 4.33 -15.75 0.88
C SER A 85 2.95 -15.61 0.24
N VAL A 86 2.25 -14.55 0.55
CA VAL A 86 0.90 -14.35 -0.05
C VAL A 86 1.04 -13.90 -1.51
N PRO A 87 0.29 -14.53 -2.43
CA PRO A 87 0.33 -14.20 -3.85
C PRO A 87 -0.27 -12.81 -4.13
N ARG A 88 -0.39 -12.46 -5.38
CA ARG A 88 -0.98 -11.13 -5.73
C ARG A 88 -0.06 -10.02 -5.20
N VAL A 89 1.22 -10.27 -5.16
CA VAL A 89 2.16 -9.23 -4.65
C VAL A 89 3.34 -9.08 -5.63
N MET A 90 3.49 -7.93 -6.22
CA MET A 90 4.61 -7.73 -7.19
C MET A 90 5.92 -7.62 -6.42
N GLY A 91 5.91 -6.97 -5.29
CA GLY A 91 7.16 -6.82 -4.50
C GLY A 91 7.14 -5.51 -3.73
N PHE A 92 8.20 -5.19 -3.03
CA PHE A 92 8.23 -3.91 -2.26
C PHE A 92 8.90 -2.82 -3.11
N ILE A 93 8.65 -1.58 -2.80
CA ILE A 93 9.27 -0.48 -3.58
C ILE A 93 10.13 0.38 -2.65
N GLY A 94 11.42 0.37 -2.86
CA GLY A 94 12.32 1.18 -1.98
C GLY A 94 13.71 1.27 -2.62
N GLY A 95 14.74 1.21 -1.83
CA GLY A 95 16.12 1.31 -2.38
C GLY A 95 16.49 -0.02 -3.05
N THR A 96 15.95 -1.11 -2.58
CA THR A 96 16.28 -2.44 -3.18
C THR A 96 14.99 -3.25 -3.35
N SER A 97 15.07 -4.35 -4.06
CA SER A 97 13.85 -5.19 -4.25
C SER A 97 13.79 -6.25 -3.16
N ASP A 98 14.48 -6.03 -2.08
CA ASP A 98 14.47 -7.01 -0.96
C ASP A 98 14.45 -6.25 0.36
N ARG A 99 14.22 -4.96 0.31
CA ARG A 99 14.19 -4.15 1.56
C ARG A 99 13.71 -2.74 1.22
N PRO A 100 12.42 -2.47 1.43
CA PRO A 100 11.82 -1.16 1.14
C PRO A 100 12.32 -0.08 2.10
N ALA A 101 13.05 0.88 1.61
CA ALA A 101 13.56 1.96 2.49
C ALA A 101 12.40 2.64 3.19
N PRO A 102 12.58 3.00 4.47
CA PRO A 102 11.54 3.66 5.27
C PRO A 102 11.28 5.09 4.79
N ILE A 103 10.09 5.60 5.03
CA ILE A 103 9.77 6.99 4.60
C ILE A 103 9.17 7.77 5.77
N SER A 104 9.33 9.06 5.77
CA SER A 104 8.78 9.87 6.89
C SER A 104 7.25 9.82 6.86
N ASP A 105 6.63 9.84 8.00
CA ASP A 105 5.13 9.80 8.03
C ASP A 105 4.57 10.93 7.16
N LYS A 106 5.16 12.09 7.22
CA LYS A 106 4.67 13.22 6.40
C LYS A 106 4.72 12.83 4.92
N GLU A 107 5.81 12.24 4.49
CA GLU A 107 5.92 11.84 3.06
C GLU A 107 4.69 11.04 2.66
N VAL A 108 4.28 10.10 3.47
CA VAL A 108 3.09 9.28 3.13
C VAL A 108 1.90 10.21 2.86
N ASP A 109 1.75 11.25 3.64
CA ASP A 109 0.62 12.19 3.43
C ASP A 109 0.73 12.80 2.03
N ALA A 110 1.92 13.14 1.62
CA ALA A 110 2.10 13.74 0.26
C ALA A 110 1.60 12.76 -0.79
N ILE A 111 2.07 11.54 -0.75
CA ILE A 111 1.63 10.53 -1.76
C ILE A 111 0.11 10.58 -1.87
N MET A 112 -0.58 10.48 -0.77
CA MET A 112 -2.08 10.51 -0.81
C MET A 112 -2.53 11.80 -1.50
N ASN A 113 -1.84 12.89 -1.28
CA ASN A 113 -2.23 14.17 -1.92
C ASN A 113 -2.23 14.00 -3.43
N ARG A 114 -1.32 13.21 -3.95
CA ARG A 114 -1.27 13.00 -5.42
C ARG A 114 -2.67 12.64 -5.94
N LEU A 115 -3.34 11.73 -5.27
CA LEU A 115 -4.70 11.33 -5.72
C LEU A 115 -5.50 12.58 -6.09
N GLN A 116 -5.43 13.61 -5.29
CA GLN A 116 -6.18 14.85 -5.60
C GLN A 116 -5.67 15.45 -6.92
N GLN A 117 -4.42 15.23 -7.23
CA GLN A 117 -3.86 15.78 -8.49
C GLN A 117 -4.48 15.04 -9.68
N VAL A 118 -4.81 15.75 -10.73
CA VAL A 118 -5.42 15.09 -11.91
C VAL A 118 -4.50 13.96 -12.39
N GLY A 119 -3.23 14.20 -12.44
CA GLY A 119 -2.28 13.13 -12.90
C GLY A 119 -2.17 13.17 -14.43
N ASP A 120 -2.39 14.31 -15.02
CA ASP A 120 -2.30 14.41 -16.50
C ASP A 120 -0.91 13.94 -16.96
N LYS A 121 0.10 14.22 -16.18
CA LYS A 121 1.47 13.80 -16.57
C LYS A 121 1.77 12.43 -15.96
N PRO A 122 1.86 11.40 -16.81
CA PRO A 122 2.14 10.03 -16.36
C PRO A 122 3.58 9.88 -15.86
N ARG A 123 3.80 9.03 -14.89
CA ARG A 123 5.18 8.85 -14.37
C ARG A 123 5.73 10.19 -13.87
N MET A 1 10.76 3.99 26.20
CA MET A 1 10.12 4.09 24.86
C MET A 1 11.11 3.64 23.78
N SER A 2 12.36 3.97 23.95
CA SER A 2 13.38 3.57 22.94
C SER A 2 13.44 2.04 22.86
N GLU A 3 13.17 1.37 23.95
CA GLU A 3 13.22 -0.12 23.95
C GLU A 3 12.19 -0.66 22.95
N ALA A 4 11.06 -0.01 22.85
CA ALA A 4 10.02 -0.48 21.90
C ALA A 4 10.45 -0.16 20.46
N PRO A 5 10.01 -0.99 19.50
CA PRO A 5 10.35 -0.79 18.08
C PRO A 5 9.64 0.42 17.49
N LYS A 6 10.26 1.10 16.56
CA LYS A 6 9.61 2.29 15.95
C LYS A 6 8.79 1.86 14.73
N LYS A 7 7.67 2.48 14.51
CA LYS A 7 6.82 2.10 13.35
C LYS A 7 7.24 2.92 12.13
N ARG A 8 7.39 2.30 10.99
CA ARG A 8 7.78 3.04 9.76
C ARG A 8 6.77 2.77 8.65
N TRP A 9 6.71 3.62 7.67
CA TRP A 9 5.74 3.42 6.56
C TRP A 9 6.47 2.81 5.35
N TYR A 10 6.04 1.67 4.91
CA TYR A 10 6.70 1.02 3.74
C TYR A 10 5.70 0.95 2.58
N VAL A 11 6.19 0.86 1.37
CA VAL A 11 5.26 0.80 0.20
C VAL A 11 5.23 -0.64 -0.35
N VAL A 12 4.09 -1.08 -0.79
CA VAL A 12 3.99 -2.47 -1.33
C VAL A 12 3.51 -2.41 -2.78
N GLN A 13 4.21 -3.05 -3.68
CA GLN A 13 3.80 -3.03 -5.11
C GLN A 13 2.81 -4.16 -5.36
N ALA A 14 1.85 -3.95 -6.22
CA ALA A 14 0.85 -5.01 -6.51
C ALA A 14 0.32 -4.84 -7.94
N PHE A 15 -0.13 -5.91 -8.55
CA PHE A 15 -0.66 -5.80 -9.95
C PHE A 15 -1.82 -4.80 -9.98
N SER A 16 -1.95 -4.05 -11.03
CA SER A 16 -3.06 -3.07 -11.13
C SER A 16 -4.40 -3.81 -11.07
N GLY A 17 -5.37 -3.26 -10.40
CA GLY A 17 -6.70 -3.93 -10.31
C GLY A 17 -6.72 -4.85 -9.09
N PHE A 18 -5.60 -5.41 -8.73
CA PHE A 18 -5.55 -6.32 -7.56
C PHE A 18 -4.90 -5.59 -6.38
N GLU A 19 -4.64 -4.33 -6.51
CA GLU A 19 -4.00 -3.57 -5.39
C GLU A 19 -4.89 -3.67 -4.15
N GLY A 20 -6.18 -3.53 -4.32
CA GLY A 20 -7.10 -3.61 -3.15
C GLY A 20 -7.15 -5.05 -2.65
N ARG A 21 -7.14 -6.01 -3.55
CA ARG A 21 -7.19 -7.43 -3.12
C ARG A 21 -5.97 -7.76 -2.28
N VAL A 22 -4.80 -7.43 -2.76
CA VAL A 22 -3.56 -7.73 -1.97
C VAL A 22 -3.75 -7.22 -0.54
N ALA A 23 -4.32 -6.06 -0.39
CA ALA A 23 -4.54 -5.50 0.98
C ALA A 23 -5.48 -6.42 1.76
N THR A 24 -6.52 -6.90 1.13
CA THR A 24 -7.47 -7.81 1.83
C THR A 24 -6.76 -9.13 2.14
N SER A 25 -6.08 -9.69 1.17
CA SER A 25 -5.38 -10.98 1.41
C SER A 25 -4.27 -10.77 2.44
N LEU A 26 -3.64 -9.62 2.44
CA LEU A 26 -2.56 -9.35 3.42
C LEU A 26 -3.11 -9.50 4.85
N ARG A 27 -4.17 -8.81 5.16
CA ARG A 27 -4.76 -8.90 6.53
C ARG A 27 -4.83 -10.37 6.95
N GLU A 28 -5.29 -11.23 6.08
CA GLU A 28 -5.38 -12.68 6.44
C GLU A 28 -4.02 -13.18 6.92
N HIS A 29 -2.98 -12.92 6.17
CA HIS A 29 -1.63 -13.38 6.58
C HIS A 29 -1.30 -12.81 7.96
N ILE A 30 -1.84 -11.67 8.29
CA ILE A 30 -1.55 -11.06 9.63
C ILE A 30 -2.20 -11.91 10.72
N LYS A 31 -3.48 -12.15 10.60
CA LYS A 31 -4.18 -12.96 11.65
C LYS A 31 -3.65 -14.40 11.62
N LEU A 32 -3.49 -14.96 10.45
CA LEU A 32 -2.98 -16.36 10.36
C LEU A 32 -1.57 -16.43 10.97
N HIS A 33 -0.67 -15.63 10.48
CA HIS A 33 0.72 -15.65 11.03
C HIS A 33 0.78 -14.81 12.31
N ASN A 34 -0.35 -14.37 12.79
CA ASN A 34 -0.35 -13.55 14.04
C ASN A 34 0.69 -12.44 13.93
N MET A 35 0.75 -11.76 12.82
CA MET A 35 1.75 -10.67 12.66
C MET A 35 1.07 -9.32 12.91
N GLU A 36 -0.05 -9.32 13.59
CA GLU A 36 -0.76 -8.05 13.87
C GLU A 36 0.20 -7.06 14.54
N ASP A 37 1.07 -7.55 15.38
CA ASP A 37 2.03 -6.65 16.06
C ASP A 37 2.88 -5.91 15.01
N LEU A 38 3.37 -6.62 14.03
CA LEU A 38 4.20 -5.97 12.98
C LEU A 38 3.33 -5.02 12.17
N PHE A 39 2.26 -5.50 11.59
CA PHE A 39 1.39 -4.61 10.79
C PHE A 39 0.61 -3.68 11.71
N GLY A 40 0.43 -2.45 11.32
CA GLY A 40 -0.30 -1.48 12.19
C GLY A 40 -1.46 -0.85 11.40
N GLU A 41 -1.14 -0.14 10.34
CA GLU A 41 -2.22 0.49 9.53
C GLU A 41 -1.89 0.36 8.04
N VAL A 42 -2.89 0.28 7.21
CA VAL A 42 -2.64 0.15 5.74
C VAL A 42 -3.22 1.38 5.02
N MET A 43 -2.66 1.74 3.91
CA MET A 43 -3.18 2.92 3.17
C MET A 43 -3.71 2.48 1.80
N VAL A 44 -4.83 3.00 1.39
CA VAL A 44 -5.40 2.61 0.07
C VAL A 44 -6.10 3.82 -0.56
N PRO A 45 -5.33 4.71 -1.19
CA PRO A 45 -5.88 5.92 -1.83
C PRO A 45 -6.69 5.59 -3.09
N THR A 46 -6.81 4.33 -3.42
CA THR A 46 -7.58 3.95 -4.63
C THR A 46 -8.65 2.92 -4.26
N GLU A 47 -9.80 3.00 -4.88
CA GLU A 47 -10.87 2.02 -4.56
C GLU A 47 -11.03 1.92 -3.04
N GLU A 48 -11.16 3.03 -2.36
CA GLU A 48 -11.31 3.00 -0.89
C GLU A 48 -12.78 3.25 -0.52
N VAL A 49 -13.35 2.43 0.29
CA VAL A 49 -14.78 2.62 0.68
C VAL A 49 -14.92 3.94 1.44
N VAL A 50 -13.98 4.24 2.30
CA VAL A 50 -14.06 5.51 3.07
C VAL A 50 -14.27 6.69 2.11
N GLU A 51 -13.62 6.66 0.98
CA GLU A 51 -13.77 7.77 0.00
C GLU A 51 -15.09 7.61 -0.75
N ILE A 52 -15.64 8.68 -1.25
CA ILE A 52 -16.93 8.59 -1.98
C ILE A 52 -16.83 9.40 -3.27
N ARG A 53 -16.49 8.76 -4.36
CA ARG A 53 -16.38 9.49 -5.66
C ARG A 53 -17.77 9.63 -6.28
N GLY A 54 -18.00 10.69 -7.01
CA GLY A 54 -19.33 10.88 -7.65
C GLY A 54 -19.22 11.92 -8.76
N GLY A 55 -20.31 12.22 -9.41
CA GLY A 55 -20.27 13.23 -10.52
C GLY A 55 -19.62 12.60 -11.75
N GLN A 56 -19.91 11.36 -12.02
CA GLN A 56 -19.31 10.68 -13.21
C GLN A 56 -20.14 11.03 -14.45
N ARG A 57 -19.48 11.28 -15.55
CA ARG A 57 -20.23 11.63 -16.80
C ARG A 57 -19.99 10.53 -17.84
N ARG A 58 -20.84 10.46 -18.84
CA ARG A 58 -20.66 9.42 -19.89
C ARG A 58 -19.23 9.47 -20.43
N LYS A 59 -18.68 10.64 -20.57
CA LYS A 59 -17.30 10.76 -21.09
C LYS A 59 -16.48 11.67 -20.17
N SER A 60 -15.46 11.14 -19.55
CA SER A 60 -14.63 11.97 -18.63
C SER A 60 -13.22 11.38 -18.56
N GLU A 61 -12.25 12.19 -18.21
CA GLU A 61 -10.85 11.69 -18.11
C GLU A 61 -10.53 11.34 -16.67
N ARG A 62 -9.88 10.24 -16.43
CA ARG A 62 -9.54 9.85 -15.03
C ARG A 62 -8.08 9.39 -14.97
N LYS A 63 -7.41 9.66 -13.89
CA LYS A 63 -5.99 9.25 -13.76
C LYS A 63 -5.74 8.67 -12.37
N PHE A 64 -5.29 7.45 -12.29
CA PHE A 64 -5.04 6.83 -10.96
C PHE A 64 -3.66 6.17 -10.96
N PHE A 65 -3.06 6.00 -9.81
CA PHE A 65 -1.73 5.38 -9.75
C PHE A 65 -1.81 4.07 -8.96
N PRO A 66 -2.49 3.06 -9.54
CA PRO A 66 -2.66 1.74 -8.89
C PRO A 66 -1.34 0.96 -8.86
N GLY A 67 -1.21 0.04 -7.93
CA GLY A 67 0.05 -0.75 -7.86
C GLY A 67 0.94 -0.20 -6.73
N TYR A 68 0.55 0.89 -6.14
CA TYR A 68 1.37 1.49 -5.05
C TYR A 68 0.53 1.54 -3.76
N VAL A 69 0.94 0.83 -2.75
CA VAL A 69 0.17 0.86 -1.47
C VAL A 69 1.11 1.09 -0.29
N LEU A 70 0.69 1.85 0.67
CA LEU A 70 1.56 2.12 1.85
C LEU A 70 1.03 1.33 3.06
N VAL A 71 1.90 0.66 3.77
CA VAL A 71 1.45 -0.12 4.94
C VAL A 71 2.44 0.07 6.10
N GLN A 72 1.98 0.56 7.22
CA GLN A 72 2.89 0.76 8.38
C GLN A 72 3.26 -0.60 8.98
N MET A 73 4.51 -0.80 9.31
CA MET A 73 4.92 -2.11 9.89
C MET A 73 6.44 -2.16 9.99
N VAL A 74 6.96 -3.00 10.86
CA VAL A 74 8.43 -3.11 11.01
C VAL A 74 8.97 -4.09 9.97
N MET A 75 10.08 -3.77 9.36
CA MET A 75 10.65 -4.69 8.34
C MET A 75 11.62 -5.67 9.02
N ASN A 76 11.29 -6.93 8.99
CA ASN A 76 12.17 -7.94 9.64
C ASN A 76 12.23 -9.20 8.76
N ASP A 77 12.91 -10.22 9.21
CA ASP A 77 13.00 -11.47 8.41
C ASP A 77 11.66 -12.20 8.47
N ALA A 78 10.79 -11.80 9.35
CA ALA A 78 9.47 -12.48 9.46
C ALA A 78 8.44 -11.74 8.60
N SER A 79 8.04 -10.57 9.01
CA SER A 79 7.05 -9.79 8.23
C SER A 79 7.50 -9.72 6.77
N TRP A 80 8.73 -9.37 6.54
CA TRP A 80 9.22 -9.27 5.14
C TRP A 80 8.84 -10.54 4.36
N HIS A 81 9.26 -11.68 4.81
CA HIS A 81 8.91 -12.94 4.09
C HIS A 81 7.38 -13.06 4.00
N LEU A 82 6.69 -12.54 4.98
CA LEU A 82 5.20 -12.63 4.96
C LEU A 82 4.66 -11.74 3.84
N VAL A 83 5.28 -10.62 3.61
CA VAL A 83 4.81 -9.72 2.51
C VAL A 83 4.91 -10.44 1.17
N ARG A 84 5.98 -11.14 0.95
CA ARG A 84 6.15 -11.87 -0.35
C ARG A 84 5.10 -12.98 -0.43
N SER A 85 4.75 -13.56 0.68
CA SER A 85 3.73 -14.66 0.66
C SER A 85 2.42 -14.11 0.09
N VAL A 86 2.12 -12.86 0.34
CA VAL A 86 0.85 -12.27 -0.18
C VAL A 86 0.79 -12.47 -1.70
N PRO A 87 -0.28 -13.11 -2.19
CA PRO A 87 -0.46 -13.36 -3.62
C PRO A 87 -0.78 -12.07 -4.38
N ARG A 88 -0.52 -12.04 -5.65
CA ARG A 88 -0.81 -10.81 -6.45
C ARG A 88 0.02 -9.65 -5.93
N VAL A 89 1.22 -9.92 -5.49
CA VAL A 89 2.09 -8.82 -4.96
C VAL A 89 3.40 -8.78 -5.74
N MET A 90 3.75 -7.64 -6.30
CA MET A 90 5.02 -7.55 -7.07
C MET A 90 6.20 -7.67 -6.11
N GLY A 91 6.33 -6.77 -5.19
CA GLY A 91 7.47 -6.83 -4.23
C GLY A 91 7.52 -5.54 -3.40
N PHE A 92 8.68 -5.15 -2.95
CA PHE A 92 8.79 -3.91 -2.13
C PHE A 92 9.19 -2.75 -3.04
N ILE A 93 9.01 -1.54 -2.58
CA ILE A 93 9.39 -0.36 -3.41
C ILE A 93 10.59 0.34 -2.77
N GLY A 94 11.39 1.01 -3.55
CA GLY A 94 12.58 1.71 -2.99
C GLY A 94 13.76 0.74 -2.96
N GLY A 95 14.15 0.31 -1.79
CA GLY A 95 15.30 -0.64 -1.68
C GLY A 95 14.99 -1.88 -2.52
N THR A 96 13.77 -2.32 -2.53
CA THR A 96 13.42 -3.52 -3.33
C THR A 96 14.49 -4.61 -3.12
N SER A 97 14.72 -5.42 -4.11
CA SER A 97 15.74 -6.49 -3.97
C SER A 97 15.57 -7.17 -2.61
N ASP A 98 14.34 -7.39 -2.21
CA ASP A 98 14.10 -8.05 -0.89
C ASP A 98 14.56 -7.11 0.23
N ARG A 99 14.33 -5.84 0.08
CA ARG A 99 14.75 -4.87 1.14
C ARG A 99 14.00 -3.55 0.96
N PRO A 100 12.81 -3.45 1.58
CA PRO A 100 11.97 -2.26 1.49
C PRO A 100 12.58 -1.07 2.25
N ALA A 101 12.58 0.10 1.66
CA ALA A 101 13.16 1.28 2.35
C ALA A 101 12.02 2.11 2.98
N PRO A 102 12.28 2.68 4.17
CA PRO A 102 11.29 3.50 4.88
C PRO A 102 11.04 4.84 4.17
N ILE A 103 9.90 5.43 4.39
CA ILE A 103 9.60 6.73 3.73
C ILE A 103 9.21 7.76 4.79
N SER A 104 9.37 9.02 4.50
CA SER A 104 9.01 10.06 5.49
C SER A 104 7.48 10.12 5.65
N ASP A 105 7.01 10.49 6.82
CA ASP A 105 5.53 10.55 7.03
C ASP A 105 4.92 11.54 6.04
N LYS A 106 5.56 12.67 5.84
CA LYS A 106 5.01 13.67 4.88
C LYS A 106 4.77 13.01 3.53
N GLU A 107 5.69 12.20 3.08
CA GLU A 107 5.50 11.52 1.76
C GLU A 107 4.16 10.79 1.75
N VAL A 108 3.85 10.09 2.80
CA VAL A 108 2.56 9.35 2.85
C VAL A 108 1.41 10.33 2.60
N ASP A 109 1.51 11.52 3.12
CA ASP A 109 0.43 12.51 2.92
C ASP A 109 0.43 12.98 1.46
N ALA A 110 1.58 13.07 0.86
CA ALA A 110 1.66 13.51 -0.55
C ALA A 110 0.96 12.47 -1.44
N ILE A 111 1.08 11.22 -1.11
CA ILE A 111 0.42 10.16 -1.94
C ILE A 111 -1.04 10.53 -2.16
N MET A 112 -1.77 10.74 -1.10
CA MET A 112 -3.21 11.11 -1.25
C MET A 112 -3.31 12.42 -2.04
N ASN A 113 -2.34 13.27 -1.90
CA ASN A 113 -2.37 14.57 -2.65
C ASN A 113 -2.37 14.29 -4.14
N ARG A 114 -1.62 13.31 -4.58
CA ARG A 114 -1.58 13.00 -6.03
C ARG A 114 -3.00 12.71 -6.53
N LEU A 115 -3.74 11.92 -5.82
CA LEU A 115 -5.14 11.60 -6.26
C LEU A 115 -5.90 12.90 -6.47
N GLN A 116 -5.71 13.87 -5.61
CA GLN A 116 -6.43 15.16 -5.77
C GLN A 116 -5.72 16.01 -6.82
N GLN A 117 -4.62 15.55 -7.33
CA GLN A 117 -3.88 16.34 -8.36
C GLN A 117 -4.57 16.18 -9.72
N VAL A 118 -4.58 17.20 -10.52
CA VAL A 118 -5.24 17.09 -11.85
C VAL A 118 -4.18 16.87 -12.93
N GLY A 119 -4.50 16.13 -13.95
CA GLY A 119 -3.51 15.86 -15.03
C GLY A 119 -2.85 17.18 -15.45
N ASP A 120 -3.52 18.29 -15.23
CA ASP A 120 -2.93 19.60 -15.62
C ASP A 120 -1.71 19.90 -14.74
N LYS A 121 -0.68 20.45 -15.31
CA LYS A 121 0.53 20.76 -14.51
C LYS A 121 0.35 22.12 -13.82
N PRO A 122 0.45 22.15 -12.48
CA PRO A 122 0.30 23.38 -11.69
C PRO A 122 1.49 24.33 -11.89
N ARG A 123 1.25 25.60 -11.89
CA ARG A 123 2.36 26.57 -12.07
C ARG A 123 1.91 27.96 -11.61
N MET A 1 7.78 11.19 25.24
CA MET A 1 7.85 10.11 26.26
C MET A 1 6.89 8.98 25.88
N SER A 2 7.03 8.43 24.70
CA SER A 2 6.13 7.33 24.28
C SER A 2 6.95 6.09 23.94
N GLU A 3 6.41 4.93 24.19
CA GLU A 3 7.16 3.68 23.88
C GLU A 3 7.63 3.70 22.43
N ALA A 4 6.84 4.26 21.56
CA ALA A 4 7.25 4.32 20.13
C ALA A 4 7.49 2.89 19.61
N PRO A 5 6.50 2.34 18.89
CA PRO A 5 6.60 0.98 18.33
C PRO A 5 7.59 0.91 17.17
N LYS A 6 8.17 2.03 16.80
CA LYS A 6 9.15 2.03 15.68
C LYS A 6 8.46 1.57 14.40
N LYS A 7 7.25 2.04 14.16
CA LYS A 7 6.53 1.63 12.93
C LYS A 7 6.91 2.56 11.77
N ARG A 8 7.13 2.01 10.61
CA ARG A 8 7.51 2.86 9.44
C ARG A 8 6.58 2.55 8.27
N TRP A 9 6.37 3.50 7.40
CA TRP A 9 5.47 3.26 6.23
C TRP A 9 6.28 2.62 5.10
N TYR A 10 5.79 1.54 4.55
CA TYR A 10 6.52 0.87 3.44
C TYR A 10 5.62 0.78 2.21
N VAL A 11 6.20 0.69 1.05
CA VAL A 11 5.37 0.60 -0.19
C VAL A 11 5.11 -0.87 -0.53
N VAL A 12 4.00 -1.16 -1.16
CA VAL A 12 3.70 -2.57 -1.52
C VAL A 12 3.25 -2.64 -2.98
N GLN A 13 3.91 -3.43 -3.79
CA GLN A 13 3.52 -3.54 -5.21
C GLN A 13 2.39 -4.56 -5.37
N ALA A 14 1.51 -4.34 -6.31
CA ALA A 14 0.39 -5.31 -6.51
C ALA A 14 -0.10 -5.23 -7.96
N PHE A 15 -0.69 -6.29 -8.45
CA PHE A 15 -1.18 -6.27 -9.86
C PHE A 15 -2.40 -5.37 -9.96
N SER A 16 -2.58 -4.72 -11.08
CA SER A 16 -3.77 -3.82 -11.24
C SER A 16 -5.05 -4.61 -10.97
N GLY A 17 -6.03 -3.99 -10.37
CA GLY A 17 -7.30 -4.71 -10.09
C GLY A 17 -7.21 -5.36 -8.70
N PHE A 18 -6.05 -5.81 -8.33
CA PHE A 18 -5.89 -6.46 -6.99
C PHE A 18 -5.16 -5.50 -6.04
N GLU A 19 -5.07 -4.24 -6.39
CA GLU A 19 -4.38 -3.27 -5.51
C GLU A 19 -4.95 -3.36 -4.09
N GLY A 20 -6.24 -3.53 -3.98
CA GLY A 20 -6.86 -3.63 -2.63
C GLY A 20 -6.92 -5.09 -2.19
N ARG A 21 -7.14 -5.98 -3.12
CA ARG A 21 -7.20 -7.43 -2.76
C ARG A 21 -5.95 -7.81 -1.95
N VAL A 22 -4.79 -7.51 -2.47
CA VAL A 22 -3.54 -7.86 -1.73
C VAL A 22 -3.69 -7.46 -0.26
N ALA A 23 -4.33 -6.35 0.00
CA ALA A 23 -4.50 -5.90 1.41
C ALA A 23 -5.39 -6.91 2.15
N THR A 24 -6.45 -7.35 1.52
CA THR A 24 -7.34 -8.33 2.18
C THR A 24 -6.61 -9.66 2.36
N SER A 25 -5.94 -10.13 1.32
CA SER A 25 -5.20 -11.41 1.44
C SER A 25 -4.11 -11.27 2.51
N LEU A 26 -3.44 -10.15 2.54
CA LEU A 26 -2.37 -9.95 3.55
C LEU A 26 -2.94 -10.17 4.96
N ARG A 27 -4.13 -9.68 5.20
CA ARG A 27 -4.73 -9.86 6.55
C ARG A 27 -4.73 -11.34 6.92
N GLU A 28 -5.09 -12.20 6.01
CA GLU A 28 -5.10 -13.66 6.31
C GLU A 28 -3.69 -14.11 6.69
N HIS A 29 -2.71 -13.73 5.92
CA HIS A 29 -1.31 -14.15 6.24
C HIS A 29 -0.90 -13.53 7.57
N ILE A 30 -1.20 -12.28 7.79
CA ILE A 30 -0.83 -11.63 9.07
C ILE A 30 -1.62 -12.25 10.22
N LYS A 31 -2.92 -12.34 10.08
CA LYS A 31 -3.75 -12.93 11.16
C LYS A 31 -3.30 -14.37 11.41
N LEU A 32 -3.00 -15.10 10.36
CA LEU A 32 -2.56 -16.51 10.53
C LEU A 32 -1.25 -16.54 11.32
N HIS A 33 -0.25 -15.82 10.86
CA HIS A 33 1.05 -15.81 11.59
C HIS A 33 0.98 -14.81 12.74
N ASN A 34 -0.13 -14.14 12.91
CA ASN A 34 -0.25 -13.15 14.01
C ASN A 34 0.78 -12.03 13.79
N MET A 35 0.86 -11.51 12.60
CA MET A 35 1.82 -10.41 12.34
C MET A 35 1.15 -9.06 12.59
N GLU A 36 -0.09 -9.06 13.00
CA GLU A 36 -0.78 -7.78 13.26
C GLU A 36 0.10 -6.88 14.12
N ASP A 37 0.88 -7.45 14.99
CA ASP A 37 1.77 -6.63 15.86
C ASP A 37 2.75 -5.84 14.98
N LEU A 38 3.28 -6.45 13.97
CA LEU A 38 4.23 -5.74 13.06
C LEU A 38 3.47 -4.70 12.24
N PHE A 39 2.38 -5.10 11.63
CA PHE A 39 1.59 -4.15 10.80
C PHE A 39 0.81 -3.22 11.73
N GLY A 40 0.72 -1.96 11.39
CA GLY A 40 -0.04 -1.02 12.26
C GLY A 40 -1.32 -0.58 11.55
N GLU A 41 -1.21 0.10 10.44
CA GLU A 41 -2.43 0.54 9.71
C GLU A 41 -2.21 0.39 8.20
N VAL A 42 -3.27 0.29 7.44
CA VAL A 42 -3.11 0.14 5.97
C VAL A 42 -3.80 1.31 5.26
N MET A 43 -3.29 1.74 4.14
CA MET A 43 -3.92 2.87 3.41
C MET A 43 -4.07 2.50 1.93
N VAL A 44 -5.16 2.89 1.32
CA VAL A 44 -5.37 2.56 -0.12
C VAL A 44 -5.62 3.85 -0.90
N PRO A 45 -4.62 4.29 -1.66
CA PRO A 45 -4.71 5.51 -2.47
C PRO A 45 -5.65 5.32 -3.67
N THR A 46 -6.90 5.02 -3.42
CA THR A 46 -7.86 4.83 -4.54
C THR A 46 -9.18 5.52 -4.21
N GLU A 47 -9.86 6.02 -5.20
CA GLU A 47 -11.16 6.71 -4.93
C GLU A 47 -12.16 5.70 -4.36
N GLU A 48 -12.09 4.47 -4.80
CA GLU A 48 -13.04 3.44 -4.27
C GLU A 48 -12.26 2.19 -3.88
N VAL A 49 -12.69 1.51 -2.86
CA VAL A 49 -11.96 0.28 -2.42
C VAL A 49 -12.03 -0.77 -3.53
N VAL A 50 -13.08 -0.78 -4.29
CA VAL A 50 -13.20 -1.78 -5.40
C VAL A 50 -13.06 -1.07 -6.75
N GLU A 51 -12.37 -1.67 -7.67
CA GLU A 51 -12.20 -1.04 -9.01
C GLU A 51 -13.40 -1.39 -9.90
N ILE A 52 -14.05 -0.40 -10.44
CA ILE A 52 -15.23 -0.69 -11.31
C ILE A 52 -14.83 -0.53 -12.78
N ARG A 53 -13.64 -0.04 -13.04
CA ARG A 53 -13.20 0.13 -14.45
C ARG A 53 -12.08 -0.87 -14.75
N GLY A 54 -11.93 -1.24 -16.00
CA GLY A 54 -10.86 -2.21 -16.36
C GLY A 54 -10.16 -1.73 -17.63
N GLY A 55 -9.05 -2.34 -17.97
CA GLY A 55 -8.33 -1.93 -19.20
C GLY A 55 -7.24 -0.91 -18.84
N GLN A 56 -7.12 -0.58 -17.58
CA GLN A 56 -6.08 0.41 -17.17
C GLN A 56 -6.35 1.74 -17.86
N ARG A 57 -7.57 2.16 -17.90
CA ARG A 57 -7.90 3.47 -18.56
C ARG A 57 -7.32 4.60 -17.72
N ARG A 58 -6.78 5.60 -18.36
CA ARG A 58 -6.21 6.75 -17.59
C ARG A 58 -6.65 8.07 -18.24
N LYS A 59 -6.88 9.08 -17.45
CA LYS A 59 -7.31 10.38 -18.02
C LYS A 59 -6.15 11.37 -17.98
N SER A 60 -5.85 12.00 -19.09
CA SER A 60 -4.72 12.97 -19.11
C SER A 60 -5.03 14.13 -18.16
N GLU A 61 -6.28 14.32 -17.83
CA GLU A 61 -6.64 15.43 -16.91
C GLU A 61 -6.03 15.19 -15.53
N ARG A 62 -5.90 13.94 -15.15
CA ARG A 62 -5.32 13.63 -13.81
C ARG A 62 -4.40 12.41 -13.92
N LYS A 63 -3.28 12.43 -13.26
CA LYS A 63 -2.35 11.27 -13.33
C LYS A 63 -2.57 10.37 -12.11
N PHE A 64 -2.81 9.12 -12.32
CA PHE A 64 -3.03 8.19 -11.17
C PHE A 64 -1.97 7.08 -11.19
N PHE A 65 -1.69 6.50 -10.06
CA PHE A 65 -0.65 5.43 -10.02
C PHE A 65 -1.27 4.16 -9.41
N PRO A 66 -1.89 3.32 -10.26
CA PRO A 66 -2.52 2.07 -9.82
C PRO A 66 -1.49 1.02 -9.42
N GLY A 67 -1.85 0.11 -8.55
CA GLY A 67 -0.90 -0.94 -8.12
C GLY A 67 -0.03 -0.41 -6.98
N TYR A 68 -0.37 0.74 -6.44
CA TYR A 68 0.43 1.30 -5.31
C TYR A 68 -0.37 1.20 -4.01
N VAL A 69 0.26 0.79 -2.95
CA VAL A 69 -0.46 0.67 -1.65
C VAL A 69 0.48 1.06 -0.50
N LEU A 70 -0.05 1.69 0.52
CA LEU A 70 0.80 2.08 1.68
C LEU A 70 0.38 1.29 2.91
N VAL A 71 1.31 0.69 3.60
CA VAL A 71 0.95 -0.09 4.81
C VAL A 71 2.04 0.07 5.88
N GLN A 72 1.68 0.57 7.03
CA GLN A 72 2.69 0.75 8.10
C GLN A 72 3.03 -0.62 8.71
N MET A 73 4.28 -0.94 8.82
CA MET A 73 4.67 -2.26 9.41
C MET A 73 6.17 -2.27 9.68
N VAL A 74 6.59 -2.97 10.70
CA VAL A 74 8.04 -3.02 11.03
C VAL A 74 8.76 -3.95 10.03
N MET A 75 9.55 -3.39 9.16
CA MET A 75 10.27 -4.25 8.17
C MET A 75 11.15 -5.26 8.90
N ASN A 76 10.92 -6.53 8.70
CA ASN A 76 11.75 -7.55 9.38
C ASN A 76 11.72 -8.86 8.57
N ASP A 77 12.55 -9.80 8.93
CA ASP A 77 12.57 -11.08 8.18
C ASP A 77 11.17 -11.70 8.16
N ALA A 78 10.44 -11.57 9.24
CA ALA A 78 9.08 -12.14 9.29
C ALA A 78 8.15 -11.34 8.35
N SER A 79 7.81 -10.14 8.72
CA SER A 79 6.91 -9.33 7.86
C SER A 79 7.39 -9.38 6.42
N TRP A 80 8.66 -9.17 6.20
CA TRP A 80 9.19 -9.22 4.81
C TRP A 80 8.76 -10.51 4.13
N HIS A 81 8.96 -11.63 4.78
CA HIS A 81 8.55 -12.93 4.17
C HIS A 81 7.03 -12.98 4.05
N LEU A 82 6.33 -12.49 5.04
CA LEU A 82 4.85 -12.51 5.00
C LEU A 82 4.36 -11.73 3.77
N VAL A 83 4.88 -10.57 3.56
CA VAL A 83 4.46 -9.76 2.38
C VAL A 83 4.67 -10.57 1.10
N ARG A 84 5.82 -11.14 0.93
CA ARG A 84 6.08 -11.95 -0.29
C ARG A 84 5.08 -13.09 -0.39
N SER A 85 4.72 -13.66 0.74
CA SER A 85 3.74 -14.79 0.72
C SER A 85 2.42 -14.31 0.12
N VAL A 86 2.07 -13.08 0.37
CA VAL A 86 0.79 -12.54 -0.18
C VAL A 86 0.82 -12.61 -1.71
N PRO A 87 -0.17 -13.29 -2.30
CA PRO A 87 -0.27 -13.44 -3.76
C PRO A 87 -0.63 -12.12 -4.44
N ARG A 88 -0.43 -12.02 -5.73
CA ARG A 88 -0.77 -10.76 -6.45
C ARG A 88 0.13 -9.63 -5.94
N VAL A 89 1.30 -9.95 -5.48
CA VAL A 89 2.21 -8.88 -4.97
C VAL A 89 3.59 -9.02 -5.63
N MET A 90 4.18 -7.93 -6.03
CA MET A 90 5.51 -8.00 -6.69
C MET A 90 6.60 -7.89 -5.62
N GLY A 91 6.44 -7.01 -4.67
CA GLY A 91 7.46 -6.85 -3.61
C GLY A 91 7.34 -5.48 -2.98
N PHE A 92 8.44 -4.93 -2.50
CA PHE A 92 8.38 -3.58 -1.87
C PHE A 92 8.92 -2.53 -2.86
N ILE A 93 8.54 -1.30 -2.70
CA ILE A 93 9.03 -0.23 -3.62
C ILE A 93 10.02 0.67 -2.88
N GLY A 94 11.17 0.91 -3.46
CA GLY A 94 12.18 1.78 -2.78
C GLY A 94 13.59 1.33 -3.17
N GLY A 95 14.38 0.93 -2.21
CA GLY A 95 15.76 0.49 -2.51
C GLY A 95 15.72 -0.80 -3.33
N THR A 96 15.58 -1.93 -2.69
CA THR A 96 15.54 -3.22 -3.43
C THR A 96 14.33 -4.04 -2.98
N SER A 97 14.22 -5.26 -3.44
CA SER A 97 13.06 -6.11 -3.05
C SER A 97 13.49 -7.03 -1.90
N ASP A 98 14.57 -6.71 -1.26
CA ASP A 98 15.05 -7.56 -0.12
C ASP A 98 15.11 -6.71 1.14
N ARG A 99 15.25 -5.42 0.99
CA ARG A 99 15.32 -4.52 2.17
C ARG A 99 14.69 -3.18 1.79
N PRO A 100 13.36 -3.06 1.96
CA PRO A 100 12.63 -1.85 1.62
C PRO A 100 13.02 -0.66 2.50
N ALA A 101 13.50 0.40 1.90
CA ALA A 101 13.90 1.60 2.69
C ALA A 101 12.65 2.33 3.17
N PRO A 102 12.62 2.71 4.45
CA PRO A 102 11.48 3.42 5.04
C PRO A 102 11.34 4.84 4.49
N ILE A 103 10.15 5.37 4.50
CA ILE A 103 9.94 6.75 3.97
C ILE A 103 9.40 7.63 5.10
N SER A 104 9.52 8.93 4.96
CA SER A 104 9.01 9.84 6.02
C SER A 104 7.48 9.81 6.03
N ASP A 105 6.88 10.03 7.16
CA ASP A 105 5.39 10.01 7.25
C ASP A 105 4.83 11.14 6.36
N LYS A 106 5.48 12.26 6.34
CA LYS A 106 4.98 13.39 5.50
C LYS A 106 5.01 12.99 4.03
N GLU A 107 6.01 12.25 3.63
CA GLU A 107 6.09 11.83 2.20
C GLU A 107 4.86 11.00 1.85
N VAL A 108 4.43 10.16 2.74
CA VAL A 108 3.23 9.32 2.45
C VAL A 108 2.01 10.22 2.25
N ASP A 109 1.94 11.30 2.98
CA ASP A 109 0.77 12.22 2.84
C ASP A 109 0.84 12.90 1.47
N ALA A 110 2.03 13.18 0.99
CA ALA A 110 2.16 13.84 -0.34
C ALA A 110 1.64 12.90 -1.43
N ILE A 111 1.92 11.63 -1.30
CA ILE A 111 1.45 10.66 -2.33
C ILE A 111 -0.07 10.78 -2.50
N MET A 112 -0.80 10.73 -1.42
CA MET A 112 -2.29 10.84 -1.52
C MET A 112 -2.65 12.20 -2.10
N ASN A 113 -1.90 13.22 -1.78
CA ASN A 113 -2.21 14.57 -2.32
C ASN A 113 -2.15 14.53 -3.86
N ARG A 114 -1.30 13.72 -4.41
CA ARG A 114 -1.20 13.64 -5.89
C ARG A 114 -2.57 13.30 -6.48
N LEU A 115 -3.32 12.47 -5.81
CA LEU A 115 -4.67 12.10 -6.33
C LEU A 115 -5.50 13.37 -6.55
N GLN A 116 -5.37 14.34 -5.68
CA GLN A 116 -6.15 15.60 -5.85
C GLN A 116 -5.37 16.58 -6.72
N GLN A 117 -4.28 16.14 -7.29
CA GLN A 117 -3.47 17.05 -8.15
C GLN A 117 -3.90 16.88 -9.61
N VAL A 118 -4.03 17.96 -10.34
CA VAL A 118 -4.44 17.86 -11.77
C VAL A 118 -3.48 18.67 -12.64
N GLY A 119 -3.33 18.29 -13.87
CA GLY A 119 -2.40 19.04 -14.77
C GLY A 119 -3.22 19.90 -15.73
N ASP A 120 -4.36 20.36 -15.32
CA ASP A 120 -5.21 21.21 -16.21
C ASP A 120 -4.40 22.43 -16.66
N LYS A 121 -3.58 22.95 -15.79
CA LYS A 121 -2.76 24.15 -16.17
C LYS A 121 -1.27 23.80 -16.05
N PRO A 122 -0.73 23.10 -17.04
CA PRO A 122 0.69 22.69 -17.06
C PRO A 122 1.62 23.90 -17.27
N ARG A 123 1.10 24.98 -17.80
CA ARG A 123 1.94 26.17 -18.02
C ARG A 123 1.12 27.45 -17.79
N MET A 1 10.04 12.70 16.54
CA MET A 1 11.40 12.52 17.12
C MET A 1 12.40 12.29 15.98
N SER A 2 13.22 13.26 15.71
CA SER A 2 14.22 13.10 14.61
C SER A 2 15.04 11.83 14.84
N GLU A 3 15.37 11.54 16.07
CA GLU A 3 16.17 10.31 16.36
C GLU A 3 15.25 9.23 16.91
N ALA A 4 15.63 7.99 16.80
CA ALA A 4 14.77 6.88 17.32
C ALA A 4 13.37 7.00 16.73
N PRO A 5 13.24 6.71 15.43
CA PRO A 5 11.96 6.77 14.72
C PRO A 5 11.01 5.65 15.17
N LYS A 6 9.73 5.89 15.14
CA LYS A 6 8.76 4.84 15.56
C LYS A 6 7.73 4.61 14.45
N LYS A 7 7.38 3.38 14.20
CA LYS A 7 6.39 3.09 13.12
C LYS A 7 6.93 3.58 11.78
N ARG A 8 7.11 2.68 10.85
CA ARG A 8 7.64 3.10 9.52
C ARG A 8 6.59 2.79 8.44
N TRP A 9 6.67 3.45 7.31
CA TRP A 9 5.68 3.20 6.23
C TRP A 9 6.36 2.47 5.07
N TYR A 10 5.78 1.41 4.60
CA TYR A 10 6.39 0.66 3.47
C TYR A 10 5.40 0.58 2.31
N VAL A 11 5.87 0.65 1.10
CA VAL A 11 4.96 0.59 -0.08
C VAL A 11 4.98 -0.83 -0.65
N VAL A 12 3.82 -1.40 -0.87
CA VAL A 12 3.76 -2.78 -1.43
C VAL A 12 3.24 -2.73 -2.87
N GLN A 13 3.90 -3.37 -3.79
CA GLN A 13 3.43 -3.35 -5.20
C GLN A 13 2.27 -4.33 -5.36
N ALA A 14 1.37 -4.05 -6.27
CA ALA A 14 0.21 -4.97 -6.48
C ALA A 14 -0.27 -4.86 -7.92
N PHE A 15 -0.85 -5.91 -8.46
CA PHE A 15 -1.34 -5.85 -9.85
C PHE A 15 -2.54 -4.90 -9.93
N SER A 16 -2.66 -4.18 -11.01
CA SER A 16 -3.81 -3.23 -11.15
C SER A 16 -5.12 -4.01 -11.06
N GLY A 17 -6.12 -3.44 -10.44
CA GLY A 17 -7.42 -4.14 -10.32
C GLY A 17 -7.46 -4.94 -9.01
N PHE A 18 -6.33 -5.42 -8.58
CA PHE A 18 -6.30 -6.20 -7.31
C PHE A 18 -5.65 -5.36 -6.21
N GLU A 19 -5.39 -4.11 -6.48
CA GLU A 19 -4.77 -3.24 -5.45
C GLU A 19 -5.59 -3.29 -4.16
N GLY A 20 -6.89 -3.45 -4.28
CA GLY A 20 -7.74 -3.52 -3.06
C GLY A 20 -7.73 -4.94 -2.51
N ARG A 21 -8.08 -5.91 -3.31
CA ARG A 21 -8.09 -7.31 -2.83
C ARG A 21 -6.70 -7.69 -2.32
N VAL A 22 -5.67 -7.16 -2.92
CA VAL A 22 -4.28 -7.48 -2.46
C VAL A 22 -4.13 -7.11 -0.99
N ALA A 23 -4.68 -6.00 -0.59
CA ALA A 23 -4.56 -5.58 0.84
C ALA A 23 -5.31 -6.58 1.71
N THR A 24 -6.42 -7.09 1.25
CA THR A 24 -7.20 -8.07 2.05
C THR A 24 -6.34 -9.31 2.31
N SER A 25 -5.56 -9.71 1.34
CA SER A 25 -4.70 -10.91 1.53
C SER A 25 -3.74 -10.67 2.70
N LEU A 26 -3.27 -9.47 2.86
CA LEU A 26 -2.33 -9.16 3.98
C LEU A 26 -3.02 -9.48 5.31
N ARG A 27 -4.27 -9.13 5.43
CA ARG A 27 -4.99 -9.39 6.71
C ARG A 27 -4.96 -10.90 7.02
N GLU A 28 -5.22 -11.72 6.04
CA GLU A 28 -5.19 -13.19 6.27
C GLU A 28 -3.78 -13.62 6.66
N HIS A 29 -2.83 -13.42 5.78
CA HIS A 29 -1.44 -13.82 6.10
C HIS A 29 -1.02 -13.21 7.44
N ILE A 30 -1.21 -11.93 7.60
CA ILE A 30 -0.82 -11.27 8.88
C ILE A 30 -1.56 -11.94 10.04
N LYS A 31 -2.87 -12.01 9.95
CA LYS A 31 -3.65 -12.66 11.04
C LYS A 31 -3.11 -14.06 11.30
N LEU A 32 -2.86 -14.81 10.26
CA LEU A 32 -2.33 -16.19 10.45
C LEU A 32 -0.94 -16.12 11.09
N HIS A 33 -0.03 -15.41 10.49
CA HIS A 33 1.33 -15.30 11.06
C HIS A 33 1.28 -14.50 12.36
N ASN A 34 0.16 -13.88 12.64
CA ASN A 34 0.05 -13.08 13.88
C ASN A 34 1.07 -11.95 13.87
N MET A 35 1.16 -11.24 12.77
CA MET A 35 2.13 -10.12 12.69
C MET A 35 1.43 -8.79 13.02
N GLU A 36 0.18 -8.85 13.42
CA GLU A 36 -0.55 -7.61 13.76
C GLU A 36 0.29 -6.78 14.73
N ASP A 37 1.19 -7.40 15.44
CA ASP A 37 2.04 -6.64 16.41
C ASP A 37 2.90 -5.64 15.64
N LEU A 38 3.44 -6.03 14.52
CA LEU A 38 4.28 -5.08 13.74
C LEU A 38 3.42 -4.33 12.74
N PHE A 39 2.38 -4.95 12.24
CA PHE A 39 1.50 -4.27 11.27
C PHE A 39 0.62 -3.26 12.00
N GLY A 40 0.46 -2.09 11.45
CA GLY A 40 -0.39 -1.06 12.12
C GLY A 40 -1.58 -0.70 11.22
N GLU A 41 -1.37 0.13 10.24
CA GLU A 41 -2.48 0.52 9.34
C GLU A 41 -2.04 0.33 7.88
N VAL A 42 -2.98 0.31 6.97
CA VAL A 42 -2.62 0.14 5.54
C VAL A 42 -3.16 1.32 4.73
N MET A 43 -2.64 1.55 3.55
CA MET A 43 -3.13 2.68 2.73
C MET A 43 -3.71 2.15 1.42
N VAL A 44 -4.82 2.68 0.99
CA VAL A 44 -5.44 2.20 -0.28
C VAL A 44 -5.81 3.40 -1.15
N PRO A 45 -4.80 4.03 -1.78
CA PRO A 45 -5.00 5.19 -2.65
C PRO A 45 -5.70 4.81 -3.95
N THR A 46 -6.89 4.29 -3.87
CA THR A 46 -7.62 3.90 -5.10
C THR A 46 -9.08 4.38 -5.01
N GLU A 47 -9.68 4.68 -6.14
CA GLU A 47 -11.10 5.15 -6.11
C GLU A 47 -11.99 4.06 -5.52
N GLU A 48 -11.60 2.81 -5.65
CA GLU A 48 -12.43 1.71 -5.11
C GLU A 48 -12.79 2.01 -3.65
N VAL A 49 -11.88 2.58 -2.91
CA VAL A 49 -12.18 2.91 -1.48
C VAL A 49 -13.50 3.66 -1.39
N VAL A 50 -13.76 4.50 -2.36
CA VAL A 50 -15.05 5.28 -2.33
C VAL A 50 -15.95 4.82 -3.48
N GLU A 51 -17.23 4.74 -3.24
CA GLU A 51 -18.16 4.30 -4.31
C GLU A 51 -18.81 5.52 -4.95
N ILE A 52 -18.94 5.53 -6.25
CA ILE A 52 -19.58 6.69 -6.93
C ILE A 52 -20.16 6.24 -8.27
N ARG A 53 -21.44 6.35 -8.44
CA ARG A 53 -22.08 5.93 -9.72
C ARG A 53 -21.28 6.51 -10.89
N GLY A 54 -21.16 5.78 -11.97
CA GLY A 54 -20.39 6.28 -13.14
C GLY A 54 -20.99 7.62 -13.60
N GLY A 55 -20.39 8.71 -13.22
CA GLY A 55 -20.92 10.04 -13.63
C GLY A 55 -20.84 10.17 -15.16
N GLN A 56 -19.87 9.54 -15.76
CA GLN A 56 -19.73 9.63 -17.25
C GLN A 56 -19.47 11.09 -17.65
N ARG A 57 -18.63 11.76 -16.91
CA ARG A 57 -18.34 13.20 -17.25
C ARG A 57 -17.41 13.24 -18.47
N ARG A 58 -17.54 14.26 -19.28
CA ARG A 58 -16.67 14.36 -20.49
C ARG A 58 -15.21 14.24 -20.07
N LYS A 59 -14.86 14.75 -18.92
CA LYS A 59 -13.44 14.66 -18.46
C LYS A 59 -13.23 13.36 -17.70
N SER A 60 -12.15 12.67 -17.96
CA SER A 60 -11.90 11.38 -17.26
C SER A 60 -10.67 11.54 -16.34
N GLU A 61 -10.61 10.78 -15.29
CA GLU A 61 -9.45 10.88 -14.36
C GLU A 61 -8.54 9.66 -14.54
N ARG A 62 -7.28 9.81 -14.26
CA ARG A 62 -6.34 8.66 -14.41
C ARG A 62 -5.58 8.44 -13.10
N LYS A 63 -5.21 7.22 -12.82
CA LYS A 63 -4.48 6.94 -11.56
C LYS A 63 -2.99 7.22 -11.76
N PHE A 64 -2.41 8.03 -10.91
CA PHE A 64 -0.97 8.35 -11.05
C PHE A 64 -0.13 7.09 -10.80
N PHE A 65 -0.48 6.34 -9.80
CA PHE A 65 0.29 5.09 -9.51
C PHE A 65 -0.68 3.97 -9.12
N PRO A 66 -1.29 3.33 -10.12
CA PRO A 66 -2.24 2.24 -9.90
C PRO A 66 -1.55 0.97 -9.37
N GLY A 67 -2.21 0.23 -8.53
CA GLY A 67 -1.59 -1.02 -7.99
C GLY A 67 -0.54 -0.66 -6.94
N TYR A 68 -0.66 0.49 -6.34
CA TYR A 68 0.33 0.90 -5.31
C TYR A 68 -0.35 0.99 -3.94
N VAL A 69 0.14 0.27 -2.97
CA VAL A 69 -0.48 0.32 -1.62
C VAL A 69 0.61 0.50 -0.56
N LEU A 70 0.32 1.21 0.48
CA LEU A 70 1.33 1.43 1.56
C LEU A 70 0.84 0.79 2.85
N VAL A 71 1.70 0.14 3.57
CA VAL A 71 1.28 -0.51 4.85
C VAL A 71 2.27 -0.16 5.96
N GLN A 72 1.81 0.46 7.01
CA GLN A 72 2.73 0.81 8.13
C GLN A 72 3.16 -0.47 8.84
N MET A 73 4.39 -0.54 9.27
CA MET A 73 4.86 -1.77 9.97
C MET A 73 6.36 -1.66 10.23
N VAL A 74 6.87 -2.41 11.18
CA VAL A 74 8.32 -2.36 11.47
C VAL A 74 9.08 -3.27 10.50
N MET A 75 10.24 -2.87 10.06
CA MET A 75 11.01 -3.72 9.11
C MET A 75 11.57 -4.93 9.84
N ASN A 76 11.15 -6.11 9.48
CA ASN A 76 11.66 -7.34 10.15
C ASN A 76 11.79 -8.46 9.12
N ASP A 77 12.32 -9.59 9.53
CA ASP A 77 12.47 -10.72 8.57
C ASP A 77 11.16 -11.52 8.50
N ALA A 78 10.31 -11.36 9.47
CA ALA A 78 9.02 -12.12 9.47
C ALA A 78 8.10 -11.50 8.42
N SER A 79 7.80 -10.23 8.54
CA SER A 79 6.90 -9.58 7.56
C SER A 79 7.50 -9.70 6.15
N TRP A 80 8.79 -9.51 6.04
CA TRP A 80 9.43 -9.61 4.70
C TRP A 80 8.89 -10.84 3.96
N HIS A 81 8.81 -11.96 4.62
CA HIS A 81 8.28 -13.18 3.94
C HIS A 81 6.76 -13.12 3.90
N LEU A 82 6.15 -12.41 4.81
CA LEU A 82 4.66 -12.32 4.81
C LEU A 82 4.19 -11.62 3.55
N VAL A 83 4.87 -10.58 3.14
CA VAL A 83 4.46 -9.85 1.91
C VAL A 83 4.63 -10.76 0.69
N ARG A 84 5.77 -11.40 0.57
CA ARG A 84 6.00 -12.30 -0.59
C ARG A 84 4.95 -13.41 -0.59
N SER A 85 4.64 -13.96 0.55
CA SER A 85 3.63 -15.04 0.60
C SER A 85 2.29 -14.51 0.11
N VAL A 86 2.04 -13.24 0.27
CA VAL A 86 0.75 -12.66 -0.19
C VAL A 86 0.68 -12.72 -1.72
N PRO A 87 -0.39 -13.32 -2.26
CA PRO A 87 -0.59 -13.44 -3.71
C PRO A 87 -0.90 -12.09 -4.36
N ARG A 88 -0.77 -12.00 -5.65
CA ARG A 88 -1.06 -10.71 -6.34
C ARG A 88 -0.10 -9.63 -5.82
N VAL A 89 1.16 -9.95 -5.71
CA VAL A 89 2.14 -8.94 -5.21
C VAL A 89 3.35 -8.91 -6.13
N MET A 90 3.62 -7.78 -6.74
CA MET A 90 4.78 -7.69 -7.65
C MET A 90 6.07 -7.72 -6.84
N GLY A 91 6.11 -7.04 -5.74
CA GLY A 91 7.33 -7.04 -4.89
C GLY A 91 7.27 -5.88 -3.90
N PHE A 92 8.40 -5.51 -3.33
CA PHE A 92 8.40 -4.38 -2.36
C PHE A 92 9.00 -3.14 -3.03
N ILE A 93 8.92 -2.01 -2.37
CA ILE A 93 9.48 -0.76 -2.97
C ILE A 93 10.49 -0.15 -1.99
N GLY A 94 11.67 0.15 -2.45
CA GLY A 94 12.68 0.76 -1.55
C GLY A 94 14.03 0.84 -2.27
N GLY A 95 15.11 0.74 -1.55
CA GLY A 95 16.45 0.82 -2.20
C GLY A 95 16.73 -0.48 -2.97
N THR A 96 16.34 -1.59 -2.42
CA THR A 96 16.60 -2.89 -3.13
C THR A 96 15.30 -3.71 -3.14
N SER A 97 15.28 -4.80 -3.86
CA SER A 97 14.05 -5.63 -3.92
C SER A 97 14.08 -6.65 -2.77
N ASP A 98 14.93 -6.45 -1.82
CA ASP A 98 15.02 -7.38 -0.67
C ASP A 98 14.98 -6.60 0.65
N ARG A 99 15.16 -5.31 0.59
CA ARG A 99 15.14 -4.48 1.82
C ARG A 99 14.53 -3.12 1.50
N PRO A 100 13.20 -2.99 1.66
CA PRO A 100 12.49 -1.74 1.38
C PRO A 100 12.85 -0.64 2.36
N ALA A 101 13.50 0.40 1.89
CA ALA A 101 13.88 1.52 2.80
C ALA A 101 12.63 2.23 3.30
N PRO A 102 12.59 2.55 4.59
CA PRO A 102 11.44 3.24 5.20
C PRO A 102 11.34 4.70 4.74
N ILE A 103 10.16 5.26 4.78
CA ILE A 103 9.99 6.67 4.34
C ILE A 103 9.36 7.49 5.47
N SER A 104 9.51 8.78 5.43
CA SER A 104 8.91 9.63 6.50
C SER A 104 7.38 9.54 6.44
N ASP A 105 6.72 9.66 7.55
CA ASP A 105 5.23 9.58 7.55
C ASP A 105 4.68 10.67 6.62
N LYS A 106 5.23 11.85 6.67
CA LYS A 106 4.73 12.94 5.80
C LYS A 106 4.82 12.50 4.33
N GLU A 107 5.87 11.82 3.96
CA GLU A 107 6.01 11.36 2.55
C GLU A 107 4.74 10.62 2.12
N VAL A 108 4.18 9.82 2.99
CA VAL A 108 2.94 9.07 2.65
C VAL A 108 1.82 10.07 2.39
N ASP A 109 1.79 11.15 3.10
CA ASP A 109 0.72 12.16 2.89
C ASP A 109 0.81 12.72 1.47
N ALA A 110 2.00 12.92 0.98
CA ALA A 110 2.17 13.46 -0.40
C ALA A 110 1.62 12.46 -1.41
N ILE A 111 1.86 11.20 -1.19
CA ILE A 111 1.36 10.17 -2.14
C ILE A 111 -0.14 10.38 -2.36
N MET A 112 -0.92 10.36 -1.30
CA MET A 112 -2.38 10.55 -1.45
C MET A 112 -2.65 11.94 -2.06
N ASN A 113 -1.85 12.91 -1.72
CA ASN A 113 -2.06 14.28 -2.26
C ASN A 113 -2.06 14.21 -3.80
N ARG A 114 -1.14 13.47 -4.36
CA ARG A 114 -1.09 13.36 -5.85
C ARG A 114 -2.47 12.99 -6.39
N LEU A 115 -3.04 11.92 -5.90
CA LEU A 115 -4.39 11.50 -6.37
C LEU A 115 -5.32 12.73 -6.43
N GLN A 116 -5.31 13.52 -5.40
CA GLN A 116 -6.19 14.73 -5.41
C GLN A 116 -5.79 15.66 -6.55
N GLN A 117 -4.54 15.63 -6.93
CA GLN A 117 -4.07 16.50 -8.04
C GLN A 117 -4.59 15.95 -9.37
N VAL A 118 -4.99 16.83 -10.26
CA VAL A 118 -5.51 16.35 -11.58
C VAL A 118 -4.66 16.94 -12.71
N GLY A 119 -4.30 16.13 -13.68
CA GLY A 119 -3.47 16.65 -14.80
C GLY A 119 -4.04 17.99 -15.29
N ASP A 120 -5.31 18.20 -15.10
CA ASP A 120 -5.92 19.48 -15.55
C ASP A 120 -6.32 20.32 -14.33
N LYS A 121 -6.11 21.61 -14.39
CA LYS A 121 -6.47 22.47 -13.23
C LYS A 121 -7.46 23.55 -13.69
N PRO A 122 -8.73 23.19 -13.83
CA PRO A 122 -9.79 24.11 -14.27
C PRO A 122 -10.09 25.17 -13.20
N ARG A 123 -10.39 26.37 -13.61
CA ARG A 123 -10.69 27.45 -12.62
C ARG A 123 -11.72 26.94 -11.61
N MET A 1 2.16 6.64 27.86
CA MET A 1 3.00 6.03 26.78
C MET A 1 4.32 5.53 27.37
N SER A 2 4.25 4.56 28.25
CA SER A 2 5.49 4.03 28.87
C SER A 2 6.37 3.40 27.78
N GLU A 3 5.76 2.95 26.71
CA GLU A 3 6.56 2.33 25.62
C GLU A 3 6.63 3.29 24.42
N ALA A 4 7.70 3.26 23.69
CA ALA A 4 7.83 4.17 22.51
C ALA A 4 8.15 3.35 21.26
N PRO A 5 7.14 2.63 20.73
CA PRO A 5 7.31 1.79 19.53
C PRO A 5 7.51 2.64 18.27
N LYS A 6 8.38 2.23 17.39
CA LYS A 6 8.61 3.00 16.15
C LYS A 6 7.96 2.29 14.96
N LYS A 7 7.33 3.02 14.08
CA LYS A 7 6.68 2.37 12.91
C LYS A 7 7.17 3.03 11.62
N ARG A 8 7.41 2.26 10.60
CA ARG A 8 7.89 2.84 9.31
C ARG A 8 6.87 2.54 8.21
N TRP A 9 6.77 3.39 7.22
CA TRP A 9 5.80 3.15 6.13
C TRP A 9 6.52 2.54 4.92
N TYR A 10 5.94 1.54 4.33
CA TYR A 10 6.58 0.91 3.15
C TYR A 10 5.58 0.83 2.00
N VAL A 11 6.06 0.81 0.78
CA VAL A 11 5.13 0.74 -0.39
C VAL A 11 5.06 -0.69 -0.90
N VAL A 12 3.89 -1.16 -1.23
CA VAL A 12 3.75 -2.55 -1.74
C VAL A 12 3.28 -2.52 -3.19
N GLN A 13 4.01 -3.13 -4.08
CA GLN A 13 3.59 -3.13 -5.51
C GLN A 13 2.70 -4.33 -5.80
N ALA A 14 1.74 -4.18 -6.67
CA ALA A 14 0.83 -5.32 -6.99
C ALA A 14 0.36 -5.20 -8.44
N PHE A 15 -0.17 -6.25 -8.99
CA PHE A 15 -0.65 -6.20 -10.40
C PHE A 15 -1.86 -5.27 -10.49
N SER A 16 -1.95 -4.48 -11.54
CA SER A 16 -3.10 -3.56 -11.67
C SER A 16 -4.40 -4.36 -11.65
N GLY A 17 -5.45 -3.81 -11.10
CA GLY A 17 -6.75 -4.54 -11.05
C GLY A 17 -6.82 -5.34 -9.75
N PHE A 18 -5.70 -5.80 -9.26
CA PHE A 18 -5.70 -6.59 -8.00
C PHE A 18 -5.04 -5.77 -6.88
N GLU A 19 -4.78 -4.52 -7.12
CA GLU A 19 -4.14 -3.68 -6.08
C GLU A 19 -5.06 -3.62 -4.85
N GLY A 20 -6.34 -3.72 -5.05
CA GLY A 20 -7.28 -3.67 -3.91
C GLY A 20 -7.35 -5.05 -3.25
N ARG A 21 -7.30 -6.09 -4.02
CA ARG A 21 -7.36 -7.46 -3.45
C ARG A 21 -6.10 -7.72 -2.62
N VAL A 22 -4.95 -7.46 -3.17
CA VAL A 22 -3.70 -7.68 -2.40
C VAL A 22 -3.84 -7.07 -1.01
N ALA A 23 -4.41 -5.90 -0.92
CA ALA A 23 -4.58 -5.25 0.41
C ALA A 23 -5.39 -6.17 1.33
N THR A 24 -6.47 -6.72 0.85
CA THR A 24 -7.29 -7.63 1.70
C THR A 24 -6.46 -8.85 2.10
N SER A 25 -5.63 -9.34 1.21
CA SER A 25 -4.80 -10.52 1.54
C SER A 25 -3.79 -10.16 2.63
N LEU A 26 -3.27 -8.96 2.60
CA LEU A 26 -2.29 -8.55 3.65
C LEU A 26 -2.90 -8.81 5.03
N ARG A 27 -3.86 -8.02 5.43
CA ARG A 27 -4.47 -8.22 6.77
C ARG A 27 -4.73 -9.72 7.00
N GLU A 28 -5.20 -10.40 5.98
CA GLU A 28 -5.47 -11.86 6.14
C GLU A 28 -4.21 -12.57 6.61
N HIS A 29 -3.06 -12.16 6.13
CA HIS A 29 -1.79 -12.81 6.54
C HIS A 29 -1.38 -12.28 7.92
N ILE A 30 -1.74 -11.07 8.24
CA ILE A 30 -1.36 -10.49 9.56
C ILE A 30 -2.10 -11.25 10.66
N LYS A 31 -3.36 -11.52 10.48
CA LYS A 31 -4.12 -12.26 11.52
C LYS A 31 -3.59 -13.68 11.63
N LEU A 32 -3.22 -14.28 10.53
CA LEU A 32 -2.69 -15.67 10.58
C LEU A 32 -1.32 -15.68 11.24
N HIS A 33 -0.41 -14.88 10.76
CA HIS A 33 0.95 -14.84 11.37
C HIS A 33 0.95 -13.89 12.57
N ASN A 34 -0.20 -13.47 13.00
CA ASN A 34 -0.27 -12.54 14.16
C ASN A 34 0.75 -11.43 13.99
N MET A 35 0.82 -10.84 12.83
CA MET A 35 1.80 -9.74 12.59
C MET A 35 1.10 -8.39 12.78
N GLU A 36 -0.05 -8.38 13.39
CA GLU A 36 -0.77 -7.09 13.61
C GLU A 36 0.15 -6.11 14.35
N ASP A 37 0.99 -6.61 15.22
CA ASP A 37 1.90 -5.70 15.96
C ASP A 37 2.88 -5.05 14.98
N LEU A 38 3.46 -5.81 14.10
CA LEU A 38 4.42 -5.23 13.12
C LEU A 38 3.66 -4.32 12.16
N PHE A 39 2.64 -4.84 11.51
CA PHE A 39 1.86 -4.00 10.55
C PHE A 39 1.10 -2.92 11.34
N GLY A 40 1.02 -1.73 10.79
CA GLY A 40 0.30 -0.63 11.50
C GLY A 40 -1.05 -0.41 10.83
N GLU A 41 -1.06 0.12 9.63
CA GLU A 41 -2.35 0.37 8.93
C GLU A 41 -2.18 0.09 7.44
N VAL A 42 -3.26 -0.01 6.72
CA VAL A 42 -3.17 -0.28 5.26
C VAL A 42 -3.76 0.89 4.48
N MET A 43 -3.12 1.29 3.41
CA MET A 43 -3.64 2.44 2.60
C MET A 43 -3.75 2.02 1.14
N VAL A 44 -4.59 2.66 0.39
CA VAL A 44 -4.75 2.30 -1.05
C VAL A 44 -5.06 3.57 -1.86
N PRO A 45 -4.35 3.76 -2.98
CA PRO A 45 -4.55 4.93 -3.85
C PRO A 45 -5.89 4.87 -4.59
N THR A 46 -6.65 3.82 -4.37
CA THR A 46 -7.97 3.69 -5.05
C THR A 46 -9.03 3.28 -4.04
N GLU A 47 -10.27 3.66 -4.27
CA GLU A 47 -11.35 3.27 -3.32
C GLU A 47 -12.39 2.42 -4.04
N GLU A 48 -12.83 1.35 -3.43
CA GLU A 48 -13.84 0.48 -4.07
C GLU A 48 -15.16 1.25 -4.21
N VAL A 49 -15.87 1.04 -5.30
CA VAL A 49 -17.16 1.75 -5.49
C VAL A 49 -18.27 0.74 -5.78
N VAL A 50 -19.50 1.10 -5.50
CA VAL A 50 -20.62 0.16 -5.75
C VAL A 50 -21.93 0.94 -5.83
N GLU A 51 -22.11 1.89 -4.96
CA GLU A 51 -23.37 2.69 -4.98
C GLU A 51 -23.42 3.54 -6.26
N ILE A 52 -22.27 3.88 -6.79
CA ILE A 52 -22.26 4.71 -8.03
C ILE A 52 -21.27 4.10 -9.03
N ARG A 53 -21.78 3.40 -10.02
CA ARG A 53 -20.87 2.79 -11.03
C ARG A 53 -20.01 3.88 -11.67
N GLY A 54 -20.55 5.05 -11.86
CA GLY A 54 -19.77 6.15 -12.48
C GLY A 54 -19.98 6.14 -14.00
N GLY A 55 -19.14 6.82 -14.72
CA GLY A 55 -19.30 6.86 -16.21
C GLY A 55 -17.92 6.78 -16.87
N GLN A 56 -17.88 6.75 -18.18
CA GLN A 56 -16.57 6.68 -18.88
C GLN A 56 -15.73 7.92 -18.52
N ARG A 57 -16.37 9.03 -18.29
CA ARG A 57 -15.61 10.26 -17.95
C ARG A 57 -14.74 10.00 -16.72
N ARG A 58 -15.23 9.20 -15.80
CA ARG A 58 -14.43 8.90 -14.57
C ARG A 58 -14.15 7.39 -14.51
N LYS A 59 -13.02 7.02 -13.98
CA LYS A 59 -12.69 5.56 -13.88
C LYS A 59 -12.18 5.25 -12.47
N SER A 60 -12.70 4.21 -11.88
CA SER A 60 -12.24 3.85 -10.50
C SER A 60 -10.71 3.78 -10.47
N GLU A 61 -10.12 3.19 -11.46
CA GLU A 61 -8.63 3.09 -11.49
C GLU A 61 -8.03 4.48 -11.70
N ARG A 62 -6.92 4.76 -11.09
CA ARG A 62 -6.28 6.09 -11.25
C ARG A 62 -4.87 5.93 -11.82
N LYS A 63 -4.43 6.86 -12.62
CA LYS A 63 -3.06 6.75 -13.21
C LYS A 63 -2.05 7.37 -12.25
N PHE A 64 -2.51 8.01 -11.21
CA PHE A 64 -1.57 8.64 -10.23
C PHE A 64 -0.49 7.63 -9.84
N PHE A 65 -0.85 6.38 -9.71
CA PHE A 65 0.16 5.35 -9.33
C PHE A 65 -0.56 4.03 -9.01
N PRO A 66 -1.01 3.32 -10.04
CA PRO A 66 -1.71 2.03 -9.88
C PRO A 66 -0.76 0.92 -9.41
N GLY A 67 -1.28 -0.07 -8.74
CA GLY A 67 -0.42 -1.17 -8.26
C GLY A 67 0.47 -0.69 -7.11
N TYR A 68 0.21 0.49 -6.61
CA TYR A 68 1.04 1.03 -5.49
C TYR A 68 0.20 1.11 -4.22
N VAL A 69 0.62 0.44 -3.18
CA VAL A 69 -0.16 0.47 -1.92
C VAL A 69 0.78 0.81 -0.75
N LEU A 70 0.30 1.56 0.21
CA LEU A 70 1.17 1.93 1.37
C LEU A 70 0.70 1.17 2.62
N VAL A 71 1.59 0.53 3.32
CA VAL A 71 1.18 -0.22 4.54
C VAL A 71 2.26 -0.04 5.62
N GLN A 72 1.87 0.39 6.79
CA GLN A 72 2.86 0.57 7.89
C GLN A 72 3.36 -0.79 8.35
N MET A 73 4.64 -0.91 8.61
CA MET A 73 5.19 -2.22 9.06
C MET A 73 6.70 -2.09 9.27
N VAL A 74 7.26 -2.88 10.13
CA VAL A 74 8.73 -2.81 10.37
C VAL A 74 9.42 -3.92 9.59
N MET A 75 10.71 -3.78 9.37
CA MET A 75 11.45 -4.83 8.61
C MET A 75 12.08 -5.82 9.59
N ASN A 76 11.72 -7.07 9.49
CA ASN A 76 12.31 -8.08 10.42
C ASN A 76 12.47 -9.41 9.69
N ASP A 77 12.60 -10.49 10.42
CA ASP A 77 12.76 -11.81 9.77
C ASP A 77 11.42 -12.57 9.81
N ALA A 78 10.35 -11.89 9.54
CA ALA A 78 9.02 -12.56 9.57
C ALA A 78 8.02 -11.73 8.75
N SER A 79 7.93 -10.46 9.02
CA SER A 79 6.97 -9.60 8.26
C SER A 79 7.42 -9.52 6.80
N TRP A 80 8.70 -9.61 6.55
CA TRP A 80 9.20 -9.54 5.16
C TRP A 80 8.73 -10.78 4.38
N HIS A 81 8.85 -11.93 4.96
CA HIS A 81 8.41 -13.17 4.26
C HIS A 81 6.88 -13.18 4.17
N LEU A 82 6.22 -12.64 5.16
CA LEU A 82 4.74 -12.61 5.14
C LEU A 82 4.25 -11.72 3.99
N VAL A 83 4.96 -10.66 3.72
CA VAL A 83 4.55 -9.75 2.61
C VAL A 83 4.76 -10.46 1.28
N ARG A 84 5.90 -11.06 1.08
CA ARG A 84 6.15 -11.76 -0.21
C ARG A 84 5.13 -12.89 -0.39
N SER A 85 4.72 -13.50 0.69
CA SER A 85 3.72 -14.60 0.58
C SER A 85 2.41 -14.05 0.01
N VAL A 86 2.18 -12.77 0.15
CA VAL A 86 0.93 -12.17 -0.38
C VAL A 86 0.87 -12.38 -1.90
N PRO A 87 -0.18 -13.07 -2.38
CA PRO A 87 -0.35 -13.34 -3.81
C PRO A 87 -0.74 -12.08 -4.59
N ARG A 88 -0.55 -12.08 -5.87
CA ARG A 88 -0.89 -10.88 -6.69
C ARG A 88 -0.07 -9.68 -6.21
N VAL A 89 1.13 -9.90 -5.78
CA VAL A 89 1.98 -8.77 -5.29
C VAL A 89 3.27 -8.73 -6.10
N MET A 90 3.65 -7.58 -6.59
CA MET A 90 4.91 -7.47 -7.39
C MET A 90 6.11 -7.62 -6.46
N GLY A 91 6.07 -6.98 -5.31
CA GLY A 91 7.22 -7.08 -4.37
C GLY A 91 7.23 -5.84 -3.47
N PHE A 92 8.39 -5.48 -2.96
CA PHE A 92 8.47 -4.29 -2.07
C PHE A 92 9.15 -3.14 -2.82
N ILE A 93 9.03 -1.94 -2.32
CA ILE A 93 9.67 -0.78 -3.01
C ILE A 93 10.72 -0.17 -2.09
N GLY A 94 11.84 0.22 -2.64
CA GLY A 94 12.92 0.82 -1.80
C GLY A 94 14.14 -0.11 -1.78
N GLY A 95 15.31 0.42 -1.95
CA GLY A 95 16.53 -0.43 -1.94
C GLY A 95 16.32 -1.64 -2.86
N THR A 96 15.87 -2.73 -2.31
CA THR A 96 15.65 -3.94 -3.15
C THR A 96 14.36 -4.65 -2.68
N SER A 97 14.10 -5.81 -3.20
CA SER A 97 12.87 -6.55 -2.79
C SER A 97 13.19 -7.47 -1.62
N ASP A 98 14.25 -7.18 -0.91
CA ASP A 98 14.61 -8.03 0.27
C ASP A 98 14.65 -7.14 1.52
N ARG A 99 14.96 -5.89 1.35
CA ARG A 99 15.01 -4.96 2.50
C ARG A 99 14.64 -3.56 2.01
N PRO A 100 13.33 -3.29 1.91
CA PRO A 100 12.82 -2.00 1.43
C PRO A 100 13.17 -0.84 2.36
N ALA A 101 13.73 0.21 1.82
CA ALA A 101 14.11 1.38 2.67
C ALA A 101 12.83 2.08 3.13
N PRO A 102 12.83 2.57 4.38
CA PRO A 102 11.67 3.27 4.96
C PRO A 102 11.44 4.63 4.30
N ILE A 103 10.23 5.11 4.32
CA ILE A 103 9.95 6.44 3.71
C ILE A 103 9.48 7.41 4.79
N SER A 104 9.59 8.69 4.55
CA SER A 104 9.15 9.68 5.56
C SER A 104 7.62 9.68 5.64
N ASP A 105 7.07 9.94 6.79
CA ASP A 105 5.59 9.96 6.93
C ASP A 105 5.01 11.01 5.97
N LYS A 106 5.69 12.11 5.80
CA LYS A 106 5.17 13.17 4.89
C LYS A 106 5.03 12.59 3.48
N GLU A 107 5.95 11.77 3.06
CA GLU A 107 5.86 11.18 1.70
C GLU A 107 4.55 10.41 1.56
N VAL A 108 4.21 9.62 2.53
CA VAL A 108 2.93 8.85 2.46
C VAL A 108 1.76 9.83 2.39
N ASP A 109 1.82 10.90 3.13
CA ASP A 109 0.71 11.89 3.11
C ASP A 109 0.65 12.56 1.73
N ALA A 110 1.79 12.82 1.15
CA ALA A 110 1.81 13.47 -0.20
C ALA A 110 1.03 12.60 -1.19
N ILE A 111 1.36 11.35 -1.28
CA ILE A 111 0.64 10.45 -2.23
C ILE A 111 -0.87 10.60 -2.01
N MET A 112 -1.32 10.37 -0.81
CA MET A 112 -2.79 10.50 -0.55
C MET A 112 -3.23 11.94 -0.83
N ASN A 113 -2.43 12.89 -0.49
CA ASN A 113 -2.80 14.31 -0.75
C ASN A 113 -3.24 14.47 -2.21
N ARG A 114 -2.46 13.98 -3.12
CA ARG A 114 -2.82 14.09 -4.56
C ARG A 114 -4.21 13.49 -4.78
N LEU A 115 -4.41 12.28 -4.35
CA LEU A 115 -5.75 11.62 -4.55
C LEU A 115 -6.84 12.60 -4.13
N GLN A 116 -6.68 13.26 -3.01
CA GLN A 116 -7.72 14.22 -2.55
C GLN A 116 -7.85 15.36 -3.58
N GLN A 117 -6.79 15.66 -4.28
CA GLN A 117 -6.86 16.75 -5.29
C GLN A 117 -7.66 16.28 -6.50
N VAL A 118 -8.62 17.06 -6.92
CA VAL A 118 -9.44 16.65 -8.11
C VAL A 118 -9.35 17.73 -9.19
N GLY A 119 -9.24 17.33 -10.42
CA GLY A 119 -9.15 18.35 -11.52
C GLY A 119 -10.30 19.35 -11.39
N ASP A 120 -11.35 18.98 -10.70
CA ASP A 120 -12.50 19.92 -10.56
C ASP A 120 -12.22 20.87 -9.39
N LYS A 121 -12.57 22.12 -9.53
CA LYS A 121 -12.33 23.10 -8.43
C LYS A 121 -13.65 23.75 -8.04
N PRO A 122 -14.53 23.00 -7.36
CA PRO A 122 -15.85 23.51 -6.92
C PRO A 122 -15.70 24.54 -5.79
N ARG A 123 -14.59 24.55 -5.12
CA ARG A 123 -14.40 25.53 -4.02
C ARG A 123 -15.58 25.45 -3.04
N MET A 1 20.48 7.08 27.08
CA MET A 1 19.26 6.27 27.37
C MET A 1 19.08 5.21 26.29
N SER A 2 17.92 4.61 26.22
CA SER A 2 17.68 3.56 25.19
C SER A 2 16.55 4.00 24.25
N GLU A 3 16.62 3.63 23.00
CA GLU A 3 15.55 4.04 22.05
C GLU A 3 14.70 2.81 21.69
N ALA A 4 13.41 2.99 21.58
CA ALA A 4 12.53 1.84 21.23
C ALA A 4 12.26 1.84 19.73
N PRO A 5 11.74 0.72 19.20
CA PRO A 5 11.43 0.59 17.77
C PRO A 5 10.24 1.45 17.37
N LYS A 6 10.26 2.00 16.17
CA LYS A 6 9.12 2.85 15.73
C LYS A 6 8.51 2.25 14.46
N LYS A 7 7.25 2.48 14.23
CA LYS A 7 6.61 1.93 13.01
C LYS A 7 6.93 2.82 11.81
N ARG A 8 7.25 2.23 10.69
CA ARG A 8 7.58 3.05 9.48
C ARG A 8 6.64 2.68 8.35
N TRP A 9 6.46 3.55 7.39
CA TRP A 9 5.55 3.25 6.25
C TRP A 9 6.33 2.52 5.16
N TYR A 10 5.78 1.46 4.63
CA TYR A 10 6.48 0.71 3.55
C TYR A 10 5.64 0.72 2.28
N VAL A 11 6.26 0.55 1.14
CA VAL A 11 5.49 0.56 -0.13
C VAL A 11 5.21 -0.88 -0.57
N VAL A 12 4.07 -1.13 -1.14
CA VAL A 12 3.75 -2.51 -1.60
C VAL A 12 3.37 -2.49 -3.08
N GLN A 13 4.06 -3.25 -3.89
CA GLN A 13 3.74 -3.25 -5.35
C GLN A 13 2.80 -4.41 -5.66
N ALA A 14 1.78 -4.17 -6.44
CA ALA A 14 0.81 -5.25 -6.78
C ALA A 14 0.18 -4.94 -8.14
N PHE A 15 -0.30 -5.96 -8.82
CA PHE A 15 -0.92 -5.72 -10.14
C PHE A 15 -2.08 -4.72 -10.00
N SER A 16 -2.22 -3.84 -10.96
CA SER A 16 -3.32 -2.84 -10.88
C SER A 16 -4.67 -3.54 -10.97
N GLY A 17 -5.69 -2.98 -10.38
CA GLY A 17 -7.03 -3.62 -10.43
C GLY A 17 -7.19 -4.57 -9.24
N PHE A 18 -6.12 -5.15 -8.79
CA PHE A 18 -6.21 -6.09 -7.64
C PHE A 18 -5.36 -5.56 -6.48
N GLU A 19 -4.86 -4.35 -6.60
CA GLU A 19 -4.03 -3.78 -5.50
C GLU A 19 -4.81 -3.83 -4.19
N GLY A 20 -6.06 -3.42 -4.22
CA GLY A 20 -6.87 -3.43 -2.97
C GLY A 20 -6.95 -4.87 -2.44
N ARG A 21 -7.09 -5.82 -3.33
CA ARG A 21 -7.17 -7.24 -2.88
C ARG A 21 -5.96 -7.58 -2.02
N VAL A 22 -4.78 -7.27 -2.49
CA VAL A 22 -3.56 -7.57 -1.70
C VAL A 22 -3.77 -7.11 -0.25
N ALA A 23 -4.40 -5.97 -0.06
CA ALA A 23 -4.63 -5.48 1.33
C ALA A 23 -5.53 -6.46 2.08
N THR A 24 -6.58 -6.92 1.44
CA THR A 24 -7.49 -7.88 2.11
C THR A 24 -6.75 -9.19 2.37
N SER A 25 -6.13 -9.74 1.37
CA SER A 25 -5.39 -11.02 1.56
C SER A 25 -4.30 -10.83 2.61
N LEU A 26 -3.69 -9.68 2.63
CA LEU A 26 -2.62 -9.42 3.63
C LEU A 26 -3.16 -9.65 5.04
N ARG A 27 -4.25 -9.01 5.37
CA ARG A 27 -4.85 -9.18 6.73
C ARG A 27 -4.82 -10.67 7.10
N GLU A 28 -5.31 -11.51 6.23
CA GLU A 28 -5.31 -12.97 6.53
C GLU A 28 -3.90 -13.42 6.91
N HIS A 29 -2.91 -13.00 6.16
CA HIS A 29 -1.51 -13.40 6.49
C HIS A 29 -1.14 -12.88 7.87
N ILE A 30 -1.65 -11.72 8.23
CA ILE A 30 -1.33 -11.16 9.57
C ILE A 30 -1.87 -12.08 10.66
N LYS A 31 -3.13 -12.40 10.61
CA LYS A 31 -3.72 -13.30 11.65
C LYS A 31 -3.12 -14.70 11.49
N LEU A 32 -2.90 -15.13 10.28
CA LEU A 32 -2.32 -16.48 10.06
C LEU A 32 -0.94 -16.56 10.73
N HIS A 33 -0.06 -15.66 10.38
CA HIS A 33 1.30 -15.69 10.99
C HIS A 33 1.30 -14.84 12.27
N ASN A 34 0.18 -14.26 12.62
CA ASN A 34 0.13 -13.43 13.84
C ASN A 34 1.12 -12.27 13.72
N MET A 35 1.08 -11.56 12.63
CA MET A 35 2.02 -10.41 12.45
C MET A 35 1.28 -9.10 12.72
N GLU A 36 0.12 -9.17 13.30
CA GLU A 36 -0.65 -7.93 13.59
C GLU A 36 0.25 -6.94 14.34
N ASP A 37 1.09 -7.42 15.21
CA ASP A 37 1.99 -6.51 15.96
C ASP A 37 2.89 -5.75 14.99
N LEU A 38 3.38 -6.42 13.98
CA LEU A 38 4.26 -5.73 13.00
C LEU A 38 3.44 -4.76 12.16
N PHE A 39 2.33 -5.22 11.63
CA PHE A 39 1.48 -4.32 10.80
C PHE A 39 0.72 -3.35 11.71
N GLY A 40 0.63 -2.11 11.33
CA GLY A 40 -0.11 -1.13 12.18
C GLY A 40 -1.32 -0.60 11.41
N GLU A 41 -1.09 0.17 10.38
CA GLU A 41 -2.24 0.71 9.59
C GLU A 41 -2.02 0.42 8.11
N VAL A 42 -3.07 0.38 7.33
CA VAL A 42 -2.92 0.11 5.87
C VAL A 42 -3.57 1.25 5.08
N MET A 43 -3.00 1.59 3.95
CA MET A 43 -3.58 2.69 3.13
C MET A 43 -3.87 2.18 1.72
N VAL A 44 -4.86 2.73 1.08
CA VAL A 44 -5.19 2.28 -0.31
C VAL A 44 -5.59 3.49 -1.16
N PRO A 45 -5.02 3.61 -2.36
CA PRO A 45 -5.31 4.72 -3.28
C PRO A 45 -6.74 4.66 -3.82
N THR A 46 -7.50 3.67 -3.44
CA THR A 46 -8.89 3.55 -3.94
C THR A 46 -9.86 3.54 -2.76
N GLU A 47 -11.10 3.87 -3.00
CA GLU A 47 -12.10 3.88 -1.89
C GLU A 47 -13.10 2.74 -2.09
N GLU A 48 -13.69 2.26 -1.03
CA GLU A 48 -14.68 1.15 -1.17
C GLU A 48 -16.10 1.72 -1.03
N VAL A 49 -17.01 1.27 -1.86
CA VAL A 49 -18.40 1.78 -1.77
C VAL A 49 -19.35 0.62 -1.45
N VAL A 50 -20.25 0.81 -0.53
CA VAL A 50 -21.20 -0.28 -0.17
C VAL A 50 -22.14 -0.54 -1.34
N GLU A 51 -22.54 0.49 -2.05
CA GLU A 51 -23.46 0.30 -3.20
C GLU A 51 -22.71 0.59 -4.50
N ILE A 52 -22.89 -0.22 -5.51
CA ILE A 52 -22.19 0.01 -6.80
C ILE A 52 -22.57 1.39 -7.34
N ARG A 53 -23.83 1.73 -7.30
CA ARG A 53 -24.27 3.06 -7.81
C ARG A 53 -23.57 4.17 -7.02
N GLY A 54 -23.37 3.96 -5.75
CA GLY A 54 -22.69 5.00 -4.92
C GLY A 54 -23.70 6.10 -4.58
N GLY A 55 -23.22 7.22 -4.10
CA GLY A 55 -24.14 8.34 -3.75
C GLY A 55 -24.51 9.11 -5.01
N GLN A 56 -24.10 8.64 -6.15
CA GLN A 56 -24.43 9.35 -7.42
C GLN A 56 -25.36 8.47 -8.27
N ARG A 57 -26.14 9.07 -9.13
CA ARG A 57 -27.06 8.27 -9.98
C ARG A 57 -26.25 7.32 -10.86
N ARG A 58 -25.08 7.73 -11.28
CA ARG A 58 -24.24 6.86 -12.14
C ARG A 58 -22.87 6.67 -11.49
N LYS A 59 -22.24 5.54 -11.70
CA LYS A 59 -20.91 5.30 -11.09
C LYS A 59 -19.83 5.95 -11.96
N SER A 60 -18.89 6.62 -11.35
CA SER A 60 -17.81 7.28 -12.15
C SER A 60 -16.47 6.63 -11.82
N GLU A 61 -15.53 6.66 -12.73
CA GLU A 61 -14.21 6.05 -12.47
C GLU A 61 -13.15 7.15 -12.35
N ARG A 62 -12.08 6.88 -11.64
CA ARG A 62 -11.02 7.91 -11.49
C ARG A 62 -9.67 7.30 -11.86
N LYS A 63 -8.78 8.10 -12.41
CA LYS A 63 -7.45 7.57 -12.80
C LYS A 63 -6.43 7.90 -11.70
N PHE A 64 -5.66 6.94 -11.27
CA PHE A 64 -4.66 7.20 -10.20
C PHE A 64 -3.51 6.20 -10.31
N PHE A 65 -2.34 6.56 -9.85
CA PHE A 65 -1.20 5.62 -9.93
C PHE A 65 -1.57 4.29 -9.26
N PRO A 66 -1.80 3.25 -10.07
CA PRO A 66 -2.17 1.93 -9.58
C PRO A 66 -0.94 1.04 -9.38
N GLY A 67 -1.03 0.10 -8.47
CA GLY A 67 0.13 -0.80 -8.22
C GLY A 67 0.99 -0.24 -7.09
N TYR A 68 0.47 0.71 -6.36
CA TYR A 68 1.26 1.30 -5.24
C TYR A 68 0.38 1.39 -3.98
N VAL A 69 0.80 0.77 -2.91
CA VAL A 69 -0.01 0.82 -1.67
C VAL A 69 0.90 1.19 -0.49
N LEU A 70 0.36 1.90 0.47
CA LEU A 70 1.19 2.30 1.65
C LEU A 70 0.69 1.55 2.89
N VAL A 71 1.57 0.90 3.60
CA VAL A 71 1.13 0.15 4.82
C VAL A 71 2.18 0.34 5.92
N GLN A 72 1.77 0.81 7.07
CA GLN A 72 2.75 1.01 8.18
C GLN A 72 3.05 -0.34 8.84
N MET A 73 4.30 -0.64 9.05
CA MET A 73 4.65 -1.94 9.68
C MET A 73 6.11 -1.90 10.15
N VAL A 74 6.50 -2.82 10.99
CA VAL A 74 7.91 -2.84 11.48
C VAL A 74 8.80 -3.54 10.46
N MET A 75 9.99 -3.05 10.28
CA MET A 75 10.91 -3.69 9.29
C MET A 75 11.57 -4.92 9.92
N ASN A 76 11.23 -6.08 9.45
CA ASN A 76 11.83 -7.33 10.02
C ASN A 76 11.89 -8.40 8.95
N ASP A 77 12.66 -9.44 9.16
CA ASP A 77 12.76 -10.52 8.15
C ASP A 77 11.48 -11.36 8.19
N ALA A 78 10.83 -11.42 9.31
CA ALA A 78 9.58 -12.23 9.42
C ALA A 78 8.51 -11.62 8.52
N SER A 79 8.16 -10.38 8.72
CA SER A 79 7.13 -9.73 7.88
C SER A 79 7.53 -9.83 6.41
N TRP A 80 8.75 -9.51 6.10
CA TRP A 80 9.21 -9.57 4.68
C TRP A 80 8.69 -10.87 4.03
N HIS A 81 9.06 -12.00 4.57
CA HIS A 81 8.58 -13.28 3.98
C HIS A 81 7.05 -13.30 3.94
N LEU A 82 6.42 -12.74 4.94
CA LEU A 82 4.93 -12.72 4.96
C LEU A 82 4.40 -11.94 3.77
N VAL A 83 5.02 -10.83 3.45
CA VAL A 83 4.54 -10.02 2.30
C VAL A 83 4.62 -10.85 1.02
N ARG A 84 5.72 -11.52 0.80
CA ARG A 84 5.86 -12.35 -0.43
C ARG A 84 4.71 -13.35 -0.50
N SER A 85 4.29 -13.87 0.63
CA SER A 85 3.17 -14.86 0.62
C SER A 85 1.91 -14.21 0.04
N VAL A 86 1.78 -12.92 0.19
CA VAL A 86 0.57 -12.22 -0.35
C VAL A 86 0.44 -12.51 -1.84
N PRO A 87 -0.69 -13.11 -2.25
CA PRO A 87 -0.95 -13.46 -3.65
C PRO A 87 -1.18 -12.20 -4.52
N ARG A 88 -0.83 -12.26 -5.77
CA ARG A 88 -1.04 -11.08 -6.65
C ARG A 88 -0.23 -9.90 -6.12
N VAL A 89 0.97 -10.15 -5.66
CA VAL A 89 1.81 -9.03 -5.13
C VAL A 89 3.13 -8.98 -5.92
N MET A 90 3.48 -7.83 -6.42
CA MET A 90 4.74 -7.71 -7.20
C MET A 90 5.93 -7.81 -6.25
N GLY A 91 5.97 -7.01 -5.23
CA GLY A 91 7.11 -7.06 -4.26
C GLY A 91 7.17 -5.75 -3.48
N PHE A 92 8.34 -5.36 -3.05
CA PHE A 92 8.48 -4.09 -2.28
C PHE A 92 8.98 -2.98 -3.20
N ILE A 93 8.74 -1.75 -2.84
CA ILE A 93 9.21 -0.62 -3.69
C ILE A 93 10.21 0.23 -2.90
N GLY A 94 11.31 0.61 -3.52
CA GLY A 94 12.31 1.44 -2.80
C GLY A 94 13.57 0.61 -2.55
N GLY A 95 14.72 1.24 -2.58
CA GLY A 95 15.98 0.48 -2.35
C GLY A 95 16.02 -0.75 -3.23
N THR A 96 15.61 -1.89 -2.73
CA THR A 96 15.63 -3.13 -3.55
C THR A 96 14.36 -3.94 -3.27
N SER A 97 14.28 -5.13 -3.80
CA SER A 97 13.07 -5.97 -3.57
C SER A 97 13.34 -6.93 -2.41
N ASP A 98 14.28 -6.60 -1.56
CA ASP A 98 14.60 -7.48 -0.41
C ASP A 98 14.38 -6.69 0.90
N ARG A 99 14.49 -5.40 0.83
CA ARG A 99 14.29 -4.57 2.05
C ARG A 99 13.80 -3.18 1.64
N PRO A 100 12.49 -2.93 1.80
CA PRO A 100 11.88 -1.64 1.44
C PRO A 100 12.38 -0.50 2.33
N ALA A 101 13.08 0.44 1.77
CA ALA A 101 13.59 1.58 2.58
C ALA A 101 12.42 2.32 3.22
N PRO A 102 12.58 2.74 4.48
CA PRO A 102 11.53 3.47 5.22
C PRO A 102 11.32 4.88 4.66
N ILE A 103 10.14 5.42 4.83
CA ILE A 103 9.88 6.80 4.31
C ILE A 103 9.31 7.66 5.44
N SER A 104 9.44 8.96 5.33
CA SER A 104 8.91 9.85 6.39
C SER A 104 7.38 9.88 6.34
N ASP A 105 6.74 10.09 7.45
CA ASP A 105 5.25 10.12 7.46
C ASP A 105 4.76 11.26 6.56
N LYS A 106 5.48 12.36 6.52
CA LYS A 106 5.06 13.49 5.66
C LYS A 106 5.04 13.05 4.20
N GLU A 107 6.01 12.28 3.80
CA GLU A 107 6.05 11.81 2.38
C GLU A 107 4.77 11.01 2.07
N VAL A 108 4.36 10.18 2.98
CA VAL A 108 3.12 9.39 2.73
C VAL A 108 1.93 10.32 2.51
N ASP A 109 1.89 11.41 3.24
CA ASP A 109 0.75 12.37 3.07
C ASP A 109 0.80 12.97 1.67
N ALA A 110 1.97 13.28 1.18
CA ALA A 110 2.07 13.87 -0.18
C ALA A 110 1.64 12.84 -1.22
N ILE A 111 2.06 11.60 -1.06
CA ILE A 111 1.67 10.55 -2.04
C ILE A 111 0.16 10.54 -2.20
N MET A 112 -0.56 10.52 -1.11
CA MET A 112 -2.06 10.51 -1.20
C MET A 112 -2.53 11.77 -1.93
N ASN A 113 -1.87 12.88 -1.70
CA ASN A 113 -2.29 14.13 -2.39
C ASN A 113 -2.25 13.94 -3.90
N ARG A 114 -1.31 13.17 -4.38
CA ARG A 114 -1.23 12.93 -5.86
C ARG A 114 -2.58 12.48 -6.38
N LEU A 115 -3.21 11.55 -5.71
CA LEU A 115 -4.54 11.06 -6.18
C LEU A 115 -5.42 12.26 -6.55
N GLN A 116 -5.44 13.27 -5.73
CA GLN A 116 -6.29 14.46 -6.03
C GLN A 116 -5.69 15.21 -7.23
N GLN A 117 -4.40 15.12 -7.41
CA GLN A 117 -3.76 15.82 -8.57
C GLN A 117 -4.52 15.48 -9.85
N VAL A 118 -4.95 14.26 -9.99
CA VAL A 118 -5.69 13.87 -11.22
C VAL A 118 -7.05 14.57 -11.24
N GLY A 119 -7.41 15.16 -12.35
CA GLY A 119 -8.72 15.86 -12.43
C GLY A 119 -9.82 14.84 -12.77
N ASP A 120 -10.53 14.38 -11.77
CA ASP A 120 -11.61 13.38 -12.03
C ASP A 120 -12.55 13.92 -13.09
N LYS A 121 -12.88 15.18 -13.04
CA LYS A 121 -13.80 15.77 -14.06
C LYS A 121 -13.18 17.03 -14.65
N PRO A 122 -12.30 16.86 -15.65
CA PRO A 122 -11.62 17.98 -16.31
C PRO A 122 -12.59 18.82 -17.16
N ARG A 123 -13.73 18.27 -17.49
CA ARG A 123 -14.71 19.02 -18.31
C ARG A 123 -16.13 18.74 -17.79
#